data_8HY9
# 
_entry.id   8HY9 
# 
_audit_conform.dict_name       mmcif_pdbx.dic 
_audit_conform.dict_version    5.383 
_audit_conform.dict_location   http://mmcif.pdb.org/dictionaries/ascii/mmcif_pdbx.dic 
# 
loop_
_database_2.database_id 
_database_2.database_code 
_database_2.pdbx_database_accession 
_database_2.pdbx_DOI 
PDB   8HY9         pdb_00008hy9 10.2210/pdb8hy9/pdb 
WWPDB D_1300034388 ?            ?                   
# 
loop_
_pdbx_audit_revision_history.ordinal 
_pdbx_audit_revision_history.data_content_type 
_pdbx_audit_revision_history.major_revision 
_pdbx_audit_revision_history.minor_revision 
_pdbx_audit_revision_history.revision_date 
1 'Structure model' 1 0 2024-01-10 
2 'Structure model' 1 1 2024-01-24 
# 
_pdbx_audit_revision_details.ordinal             1 
_pdbx_audit_revision_details.revision_ordinal    1 
_pdbx_audit_revision_details.data_content_type   'Structure model' 
_pdbx_audit_revision_details.provider            repository 
_pdbx_audit_revision_details.type                'Initial release' 
_pdbx_audit_revision_details.description         ? 
_pdbx_audit_revision_details.details             ? 
# 
_pdbx_audit_revision_group.ordinal             1 
_pdbx_audit_revision_group.revision_ordinal    2 
_pdbx_audit_revision_group.data_content_type   'Structure model' 
_pdbx_audit_revision_group.group               'Database references' 
# 
loop_
_pdbx_audit_revision_category.ordinal 
_pdbx_audit_revision_category.revision_ordinal 
_pdbx_audit_revision_category.data_content_type 
_pdbx_audit_revision_category.category 
1 2 'Structure model' citation        
2 2 'Structure model' citation_author 
# 
loop_
_pdbx_audit_revision_item.ordinal 
_pdbx_audit_revision_item.revision_ordinal 
_pdbx_audit_revision_item.data_content_type 
_pdbx_audit_revision_item.item 
1  2 'Structure model' '_citation.country'                 
2  2 'Structure model' '_citation.journal_abbrev'          
3  2 'Structure model' '_citation.journal_id_CSD'          
4  2 'Structure model' '_citation.journal_id_ISSN'         
5  2 'Structure model' '_citation.journal_volume'          
6  2 'Structure model' '_citation.page_first'              
7  2 'Structure model' '_citation.page_last'               
8  2 'Structure model' '_citation.pdbx_database_id_DOI'    
9  2 'Structure model' '_citation.pdbx_database_id_PubMed' 
10 2 'Structure model' '_citation.title'                   
11 2 'Structure model' '_citation.year'                    
# 
_pdbx_database_status.status_code                     REL 
_pdbx_database_status.status_code_sf                  REL 
_pdbx_database_status.status_code_mr                  ? 
_pdbx_database_status.entry_id                        8HY9 
_pdbx_database_status.recvd_initial_deposition_date   2023-01-06 
_pdbx_database_status.SG_entry                        N 
_pdbx_database_status.deposit_site                    PDBJ 
_pdbx_database_status.process_site                    PDBJ 
_pdbx_database_status.status_code_cs                  ? 
_pdbx_database_status.status_code_nmr_data            ? 
_pdbx_database_status.methods_development_category    ? 
_pdbx_database_status.pdb_format_compatible           Y 
# 
_pdbx_contact_author.id                 2 
_pdbx_contact_author.email              chyeah6599@mail.cmu.edu.tw 
_pdbx_contact_author.name_first         Yeh 
_pdbx_contact_author.name_last          Chen 
_pdbx_contact_author.name_mi            ? 
_pdbx_contact_author.role               'principal investigator/group leader' 
_pdbx_contact_author.identifier_ORCID   0000-0002-7740-0446 
# 
loop_
_audit_author.name 
_audit_author.pdbx_ordinal 
_audit_author.identifier_ORCID 
'Wang, Y.-C.' 1 ? 
'Yang, C.-S.' 2 ? 
'Hou, M.-H.'  3 ? 
'Chen, Y.'    4 ? 
# 
_citation.abstract                  ? 
_citation.abstract_id_CAS           ? 
_citation.book_id_ISBN              ? 
_citation.book_publisher            ? 
_citation.book_publisher_city       ? 
_citation.book_title                ? 
_citation.coordinate_linkage        ? 
_citation.country                   UK 
_citation.database_id_Medline       ? 
_citation.details                   ? 
_citation.id                        primary 
_citation.journal_abbrev            'Nat Commun' 
_citation.journal_id_ASTM           ? 
_citation.journal_id_CSD            ? 
_citation.journal_id_ISSN           2041-1723 
_citation.journal_full              ? 
_citation.journal_issue             ? 
_citation.journal_volume            14 
_citation.language                  ? 
_citation.page_first                8519 
_citation.page_last                 8519 
_citation.title                     
'Structural insights into the regulation, ligand recognition, and oligomerization of bacterial STING.' 
_citation.year                      2023 
_citation.database_id_CSD           ? 
_citation.pdbx_database_id_DOI      10.1038/s41467-023-44052-x 
_citation.pdbx_database_id_PubMed   38129386 
_citation.pdbx_database_id_patent   ? 
_citation.unpublished_flag          ? 
# 
loop_
_citation_author.citation_id 
_citation_author.name 
_citation_author.ordinal 
_citation_author.identifier_ORCID 
primary 'Hou, M.H.'       1  ?                   
primary 'Wang, Y.C.'      2  0000-0003-2726-9731 
primary 'Yang, C.S.'      3  ?                   
primary 'Liao, K.F.'      4  ?                   
primary 'Chang, J.W.'     5  0000-0003-3821-5261 
primary 'Shih, O.'        6  ?                   
primary 'Yeh, Y.Q.'       7  0000-0002-2387-3600 
primary 'Sriramoju, M.K.' 8  ?                   
primary 'Weng, T.W.'      9  ?                   
primary 'Jeng, U.S.'      10 ?                   
primary 'Hsu, S.D.'       11 0000-0002-7231-0185 
primary 'Chen, Y.'        12 0000-0002-7740-0446 
# 
loop_
_entity.id 
_entity.type 
_entity.src_method 
_entity.pdbx_description 
_entity.formula_weight 
_entity.pdbx_number_of_molecules 
_entity.pdbx_ec 
_entity.pdbx_mutation 
_entity.pdbx_fragment 
_entity.details 
1 polymer     man 'CD-NTase-associated protein 12' 18563.945 1   3.2.2.5 ? ? 
'(1) The first four AA, SGGG, is a linker. (2) The fifth AA, PHE5, should be indexed as PHE158. Thank you very much!' 
2 non-polymer syn 
;9,9'-[(2R,3R,3aS,5S,7aR,9R,10R,10aS,12S,14aR)-3,5,10,12-tetrahydroxy-5,12-dioxidooctahydro-2H,7H-difuro[3,2-d:3',2'-j][1,3,7,9,2,8]tetraoxadiphosphacyclododecine-2,9-diyl]bis(2-amino-1,9-dihydro-6H-purin-6-one)
;
690.411   1   ?       ? ? ? 
3 non-polymer syn 'CALCIUM ION' 40.078    1   ?       ? ? ? 
4 water       nat water 18.015    124 ?       ? ? ? 
# 
_entity_name_com.entity_id   1 
_entity_name_com.name        'NAD(+) hydrolase,TIR-STING' 
# 
_entity_poly.entity_id                      1 
_entity_poly.type                           'polypeptide(L)' 
_entity_poly.nstd_linkage                   no 
_entity_poly.nstd_monomer                   no 
_entity_poly.pdbx_seq_one_letter_code       
;SGGGFPSSTLAAVYYENFVKPTCLHIIQNGGIQDDDGTKYENSTIKIIIPQKLTTDVNSQFQTLKKSFQTKKLTFDYLGR
PRNIDVETLIQDGKLYVIDFPTVLSGINYAISNLLPNDFNSMSDDYELILNREFDRFIYTLNKLALRDGYNNLITVINEK
DIK
;
_entity_poly.pdbx_seq_one_letter_code_can   
;SGGGFPSSTLAAVYYENFVKPTCLHIIQNGGIQDDDGTKYENSTIKIIIPQKLTTDVNSQFQTLKKSFQTKKLTFDYLGR
PRNIDVETLIQDGKLYVIDFPTVLSGINYAISNLLPNDFNSMSDDYELILNREFDRFIYTLNKLALRDGYNNLITVINEK
DIK
;
_entity_poly.pdbx_strand_id                 A 
_entity_poly.pdbx_target_identifier         ? 
# 
loop_
_pdbx_entity_nonpoly.entity_id 
_pdbx_entity_nonpoly.name 
_pdbx_entity_nonpoly.comp_id 
2 
;9,9'-[(2R,3R,3aS,5S,7aR,9R,10R,10aS,12S,14aR)-3,5,10,12-tetrahydroxy-5,12-dioxidooctahydro-2H,7H-difuro[3,2-d:3',2'-j][1,3,7,9,2,8]tetraoxadiphosphacyclododecine-2,9-diyl]bis(2-amino-1,9-dihydro-6H-purin-6-one)
;
C2E 
3 'CALCIUM ION' CA  
4 water HOH 
# 
loop_
_entity_poly_seq.entity_id 
_entity_poly_seq.num 
_entity_poly_seq.mon_id 
_entity_poly_seq.hetero 
1 1   SER n 
1 2   GLY n 
1 3   GLY n 
1 4   GLY n 
1 5   PHE n 
1 6   PRO n 
1 7   SER n 
1 8   SER n 
1 9   THR n 
1 10  LEU n 
1 11  ALA n 
1 12  ALA n 
1 13  VAL n 
1 14  TYR n 
1 15  TYR n 
1 16  GLU n 
1 17  ASN n 
1 18  PHE n 
1 19  VAL n 
1 20  LYS n 
1 21  PRO n 
1 22  THR n 
1 23  CYS n 
1 24  LEU n 
1 25  HIS n 
1 26  ILE n 
1 27  ILE n 
1 28  GLN n 
1 29  ASN n 
1 30  GLY n 
1 31  GLY n 
1 32  ILE n 
1 33  GLN n 
1 34  ASP n 
1 35  ASP n 
1 36  ASP n 
1 37  GLY n 
1 38  THR n 
1 39  LYS n 
1 40  TYR n 
1 41  GLU n 
1 42  ASN n 
1 43  SER n 
1 44  THR n 
1 45  ILE n 
1 46  LYS n 
1 47  ILE n 
1 48  ILE n 
1 49  ILE n 
1 50  PRO n 
1 51  GLN n 
1 52  LYS n 
1 53  LEU n 
1 54  THR n 
1 55  THR n 
1 56  ASP n 
1 57  VAL n 
1 58  ASN n 
1 59  SER n 
1 60  GLN n 
1 61  PHE n 
1 62  GLN n 
1 63  THR n 
1 64  LEU n 
1 65  LYS n 
1 66  LYS n 
1 67  SER n 
1 68  PHE n 
1 69  GLN n 
1 70  THR n 
1 71  LYS n 
1 72  LYS n 
1 73  LEU n 
1 74  THR n 
1 75  PHE n 
1 76  ASP n 
1 77  TYR n 
1 78  LEU n 
1 79  GLY n 
1 80  ARG n 
1 81  PRO n 
1 82  ARG n 
1 83  ASN n 
1 84  ILE n 
1 85  ASP n 
1 86  VAL n 
1 87  GLU n 
1 88  THR n 
1 89  LEU n 
1 90  ILE n 
1 91  GLN n 
1 92  ASP n 
1 93  GLY n 
1 94  LYS n 
1 95  LEU n 
1 96  TYR n 
1 97  VAL n 
1 98  ILE n 
1 99  ASP n 
1 100 PHE n 
1 101 PRO n 
1 102 THR n 
1 103 VAL n 
1 104 LEU n 
1 105 SER n 
1 106 GLY n 
1 107 ILE n 
1 108 ASN n 
1 109 TYR n 
1 110 ALA n 
1 111 ILE n 
1 112 SER n 
1 113 ASN n 
1 114 LEU n 
1 115 LEU n 
1 116 PRO n 
1 117 ASN n 
1 118 ASP n 
1 119 PHE n 
1 120 ASN n 
1 121 SER n 
1 122 MET n 
1 123 SER n 
1 124 ASP n 
1 125 ASP n 
1 126 TYR n 
1 127 GLU n 
1 128 LEU n 
1 129 ILE n 
1 130 LEU n 
1 131 ASN n 
1 132 ARG n 
1 133 GLU n 
1 134 PHE n 
1 135 ASP n 
1 136 ARG n 
1 137 PHE n 
1 138 ILE n 
1 139 TYR n 
1 140 THR n 
1 141 LEU n 
1 142 ASN n 
1 143 LYS n 
1 144 LEU n 
1 145 ALA n 
1 146 LEU n 
1 147 ARG n 
1 148 ASP n 
1 149 GLY n 
1 150 TYR n 
1 151 ASN n 
1 152 ASN n 
1 153 LEU n 
1 154 ILE n 
1 155 THR n 
1 156 VAL n 
1 157 ILE n 
1 158 ASN n 
1 159 GLU n 
1 160 LYS n 
1 161 ASP n 
1 162 ILE n 
1 163 LYS n 
# 
_entity_src_gen.entity_id                          1 
_entity_src_gen.pdbx_src_id                        1 
_entity_src_gen.pdbx_alt_source_flag               sample 
_entity_src_gen.pdbx_seq_type                      'Biological sequence' 
_entity_src_gen.pdbx_beg_seq_num                   1 
_entity_src_gen.pdbx_end_seq_num                   163 
_entity_src_gen.gene_src_common_name               ? 
_entity_src_gen.gene_src_genus                     ? 
_entity_src_gen.pdbx_gene_src_gene                 KYF39_09390 
_entity_src_gen.gene_src_species                   ? 
_entity_src_gen.gene_src_strain                    ? 
_entity_src_gen.gene_src_tissue                    ? 
_entity_src_gen.gene_src_tissue_fraction           ? 
_entity_src_gen.gene_src_details                   ? 
_entity_src_gen.pdbx_gene_src_fragment             ? 
_entity_src_gen.pdbx_gene_src_scientific_name      'Riemerella anatipestifer Yb2' 
_entity_src_gen.pdbx_gene_src_ncbi_taxonomy_id     1455062 
_entity_src_gen.pdbx_gene_src_variant              ? 
_entity_src_gen.pdbx_gene_src_cell_line            ? 
_entity_src_gen.pdbx_gene_src_atcc                 ? 
_entity_src_gen.pdbx_gene_src_organ                ? 
_entity_src_gen.pdbx_gene_src_organelle            ? 
_entity_src_gen.pdbx_gene_src_cell                 ? 
_entity_src_gen.pdbx_gene_src_cellular_location    ? 
_entity_src_gen.host_org_common_name               ? 
_entity_src_gen.pdbx_host_org_scientific_name      'Escherichia coli BL21(DE3)' 
_entity_src_gen.pdbx_host_org_ncbi_taxonomy_id     469008 
_entity_src_gen.host_org_genus                     ? 
_entity_src_gen.pdbx_host_org_gene                 ? 
_entity_src_gen.pdbx_host_org_organ                ? 
_entity_src_gen.host_org_species                   ? 
_entity_src_gen.pdbx_host_org_tissue               ? 
_entity_src_gen.pdbx_host_org_tissue_fraction      ? 
_entity_src_gen.pdbx_host_org_strain               ? 
_entity_src_gen.pdbx_host_org_variant              ? 
_entity_src_gen.pdbx_host_org_cell_line            ? 
_entity_src_gen.pdbx_host_org_atcc                 ? 
_entity_src_gen.pdbx_host_org_culture_collection   ? 
_entity_src_gen.pdbx_host_org_cell                 ? 
_entity_src_gen.pdbx_host_org_organelle            ? 
_entity_src_gen.pdbx_host_org_cellular_location    ? 
_entity_src_gen.pdbx_host_org_vector_type          ? 
_entity_src_gen.pdbx_host_org_vector               ? 
_entity_src_gen.host_org_details                   ? 
_entity_src_gen.expression_system_id               ? 
_entity_src_gen.plasmid_name                       ? 
_entity_src_gen.plasmid_details                    ? 
_entity_src_gen.pdbx_description                   ? 
# 
loop_
_chem_comp.id 
_chem_comp.type 
_chem_comp.mon_nstd_flag 
_chem_comp.name 
_chem_comp.pdbx_synonyms 
_chem_comp.formula 
_chem_comp.formula_weight 
ALA 'L-peptide linking' y ALANINE ?                                            'C3 H7 N O2'         89.093  
ARG 'L-peptide linking' y ARGININE ?                                            'C6 H15 N4 O2 1'     175.209 
ASN 'L-peptide linking' y ASPARAGINE ?                                            'C4 H8 N2 O3'        132.118 
ASP 'L-peptide linking' y 'ASPARTIC ACID' ?                                            'C4 H7 N O4'         133.103 
C2E non-polymer         . 
;9,9'-[(2R,3R,3aS,5S,7aR,9R,10R,10aS,12S,14aR)-3,5,10,12-tetrahydroxy-5,12-dioxidooctahydro-2H,7H-difuro[3,2-d:3',2'-j][1,3,7,9,2,8]tetraoxadiphosphacyclododecine-2,9-diyl]bis(2-amino-1,9-dihydro-6H-purin-6-one)
;
'c-di-GMP; Cyclic diguanosine monophosphate' 'C20 H24 N10 O14 P2' 690.411 
CA  non-polymer         . 'CALCIUM ION' ?                                            'Ca 2'               40.078  
CYS 'L-peptide linking' y CYSTEINE ?                                            'C3 H7 N O2 S'       121.158 
GLN 'L-peptide linking' y GLUTAMINE ?                                            'C5 H10 N2 O3'       146.144 
GLU 'L-peptide linking' y 'GLUTAMIC ACID' ?                                            'C5 H9 N O4'         147.129 
GLY 'peptide linking'   y GLYCINE ?                                            'C2 H5 N O2'         75.067  
HIS 'L-peptide linking' y HISTIDINE ?                                            'C6 H10 N3 O2 1'     156.162 
HOH non-polymer         . WATER ?                                            'H2 O'               18.015  
ILE 'L-peptide linking' y ISOLEUCINE ?                                            'C6 H13 N O2'        131.173 
LEU 'L-peptide linking' y LEUCINE ?                                            'C6 H13 N O2'        131.173 
LYS 'L-peptide linking' y LYSINE ?                                            'C6 H15 N2 O2 1'     147.195 
MET 'L-peptide linking' y METHIONINE ?                                            'C5 H11 N O2 S'      149.211 
PHE 'L-peptide linking' y PHENYLALANINE ?                                            'C9 H11 N O2'        165.189 
PRO 'L-peptide linking' y PROLINE ?                                            'C5 H9 N O2'         115.130 
SER 'L-peptide linking' y SERINE ?                                            'C3 H7 N O3'         105.093 
THR 'L-peptide linking' y THREONINE ?                                            'C4 H9 N O3'         119.119 
TYR 'L-peptide linking' y TYROSINE ?                                            'C9 H11 N O3'        181.189 
VAL 'L-peptide linking' y VALINE ?                                            'C5 H11 N O2'        117.146 
# 
loop_
_pdbx_poly_seq_scheme.asym_id 
_pdbx_poly_seq_scheme.entity_id 
_pdbx_poly_seq_scheme.seq_id 
_pdbx_poly_seq_scheme.mon_id 
_pdbx_poly_seq_scheme.ndb_seq_num 
_pdbx_poly_seq_scheme.pdb_seq_num 
_pdbx_poly_seq_scheme.auth_seq_num 
_pdbx_poly_seq_scheme.pdb_mon_id 
_pdbx_poly_seq_scheme.auth_mon_id 
_pdbx_poly_seq_scheme.pdb_strand_id 
_pdbx_poly_seq_scheme.pdb_ins_code 
_pdbx_poly_seq_scheme.hetero 
A 1 1   SER 1   1   ?   ?   ?   A . n 
A 1 2   GLY 2   2   ?   ?   ?   A . n 
A 1 3   GLY 3   3   ?   ?   ?   A . n 
A 1 4   GLY 4   4   4   GLY GLY A . n 
A 1 5   PHE 5   5   5   PHE PHE A . n 
A 1 6   PRO 6   6   6   PRO PRO A . n 
A 1 7   SER 7   7   7   SER SER A . n 
A 1 8   SER 8   8   8   SER SER A . n 
A 1 9   THR 9   9   9   THR THR A . n 
A 1 10  LEU 10  10  10  LEU LEU A . n 
A 1 11  ALA 11  11  11  ALA ALA A . n 
A 1 12  ALA 12  12  12  ALA ALA A . n 
A 1 13  VAL 13  13  13  VAL VAL A . n 
A 1 14  TYR 14  14  14  TYR TYR A . n 
A 1 15  TYR 15  15  15  TYR TYR A . n 
A 1 16  GLU 16  16  16  GLU GLU A . n 
A 1 17  ASN 17  17  17  ASN ASN A . n 
A 1 18  PHE 18  18  18  PHE PHE A . n 
A 1 19  VAL 19  19  19  VAL VAL A . n 
A 1 20  LYS 20  20  20  LYS LYS A . n 
A 1 21  PRO 21  21  21  PRO PRO A . n 
A 1 22  THR 22  22  22  THR THR A . n 
A 1 23  CYS 23  23  23  CYS CYS A . n 
A 1 24  LEU 24  24  24  LEU LEU A . n 
A 1 25  HIS 25  25  25  HIS HIS A . n 
A 1 26  ILE 26  26  26  ILE ILE A . n 
A 1 27  ILE 27  27  27  ILE ILE A . n 
A 1 28  GLN 28  28  28  GLN GLN A . n 
A 1 29  ASN 29  29  29  ASN ASN A . n 
A 1 30  GLY 30  30  30  GLY GLY A . n 
A 1 31  GLY 31  31  31  GLY GLY A . n 
A 1 32  ILE 32  32  32  ILE ILE A . n 
A 1 33  GLN 33  33  33  GLN GLN A . n 
A 1 34  ASP 34  34  34  ASP ASP A . n 
A 1 35  ASP 35  35  35  ASP ASP A . n 
A 1 36  ASP 36  36  36  ASP ASP A . n 
A 1 37  GLY 37  37  37  GLY GLY A . n 
A 1 38  THR 38  38  38  THR THR A . n 
A 1 39  LYS 39  39  39  LYS LYS A . n 
A 1 40  TYR 40  40  40  TYR TYR A . n 
A 1 41  GLU 41  41  41  GLU GLU A . n 
A 1 42  ASN 42  42  42  ASN ASN A . n 
A 1 43  SER 43  43  43  SER SER A . n 
A 1 44  THR 44  44  44  THR THR A . n 
A 1 45  ILE 45  45  45  ILE ILE A . n 
A 1 46  LYS 46  46  46  LYS LYS A . n 
A 1 47  ILE 47  47  47  ILE ILE A . n 
A 1 48  ILE 48  48  48  ILE ILE A . n 
A 1 49  ILE 49  49  49  ILE ILE A . n 
A 1 50  PRO 50  50  50  PRO PRO A . n 
A 1 51  GLN 51  51  51  GLN GLN A . n 
A 1 52  LYS 52  52  52  LYS LYS A . n 
A 1 53  LEU 53  53  53  LEU LEU A . n 
A 1 54  THR 54  54  54  THR THR A . n 
A 1 55  THR 55  55  55  THR THR A . n 
A 1 56  ASP 56  56  56  ASP ASP A . n 
A 1 57  VAL 57  57  57  VAL VAL A . n 
A 1 58  ASN 58  58  58  ASN ASN A . n 
A 1 59  SER 59  59  59  SER SER A . n 
A 1 60  GLN 60  60  60  GLN GLN A . n 
A 1 61  PHE 61  61  61  PHE PHE A . n 
A 1 62  GLN 62  62  62  GLN GLN A . n 
A 1 63  THR 63  63  63  THR THR A . n 
A 1 64  LEU 64  64  64  LEU LEU A . n 
A 1 65  LYS 65  65  65  LYS LYS A . n 
A 1 66  LYS 66  66  66  LYS LYS A . n 
A 1 67  SER 67  67  67  SER SER A . n 
A 1 68  PHE 68  68  68  PHE PHE A . n 
A 1 69  GLN 69  69  69  GLN GLN A . n 
A 1 70  THR 70  70  70  THR THR A . n 
A 1 71  LYS 71  71  71  LYS LYS A . n 
A 1 72  LYS 72  72  72  LYS LYS A . n 
A 1 73  LEU 73  73  73  LEU LEU A . n 
A 1 74  THR 74  74  74  THR THR A . n 
A 1 75  PHE 75  75  75  PHE PHE A . n 
A 1 76  ASP 76  76  76  ASP ASP A . n 
A 1 77  TYR 77  77  77  TYR TYR A . n 
A 1 78  LEU 78  78  78  LEU LEU A . n 
A 1 79  GLY 79  79  79  GLY GLY A . n 
A 1 80  ARG 80  80  80  ARG ARG A . n 
A 1 81  PRO 81  81  81  PRO PRO A . n 
A 1 82  ARG 82  82  82  ARG ARG A . n 
A 1 83  ASN 83  83  83  ASN ASN A . n 
A 1 84  ILE 84  84  84  ILE ILE A . n 
A 1 85  ASP 85  85  85  ASP ASP A . n 
A 1 86  VAL 86  86  86  VAL VAL A . n 
A 1 87  GLU 87  87  87  GLU GLU A . n 
A 1 88  THR 88  88  88  THR THR A . n 
A 1 89  LEU 89  89  89  LEU LEU A . n 
A 1 90  ILE 90  90  90  ILE ILE A . n 
A 1 91  GLN 91  91  91  GLN GLN A . n 
A 1 92  ASP 92  92  92  ASP ASP A . n 
A 1 93  GLY 93  93  93  GLY GLY A . n 
A 1 94  LYS 94  94  94  LYS LYS A . n 
A 1 95  LEU 95  95  95  LEU LEU A . n 
A 1 96  TYR 96  96  96  TYR TYR A . n 
A 1 97  VAL 97  97  97  VAL VAL A . n 
A 1 98  ILE 98  98  98  ILE ILE A . n 
A 1 99  ASP 99  99  99  ASP ASP A . n 
A 1 100 PHE 100 100 100 PHE PHE A . n 
A 1 101 PRO 101 101 101 PRO PRO A . n 
A 1 102 THR 102 102 102 THR THR A . n 
A 1 103 VAL 103 103 103 VAL VAL A . n 
A 1 104 LEU 104 104 104 LEU LEU A . n 
A 1 105 SER 105 105 105 SER SER A . n 
A 1 106 GLY 106 106 106 GLY GLY A . n 
A 1 107 ILE 107 107 107 ILE ILE A . n 
A 1 108 ASN 108 108 108 ASN ASN A . n 
A 1 109 TYR 109 109 109 TYR TYR A . n 
A 1 110 ALA 110 110 110 ALA ALA A . n 
A 1 111 ILE 111 111 111 ILE ILE A . n 
A 1 112 SER 112 112 112 SER SER A . n 
A 1 113 ASN 113 113 113 ASN ASN A . n 
A 1 114 LEU 114 114 114 LEU LEU A . n 
A 1 115 LEU 115 115 115 LEU LEU A . n 
A 1 116 PRO 116 116 116 PRO PRO A . n 
A 1 117 ASN 117 117 117 ASN ASN A . n 
A 1 118 ASP 118 118 118 ASP ASP A . n 
A 1 119 PHE 119 119 119 PHE PHE A . n 
A 1 120 ASN 120 120 120 ASN ASN A . n 
A 1 121 SER 121 121 121 SER SER A . n 
A 1 122 MET 122 122 122 MET MET A . n 
A 1 123 SER 123 123 123 SER SER A . n 
A 1 124 ASP 124 124 124 ASP ASP A . n 
A 1 125 ASP 125 125 125 ASP ASP A . n 
A 1 126 TYR 126 126 126 TYR TYR A . n 
A 1 127 GLU 127 127 127 GLU GLU A . n 
A 1 128 LEU 128 128 128 LEU LEU A . n 
A 1 129 ILE 129 129 129 ILE ILE A . n 
A 1 130 LEU 130 130 130 LEU LEU A . n 
A 1 131 ASN 131 131 131 ASN ASN A . n 
A 1 132 ARG 132 132 132 ARG ARG A . n 
A 1 133 GLU 133 133 133 GLU GLU A . n 
A 1 134 PHE 134 134 134 PHE PHE A . n 
A 1 135 ASP 135 135 135 ASP ASP A . n 
A 1 136 ARG 136 136 136 ARG ARG A . n 
A 1 137 PHE 137 137 137 PHE PHE A . n 
A 1 138 ILE 138 138 138 ILE ILE A . n 
A 1 139 TYR 139 139 139 TYR TYR A . n 
A 1 140 THR 140 140 140 THR THR A . n 
A 1 141 LEU 141 141 141 LEU LEU A . n 
A 1 142 ASN 142 142 142 ASN ASN A . n 
A 1 143 LYS 143 143 143 LYS LYS A . n 
A 1 144 LEU 144 144 144 LEU LEU A . n 
A 1 145 ALA 145 145 145 ALA ALA A . n 
A 1 146 LEU 146 146 146 LEU LEU A . n 
A 1 147 ARG 147 147 147 ARG ARG A . n 
A 1 148 ASP 148 148 148 ASP ASP A . n 
A 1 149 GLY 149 149 149 GLY GLY A . n 
A 1 150 TYR 150 150 150 TYR TYR A . n 
A 1 151 ASN 151 151 151 ASN ASN A . n 
A 1 152 ASN 152 152 152 ASN ASN A . n 
A 1 153 LEU 153 153 153 LEU LEU A . n 
A 1 154 ILE 154 154 154 ILE ILE A . n 
A 1 155 THR 155 155 155 THR THR A . n 
A 1 156 VAL 156 156 156 VAL VAL A . n 
A 1 157 ILE 157 157 157 ILE ILE A . n 
A 1 158 ASN 158 158 158 ASN ASN A . n 
A 1 159 GLU 159 159 159 GLU GLU A . n 
A 1 160 LYS 160 160 160 LYS LYS A . n 
A 1 161 ASP 161 161 161 ASP ASP A . n 
A 1 162 ILE 162 162 162 ILE ILE A . n 
A 1 163 LYS 163 163 ?   ?   ?   A . n 
# 
loop_
_pdbx_nonpoly_scheme.asym_id 
_pdbx_nonpoly_scheme.entity_id 
_pdbx_nonpoly_scheme.mon_id 
_pdbx_nonpoly_scheme.ndb_seq_num 
_pdbx_nonpoly_scheme.pdb_seq_num 
_pdbx_nonpoly_scheme.auth_seq_num 
_pdbx_nonpoly_scheme.pdb_mon_id 
_pdbx_nonpoly_scheme.auth_mon_id 
_pdbx_nonpoly_scheme.pdb_strand_id 
_pdbx_nonpoly_scheme.pdb_ins_code 
B 2 C2E 1   201 201 C2E C2E A . 
C 3 CA  1   202 202 CA  CA  A . 
D 4 HOH 1   301 387 HOH HOH A . 
D 4 HOH 2   302 375 HOH HOH A . 
D 4 HOH 3   303 354 HOH HOH A . 
D 4 HOH 4   304 321 HOH HOH A . 
D 4 HOH 5   305 398 HOH HOH A . 
D 4 HOH 6   306 405 HOH HOH A . 
D 4 HOH 7   307 413 HOH HOH A . 
D 4 HOH 8   308 332 HOH HOH A . 
D 4 HOH 9   309 390 HOH HOH A . 
D 4 HOH 10  310 340 HOH HOH A . 
D 4 HOH 11  311 395 HOH HOH A . 
D 4 HOH 12  312 320 HOH HOH A . 
D 4 HOH 13  313 420 HOH HOH A . 
D 4 HOH 14  314 348 HOH HOH A . 
D 4 HOH 15  315 315 HOH HOH A . 
D 4 HOH 16  316 349 HOH HOH A . 
D 4 HOH 17  317 409 HOH HOH A . 
D 4 HOH 18  318 326 HOH HOH A . 
D 4 HOH 19  319 328 HOH HOH A . 
D 4 HOH 20  320 344 HOH HOH A . 
D 4 HOH 21  321 342 HOH HOH A . 
D 4 HOH 22  322 377 HOH HOH A . 
D 4 HOH 23  323 336 HOH HOH A . 
D 4 HOH 24  324 327 HOH HOH A . 
D 4 HOH 25  325 302 HOH HOH A . 
D 4 HOH 26  326 403 HOH HOH A . 
D 4 HOH 27  327 396 HOH HOH A . 
D 4 HOH 28  328 394 HOH HOH A . 
D 4 HOH 29  329 331 HOH HOH A . 
D 4 HOH 30  330 309 HOH HOH A . 
D 4 HOH 31  331 353 HOH HOH A . 
D 4 HOH 32  332 359 HOH HOH A . 
D 4 HOH 33  333 333 HOH HOH A . 
D 4 HOH 34  334 318 HOH HOH A . 
D 4 HOH 35  335 345 HOH HOH A . 
D 4 HOH 36  336 389 HOH HOH A . 
D 4 HOH 37  337 313 HOH HOH A . 
D 4 HOH 38  338 306 HOH HOH A . 
D 4 HOH 39  339 337 HOH HOH A . 
D 4 HOH 40  340 378 HOH HOH A . 
D 4 HOH 41  341 366 HOH HOH A . 
D 4 HOH 42  342 330 HOH HOH A . 
D 4 HOH 43  343 360 HOH HOH A . 
D 4 HOH 44  344 415 HOH HOH A . 
D 4 HOH 45  345 379 HOH HOH A . 
D 4 HOH 46  346 335 HOH HOH A . 
D 4 HOH 47  347 361 HOH HOH A . 
D 4 HOH 48  348 365 HOH HOH A . 
D 4 HOH 49  349 355 HOH HOH A . 
D 4 HOH 50  350 341 HOH HOH A . 
D 4 HOH 51  351 307 HOH HOH A . 
D 4 HOH 52  352 393 HOH HOH A . 
D 4 HOH 53  353 404 HOH HOH A . 
D 4 HOH 54  354 308 HOH HOH A . 
D 4 HOH 55  355 325 HOH HOH A . 
D 4 HOH 56  356 305 HOH HOH A . 
D 4 HOH 57  357 367 HOH HOH A . 
D 4 HOH 58  358 350 HOH HOH A . 
D 4 HOH 59  359 356 HOH HOH A . 
D 4 HOH 60  360 380 HOH HOH A . 
D 4 HOH 61  361 312 HOH HOH A . 
D 4 HOH 62  362 346 HOH HOH A . 
D 4 HOH 63  363 417 HOH HOH A . 
D 4 HOH 64  364 419 HOH HOH A . 
D 4 HOH 65  365 371 HOH HOH A . 
D 4 HOH 66  366 314 HOH HOH A . 
D 4 HOH 67  367 372 HOH HOH A . 
D 4 HOH 68  368 351 HOH HOH A . 
D 4 HOH 69  369 399 HOH HOH A . 
D 4 HOH 70  370 343 HOH HOH A . 
D 4 HOH 71  371 347 HOH HOH A . 
D 4 HOH 72  372 357 HOH HOH A . 
D 4 HOH 73  373 334 HOH HOH A . 
D 4 HOH 74  374 352 HOH HOH A . 
D 4 HOH 75  375 323 HOH HOH A . 
D 4 HOH 76  376 423 HOH HOH A . 
D 4 HOH 77  377 322 HOH HOH A . 
D 4 HOH 78  378 329 HOH HOH A . 
D 4 HOH 79  379 311 HOH HOH A . 
D 4 HOH 80  380 310 HOH HOH A . 
D 4 HOH 81  381 324 HOH HOH A . 
D 4 HOH 82  382 300 HOH HOH A . 
D 4 HOH 83  383 358 HOH HOH A . 
D 4 HOH 84  384 303 HOH HOH A . 
D 4 HOH 85  385 339 HOH HOH A . 
D 4 HOH 86  386 319 HOH HOH A . 
D 4 HOH 87  387 386 HOH HOH A . 
D 4 HOH 88  388 364 HOH HOH A . 
D 4 HOH 89  389 317 HOH HOH A . 
D 4 HOH 90  390 397 HOH HOH A . 
D 4 HOH 91  391 382 HOH HOH A . 
D 4 HOH 92  392 410 HOH HOH A . 
D 4 HOH 93  393 304 HOH HOH A . 
D 4 HOH 94  394 316 HOH HOH A . 
D 4 HOH 95  395 370 HOH HOH A . 
D 4 HOH 96  396 369 HOH HOH A . 
D 4 HOH 97  397 373 HOH HOH A . 
D 4 HOH 98  398 338 HOH HOH A . 
D 4 HOH 99  399 362 HOH HOH A . 
D 4 HOH 100 400 384 HOH HOH A . 
D 4 HOH 101 401 406 HOH HOH A . 
D 4 HOH 102 402 374 HOH HOH A . 
D 4 HOH 103 403 414 HOH HOH A . 
D 4 HOH 104 404 416 HOH HOH A . 
D 4 HOH 105 405 391 HOH HOH A . 
D 4 HOH 106 406 407 HOH HOH A . 
D 4 HOH 107 407 408 HOH HOH A . 
D 4 HOH 108 408 422 HOH HOH A . 
D 4 HOH 109 409 368 HOH HOH A . 
D 4 HOH 110 410 376 HOH HOH A . 
D 4 HOH 111 411 418 HOH HOH A . 
D 4 HOH 112 412 402 HOH HOH A . 
D 4 HOH 113 413 392 HOH HOH A . 
D 4 HOH 114 414 383 HOH HOH A . 
D 4 HOH 115 415 401 HOH HOH A . 
D 4 HOH 116 416 421 HOH HOH A . 
D 4 HOH 117 417 412 HOH HOH A . 
D 4 HOH 118 418 385 HOH HOH A . 
D 4 HOH 119 419 363 HOH HOH A . 
D 4 HOH 120 420 400 HOH HOH A . 
D 4 HOH 121 421 301 HOH HOH A . 
D 4 HOH 122 422 388 HOH HOH A . 
D 4 HOH 123 423 381 HOH HOH A . 
D 4 HOH 124 424 411 HOH HOH A . 
# 
loop_
_software.citation_id 
_software.classification 
_software.compiler_name 
_software.compiler_version 
_software.contact_author 
_software.contact_author_email 
_software.date 
_software.description 
_software.dependencies 
_software.hardware 
_software.language 
_software.location 
_software.mods 
_software.name 
_software.os 
_software.os_version 
_software.type 
_software.version 
_software.pdbx_ordinal 
? refinement       ? ? ? ? ? ? ? ? ? ? ? REFMAC   ? ? ? 5.8.0267 1 
? 'data scaling'   ? ? ? ? ? ? ? ? ? ? ? HKL-2000 ? ? ? .        2 
? phasing          ? ? ? ? ? ? ? ? ? ? ? MOLREP   ? ? ? .        3 
? 'data reduction' ? ? ? ? ? ? ? ? ? ? ? HKL-2000 ? ? ? .        4 
# 
_cell.angle_alpha                  90.000 
_cell.angle_alpha_esd              ? 
_cell.angle_beta                   105.041 
_cell.angle_beta_esd               ? 
_cell.angle_gamma                  90.000 
_cell.angle_gamma_esd              ? 
_cell.entry_id                     8HY9 
_cell.details                      ? 
_cell.formula_units_Z              ? 
_cell.length_a                     99.510 
_cell.length_a_esd                 ? 
_cell.length_b                     40.990 
_cell.length_b_esd                 ? 
_cell.length_c                     36.196 
_cell.length_c_esd                 ? 
_cell.volume                       ? 
_cell.volume_esd                   ? 
_cell.Z_PDB                        4 
_cell.reciprocal_angle_alpha       ? 
_cell.reciprocal_angle_beta        ? 
_cell.reciprocal_angle_gamma       ? 
_cell.reciprocal_angle_alpha_esd   ? 
_cell.reciprocal_angle_beta_esd    ? 
_cell.reciprocal_angle_gamma_esd   ? 
_cell.reciprocal_length_a          ? 
_cell.reciprocal_length_b          ? 
_cell.reciprocal_length_c          ? 
_cell.reciprocal_length_a_esd      ? 
_cell.reciprocal_length_b_esd      ? 
_cell.reciprocal_length_c_esd      ? 
_cell.pdbx_unique_axis             ? 
_cell.pdbx_esd_method              ? 
# 
_symmetry.entry_id                         8HY9 
_symmetry.cell_setting                     ? 
_symmetry.Int_Tables_number                5 
_symmetry.space_group_name_Hall            ? 
_symmetry.space_group_name_H-M             'C 1 2 1' 
_symmetry.pdbx_full_space_group_name_H-M   ? 
# 
_exptl.absorpt_coefficient_mu     ? 
_exptl.absorpt_correction_T_max   ? 
_exptl.absorpt_correction_T_min   ? 
_exptl.absorpt_correction_type    ? 
_exptl.absorpt_process_details    ? 
_exptl.entry_id                   8HY9 
_exptl.crystals_number            1 
_exptl.details                    ? 
_exptl.method                     'X-RAY DIFFRACTION' 
_exptl.method_details             ? 
# 
_exptl_crystal.colour                       ? 
_exptl_crystal.density_diffrn               ? 
_exptl_crystal.density_Matthews             1.92 
_exptl_crystal.density_method               ? 
_exptl_crystal.density_percent_sol          35.94 
_exptl_crystal.description                  ? 
_exptl_crystal.F_000                        ? 
_exptl_crystal.id                           1 
_exptl_crystal.preparation                  ? 
_exptl_crystal.size_max                     ? 
_exptl_crystal.size_mid                     ? 
_exptl_crystal.size_min                     ? 
_exptl_crystal.size_rad                     ? 
_exptl_crystal.colour_lustre                ? 
_exptl_crystal.colour_modifier              ? 
_exptl_crystal.colour_primary               ? 
_exptl_crystal.density_meas                 ? 
_exptl_crystal.density_meas_esd             ? 
_exptl_crystal.density_meas_gt              ? 
_exptl_crystal.density_meas_lt              ? 
_exptl_crystal.density_meas_temp            ? 
_exptl_crystal.density_meas_temp_esd        ? 
_exptl_crystal.density_meas_temp_gt         ? 
_exptl_crystal.density_meas_temp_lt         ? 
_exptl_crystal.pdbx_crystal_image_url       ? 
_exptl_crystal.pdbx_crystal_image_format    ? 
_exptl_crystal.pdbx_mosaicity               ? 
_exptl_crystal.pdbx_mosaicity_esd           ? 
_exptl_crystal.pdbx_mosaic_method           ? 
_exptl_crystal.pdbx_mosaic_block_size       ? 
_exptl_crystal.pdbx_mosaic_block_size_esd   ? 
# 
_exptl_crystal_grow.apparatus       ? 
_exptl_crystal_grow.atmosphere      ? 
_exptl_crystal_grow.crystal_id      1 
_exptl_crystal_grow.details         ? 
_exptl_crystal_grow.method          'VAPOR DIFFUSION, SITTING DROP' 
_exptl_crystal_grow.method_ref      ? 
_exptl_crystal_grow.pH              ? 
_exptl_crystal_grow.pressure        ? 
_exptl_crystal_grow.pressure_esd    ? 
_exptl_crystal_grow.seeding         ? 
_exptl_crystal_grow.seeding_ref     ? 
_exptl_crystal_grow.temp_details    ? 
_exptl_crystal_grow.temp_esd        ? 
_exptl_crystal_grow.time            ? 
_exptl_crystal_grow.pdbx_details    '0.1 M Tris pH 8.5, 0.2 M calcium chloride dihydrate, 40 % v/v PEG 4000' 
_exptl_crystal_grow.pdbx_pH_range   ? 
_exptl_crystal_grow.temp            277 
# 
_diffrn.ambient_environment              ? 
_diffrn.ambient_temp                     100 
_diffrn.ambient_temp_details             ? 
_diffrn.ambient_temp_esd                 ? 
_diffrn.crystal_id                       1 
_diffrn.crystal_support                  ? 
_diffrn.crystal_treatment                ? 
_diffrn.details                          ? 
_diffrn.id                               1 
_diffrn.ambient_pressure                 ? 
_diffrn.ambient_pressure_esd             ? 
_diffrn.ambient_pressure_gt              ? 
_diffrn.ambient_pressure_lt              ? 
_diffrn.ambient_temp_gt                  ? 
_diffrn.ambient_temp_lt                  ? 
_diffrn.pdbx_serial_crystal_experiment   N 
# 
_diffrn_detector.details                      ? 
_diffrn_detector.detector                     PIXEL 
_diffrn_detector.diffrn_id                    1 
_diffrn_detector.type                         'DECTRIS EIGER X 16M' 
_diffrn_detector.area_resol_mean              ? 
_diffrn_detector.dtime                        ? 
_diffrn_detector.pdbx_frames_total            ? 
_diffrn_detector.pdbx_collection_time_total   ? 
_diffrn_detector.pdbx_collection_date         2022-10-13 
_diffrn_detector.pdbx_frequency               ? 
# 
_diffrn_radiation.collimation                      ? 
_diffrn_radiation.diffrn_id                        1 
_diffrn_radiation.filter_edge                      ? 
_diffrn_radiation.inhomogeneity                    ? 
_diffrn_radiation.monochromator                    ? 
_diffrn_radiation.polarisn_norm                    ? 
_diffrn_radiation.polarisn_ratio                   ? 
_diffrn_radiation.probe                            ? 
_diffrn_radiation.type                             ? 
_diffrn_radiation.xray_symbol                      ? 
_diffrn_radiation.wavelength_id                    1 
_diffrn_radiation.pdbx_monochromatic_or_laue_m_l   M 
_diffrn_radiation.pdbx_wavelength_list             ? 
_diffrn_radiation.pdbx_wavelength                  ? 
_diffrn_radiation.pdbx_diffrn_protocol             'SINGLE WAVELENGTH' 
_diffrn_radiation.pdbx_analyzer                    ? 
_diffrn_radiation.pdbx_scattering_type             x-ray 
# 
_diffrn_radiation_wavelength.id           1 
_diffrn_radiation_wavelength.wavelength   0.97624 
_diffrn_radiation_wavelength.wt           1.0 
# 
_diffrn_source.current                     ? 
_diffrn_source.details                     ? 
_diffrn_source.diffrn_id                   1 
_diffrn_source.power                       ? 
_diffrn_source.size                        ? 
_diffrn_source.source                      SYNCHROTRON 
_diffrn_source.target                      ? 
_diffrn_source.type                        'NSRRC BEAMLINE TPS 07A' 
_diffrn_source.voltage                     ? 
_diffrn_source.take-off_angle              ? 
_diffrn_source.pdbx_wavelength_list        0.97624 
_diffrn_source.pdbx_wavelength             ? 
_diffrn_source.pdbx_synchrotron_beamline   'TPS 07A' 
_diffrn_source.pdbx_synchrotron_site       NSRRC 
# 
_reflns.B_iso_Wilson_estimate                          ? 
_reflns.entry_id                                       8HY9 
_reflns.data_reduction_details                         ? 
_reflns.data_reduction_method                          ? 
_reflns.d_resolution_high                              1.46 
_reflns.d_resolution_low                               30.00 
_reflns.details                                        ? 
_reflns.limit_h_max                                    ? 
_reflns.limit_h_min                                    ? 
_reflns.limit_k_max                                    ? 
_reflns.limit_k_min                                    ? 
_reflns.limit_l_max                                    ? 
_reflns.limit_l_min                                    ? 
_reflns.number_all                                     ? 
_reflns.number_obs                                     24248 
_reflns.observed_criterion                             ? 
_reflns.observed_criterion_F_max                       ? 
_reflns.observed_criterion_F_min                       ? 
_reflns.observed_criterion_I_max                       ? 
_reflns.observed_criterion_I_min                       ? 
_reflns.observed_criterion_sigma_F                     ? 
_reflns.observed_criterion_sigma_I                     ? 
_reflns.percent_possible_obs                           99.3 
_reflns.R_free_details                                 ? 
_reflns.Rmerge_F_all                                   ? 
_reflns.Rmerge_F_obs                                   ? 
_reflns.Friedel_coverage                               ? 
_reflns.number_gt                                      ? 
_reflns.threshold_expression                           ? 
_reflns.pdbx_redundancy                                6.2 
_reflns.pdbx_netI_over_av_sigmaI                       ? 
_reflns.pdbx_netI_over_sigmaI                          30.227 
_reflns.pdbx_res_netI_over_av_sigmaI_2                 ? 
_reflns.pdbx_res_netI_over_sigmaI_2                    ? 
_reflns.pdbx_chi_squared                               ? 
_reflns.pdbx_scaling_rejects                           ? 
_reflns.pdbx_d_res_high_opt                            ? 
_reflns.pdbx_d_res_low_opt                             ? 
_reflns.pdbx_d_res_opt_method                          ? 
_reflns.phase_calculation_details                      ? 
_reflns.pdbx_Rrim_I_all                                ? 
_reflns.pdbx_Rpim_I_all                                ? 
_reflns.pdbx_d_opt                                     ? 
_reflns.pdbx_number_measured_all                       ? 
_reflns.pdbx_diffrn_id                                 1 
_reflns.pdbx_ordinal                                   1 
_reflns.pdbx_CC_half                                   ? 
_reflns.pdbx_CC_star                                   ? 
_reflns.pdbx_R_split                                   ? 
_reflns.pdbx_Rmerge_I_obs                              0.054 
_reflns.pdbx_Rmerge_I_all                              ? 
_reflns.pdbx_Rsym_value                                ? 
_reflns.pdbx_CC_split_method                           ? 
_reflns.pdbx_aniso_diffraction_limit_axis_1_ortho[1]   ? 
_reflns.pdbx_aniso_diffraction_limit_axis_1_ortho[2]   ? 
_reflns.pdbx_aniso_diffraction_limit_axis_1_ortho[3]   ? 
_reflns.pdbx_aniso_diffraction_limit_axis_2_ortho[1]   ? 
_reflns.pdbx_aniso_diffraction_limit_axis_2_ortho[2]   ? 
_reflns.pdbx_aniso_diffraction_limit_axis_2_ortho[3]   ? 
_reflns.pdbx_aniso_diffraction_limit_axis_3_ortho[1]   ? 
_reflns.pdbx_aniso_diffraction_limit_axis_3_ortho[2]   ? 
_reflns.pdbx_aniso_diffraction_limit_axis_3_ortho[3]   ? 
_reflns.pdbx_aniso_diffraction_limit_1                 ? 
_reflns.pdbx_aniso_diffraction_limit_2                 ? 
_reflns.pdbx_aniso_diffraction_limit_3                 ? 
_reflns.pdbx_aniso_B_tensor_eigenvector_1_ortho[1]     ? 
_reflns.pdbx_aniso_B_tensor_eigenvector_1_ortho[2]     ? 
_reflns.pdbx_aniso_B_tensor_eigenvector_1_ortho[3]     ? 
_reflns.pdbx_aniso_B_tensor_eigenvector_2_ortho[1]     ? 
_reflns.pdbx_aniso_B_tensor_eigenvector_2_ortho[2]     ? 
_reflns.pdbx_aniso_B_tensor_eigenvector_2_ortho[3]     ? 
_reflns.pdbx_aniso_B_tensor_eigenvector_3_ortho[1]     ? 
_reflns.pdbx_aniso_B_tensor_eigenvector_3_ortho[2]     ? 
_reflns.pdbx_aniso_B_tensor_eigenvector_3_ortho[3]     ? 
_reflns.pdbx_aniso_B_tensor_eigenvalue_1               ? 
_reflns.pdbx_aniso_B_tensor_eigenvalue_2               ? 
_reflns.pdbx_aniso_B_tensor_eigenvalue_3               ? 
_reflns.pdbx_orthogonalization_convention              ? 
_reflns.pdbx_percent_possible_ellipsoidal              ? 
_reflns.pdbx_percent_possible_spherical                ? 
_reflns.pdbx_percent_possible_ellipsoidal_anomalous    ? 
_reflns.pdbx_percent_possible_spherical_anomalous      ? 
_reflns.pdbx_redundancy_anomalous                      ? 
_reflns.pdbx_CC_half_anomalous                         ? 
_reflns.pdbx_absDiff_over_sigma_anomalous              ? 
_reflns.pdbx_percent_possible_anomalous                ? 
_reflns.pdbx_observed_signal_threshold                 ? 
_reflns.pdbx_signal_type                               ? 
_reflns.pdbx_signal_details                            ? 
_reflns.pdbx_signal_software_id                        ? 
# 
_reflns_shell.d_res_high                                    1.46 
_reflns_shell.d_res_low                                     1.51 
_reflns_shell.meanI_over_sigI_all                           ? 
_reflns_shell.meanI_over_sigI_obs                           2.92 
_reflns_shell.number_measured_all                           ? 
_reflns_shell.number_measured_obs                           ? 
_reflns_shell.number_possible                               ? 
_reflns_shell.number_unique_all                             ? 
_reflns_shell.number_unique_obs                             2302 
_reflns_shell.percent_possible_obs                          ? 
_reflns_shell.Rmerge_F_all                                  ? 
_reflns_shell.Rmerge_F_obs                                  ? 
_reflns_shell.meanI_over_sigI_gt                            ? 
_reflns_shell.meanI_over_uI_all                             ? 
_reflns_shell.meanI_over_uI_gt                              ? 
_reflns_shell.number_measured_gt                            ? 
_reflns_shell.number_unique_gt                              ? 
_reflns_shell.percent_possible_gt                           ? 
_reflns_shell.Rmerge_F_gt                                   ? 
_reflns_shell.Rmerge_I_gt                                   ? 
_reflns_shell.pdbx_redundancy                               4.7 
_reflns_shell.pdbx_chi_squared                              ? 
_reflns_shell.pdbx_netI_over_sigmaI_all                     ? 
_reflns_shell.pdbx_netI_over_sigmaI_obs                     ? 
_reflns_shell.pdbx_Rrim_I_all                               ? 
_reflns_shell.pdbx_Rpim_I_all                               ? 
_reflns_shell.pdbx_rejects                                  ? 
_reflns_shell.pdbx_ordinal                                  1 
_reflns_shell.pdbx_diffrn_id                                1 
_reflns_shell.pdbx_CC_half                                  ? 
_reflns_shell.pdbx_CC_star                                  ? 
_reflns_shell.pdbx_R_split                                  ? 
_reflns_shell.percent_possible_all                          95.0 
_reflns_shell.Rmerge_I_all                                  ? 
_reflns_shell.Rmerge_I_obs                                  0.489 
_reflns_shell.pdbx_Rsym_value                               ? 
_reflns_shell.pdbx_percent_possible_ellipsoidal             ? 
_reflns_shell.pdbx_percent_possible_spherical               ? 
_reflns_shell.pdbx_percent_possible_ellipsoidal_anomalous   ? 
_reflns_shell.pdbx_percent_possible_spherical_anomalous     ? 
_reflns_shell.pdbx_redundancy_anomalous                     ? 
_reflns_shell.pdbx_CC_half_anomalous                        ? 
_reflns_shell.pdbx_absDiff_over_sigma_anomalous             ? 
_reflns_shell.pdbx_percent_possible_anomalous               ? 
# 
_refine.aniso_B[1][1]                            0.204 
_refine.aniso_B[1][2]                            0.000 
_refine.aniso_B[1][3]                            0.018 
_refine.aniso_B[2][2]                            -0.230 
_refine.aniso_B[2][3]                            0.000 
_refine.aniso_B[3][3]                            0.014 
_refine.B_iso_max                                ? 
_refine.B_iso_mean                               17.222 
_refine.B_iso_min                                ? 
_refine.correlation_coeff_Fo_to_Fc               0.958 
_refine.correlation_coeff_Fo_to_Fc_free          0.944 
_refine.details                                  'Hydrogens have been added in their riding positions' 
_refine.diff_density_max                         ? 
_refine.diff_density_max_esd                     ? 
_refine.diff_density_min                         ? 
_refine.diff_density_min_esd                     ? 
_refine.diff_density_rms                         ? 
_refine.diff_density_rms_esd                     ? 
_refine.entry_id                                 8HY9 
_refine.pdbx_refine_id                           'X-RAY DIFFRACTION' 
_refine.ls_abs_structure_details                 ? 
_refine.ls_abs_structure_Flack                   ? 
_refine.ls_abs_structure_Flack_esd               ? 
_refine.ls_abs_structure_Rogers                  ? 
_refine.ls_abs_structure_Rogers_esd              ? 
_refine.ls_d_res_high                            1.462 
_refine.ls_d_res_low                             22.805 
_refine.ls_extinction_coef                       ? 
_refine.ls_extinction_coef_esd                   ? 
_refine.ls_extinction_expression                 ? 
_refine.ls_extinction_method                     ? 
_refine.ls_goodness_of_fit_all                   ? 
_refine.ls_goodness_of_fit_all_esd               ? 
_refine.ls_goodness_of_fit_obs                   ? 
_refine.ls_goodness_of_fit_obs_esd               ? 
_refine.ls_hydrogen_treatment                    ? 
_refine.ls_matrix_type                           ? 
_refine.ls_number_constraints                    ? 
_refine.ls_number_parameters                     ? 
_refine.ls_number_reflns_all                     ? 
_refine.ls_number_reflns_obs                     24109 
_refine.ls_number_reflns_R_free                  1219 
_refine.ls_number_reflns_R_work                  22890 
_refine.ls_number_restraints                     ? 
_refine.ls_percent_reflns_obs                    98.328 
_refine.ls_percent_reflns_R_free                 5.056 
_refine.ls_R_factor_all                          0.183 
_refine.ls_R_factor_obs                          ? 
_refine.ls_R_factor_R_free                       0.2095 
_refine.ls_R_factor_R_free_error                 ? 
_refine.ls_R_factor_R_free_error_details         ? 
_refine.ls_R_factor_R_work                       0.1813 
_refine.ls_R_Fsqd_factor_obs                     ? 
_refine.ls_R_I_factor_obs                        ? 
_refine.ls_redundancy_reflns_all                 ? 
_refine.ls_redundancy_reflns_obs                 ? 
_refine.ls_restrained_S_all                      ? 
_refine.ls_restrained_S_obs                      ? 
_refine.ls_shift_over_esd_max                    ? 
_refine.ls_shift_over_esd_mean                   ? 
_refine.ls_structure_factor_coef                 ? 
_refine.ls_weighting_details                     ? 
_refine.ls_weighting_scheme                      ? 
_refine.ls_wR_factor_all                         ? 
_refine.ls_wR_factor_obs                         ? 
_refine.ls_wR_factor_R_free                      ? 
_refine.ls_wR_factor_R_work                      ? 
_refine.occupancy_max                            ? 
_refine.occupancy_min                            ? 
_refine.solvent_model_details                    'MASK BULK SOLVENT' 
_refine.solvent_model_param_bsol                 ? 
_refine.solvent_model_param_ksol                 ? 
_refine.pdbx_R_complete                          ? 
_refine.ls_R_factor_gt                           ? 
_refine.ls_goodness_of_fit_gt                    ? 
_refine.ls_goodness_of_fit_ref                   ? 
_refine.ls_shift_over_su_max                     ? 
_refine.ls_shift_over_su_max_lt                  ? 
_refine.ls_shift_over_su_mean                    ? 
_refine.ls_shift_over_su_mean_lt                 ? 
_refine.pdbx_ls_sigma_I                          ? 
_refine.pdbx_ls_sigma_F                          ? 
_refine.pdbx_ls_sigma_Fsqd                       ? 
_refine.pdbx_data_cutoff_high_absF               ? 
_refine.pdbx_data_cutoff_high_rms_absF           ? 
_refine.pdbx_data_cutoff_low_absF                ? 
_refine.pdbx_isotropic_thermal_model             ? 
_refine.pdbx_ls_cross_valid_method               THROUGHOUT 
_refine.pdbx_method_to_determine_struct          'MOLECULAR REPLACEMENT' 
_refine.pdbx_starting_model                      7EBD 
_refine.pdbx_stereochemistry_target_values       ? 
_refine.pdbx_R_Free_selection_details            ? 
_refine.pdbx_stereochem_target_val_spec_case     ? 
_refine.pdbx_overall_ESU_R                       0.079 
_refine.pdbx_overall_ESU_R_Free                  0.079 
_refine.pdbx_solvent_vdw_probe_radii             1.200 
_refine.pdbx_solvent_ion_probe_radii             0.800 
_refine.pdbx_solvent_shrinkage_radii             0.800 
_refine.pdbx_real_space_R                        ? 
_refine.pdbx_density_correlation                 ? 
_refine.pdbx_pd_number_of_powder_patterns        ? 
_refine.pdbx_pd_number_of_points                 ? 
_refine.pdbx_pd_meas_number_of_points            ? 
_refine.pdbx_pd_proc_ls_prof_R_factor            ? 
_refine.pdbx_pd_proc_ls_prof_wR_factor           ? 
_refine.pdbx_pd_Marquardt_correlation_coeff      ? 
_refine.pdbx_pd_Fsqrd_R_factor                   ? 
_refine.pdbx_pd_ls_matrix_band_width             ? 
_refine.pdbx_overall_phase_error                 ? 
_refine.pdbx_overall_SU_R_free_Cruickshank_DPI   ? 
_refine.pdbx_overall_SU_R_free_Blow_DPI          ? 
_refine.pdbx_overall_SU_R_Blow_DPI               ? 
_refine.pdbx_TLS_residual_ADP_flag               ? 
_refine.pdbx_diffrn_id                           1 
_refine.overall_SU_B                             1.272 
_refine.overall_SU_ML                            0.049 
_refine.overall_SU_R_Cruickshank_DPI             ? 
_refine.overall_SU_R_free                        ? 
_refine.overall_FOM_free_R_set                   ? 
_refine.overall_FOM_work_R_set                   ? 
_refine.pdbx_average_fsc_overall                 ? 
_refine.pdbx_average_fsc_work                    ? 
_refine.pdbx_average_fsc_free                    ? 
# 
_refine_hist.pdbx_refine_id                   'X-RAY DIFFRACTION' 
_refine_hist.cycle_id                         LAST 
_refine_hist.pdbx_number_atoms_protein        1286 
_refine_hist.pdbx_number_atoms_nucleic_acid   0 
_refine_hist.pdbx_number_atoms_ligand         47 
_refine_hist.number_atoms_solvent             124 
_refine_hist.number_atoms_total               1457 
_refine_hist.d_res_high                       1.462 
_refine_hist.d_res_low                        22.805 
# 
loop_
_refine_ls_restr.pdbx_refine_id 
_refine_ls_restr.criterion 
_refine_ls_restr.dev_ideal 
_refine_ls_restr.dev_ideal_target 
_refine_ls_restr.number 
_refine_ls_restr.rejects 
_refine_ls_restr.type 
_refine_ls_restr.weight 
_refine_ls_restr.pdbx_restraint_function 
'X-RAY DIFFRACTION' ? 0.012  0.013  1362 ? r_bond_refined_d               ? ? 
'X-RAY DIFFRACTION' ? 0.001  0.017  1269 ? r_bond_other_d                 ? ? 
'X-RAY DIFFRACTION' ? 1.437  1.655  1859 ? r_angle_refined_deg            ? ? 
'X-RAY DIFFRACTION' ? 1.370  1.587  2925 ? r_angle_other_deg              ? ? 
'X-RAY DIFFRACTION' ? 6.728  5.000  158  ? r_dihedral_angle_1_deg         ? ? 
'X-RAY DIFFRACTION' ? 29.234 24.429 70   ? r_dihedral_angle_2_deg         ? ? 
'X-RAY DIFFRACTION' ? 12.417 15.000 233  ? r_dihedral_angle_3_deg         ? ? 
'X-RAY DIFFRACTION' ? 19.300 15.000 5    ? r_dihedral_angle_4_deg         ? ? 
'X-RAY DIFFRACTION' ? 0.074  0.200  191  ? r_chiral_restr                 ? ? 
'X-RAY DIFFRACTION' ? 0.010  0.020  1522 ? r_gen_planes_refined           ? ? 
'X-RAY DIFFRACTION' ? 0.001  0.020  308  ? r_gen_planes_other             ? ? 
'X-RAY DIFFRACTION' ? 0.227  0.200  262  ? r_nbd_refined                  ? ? 
'X-RAY DIFFRACTION' ? 0.176  0.200  1141 ? r_symmetry_nbd_other           ? ? 
'X-RAY DIFFRACTION' ? 0.178  0.200  661  ? r_nbtor_refined                ? ? 
'X-RAY DIFFRACTION' ? 0.077  0.200  633  ? r_symmetry_nbtor_other         ? ? 
'X-RAY DIFFRACTION' ? 0.164  0.200  67   ? r_xyhbond_nbd_refined          ? ? 
'X-RAY DIFFRACTION' ? 0.036  0.200  1    ? r_symmetry_xyhbond_nbd_other   ? ? 
'X-RAY DIFFRACTION' ? 0.066  0.200  5    ? r_metal_ion_refined            ? ? 
'X-RAY DIFFRACTION' ? 0.162  0.200  17   ? r_symmetry_nbd_refined         ? ? 
'X-RAY DIFFRACTION' ? 0.181  0.200  69   ? r_nbd_other                    ? ? 
'X-RAY DIFFRACTION' ? 0.174  0.200  36   ? r_symmetry_xyhbond_nbd_refined ? ? 
'X-RAY DIFFRACTION' ? 1.768  1.538  635  ? r_mcbond_it                    ? ? 
'X-RAY DIFFRACTION' ? 1.760  1.537  634  ? r_mcbond_other                 ? ? 
'X-RAY DIFFRACTION' ? 2.701  2.304  792  ? r_mcangle_it                   ? ? 
'X-RAY DIFFRACTION' ? 2.703  2.306  793  ? r_mcangle_other                ? ? 
'X-RAY DIFFRACTION' ? 2.954  1.882  727  ? r_scbond_it                    ? ? 
'X-RAY DIFFRACTION' ? 2.958  1.884  725  ? r_scbond_other                 ? ? 
'X-RAY DIFFRACTION' ? 4.475  2.679  1067 ? r_scangle_it                   ? ? 
'X-RAY DIFFRACTION' ? 4.473  2.678  1068 ? r_scangle_other                ? ? 
'X-RAY DIFFRACTION' ? 5.786  19.429 1546 ? r_lrange_it                    ? ? 
'X-RAY DIFFRACTION' ? 5.736  19.219 1528 ? r_lrange_other                 ? ? 
# 
loop_
_refine_ls_shell.pdbx_refine_id 
_refine_ls_shell.d_res_high 
_refine_ls_shell.d_res_low 
_refine_ls_shell.number_reflns_all 
_refine_ls_shell.number_reflns_obs 
_refine_ls_shell.number_reflns_R_free 
_refine_ls_shell.number_reflns_R_work 
_refine_ls_shell.percent_reflns_obs 
_refine_ls_shell.percent_reflns_R_free 
_refine_ls_shell.R_factor_all 
_refine_ls_shell.R_factor_obs 
_refine_ls_shell.R_factor_R_free_error 
_refine_ls_shell.R_factor_R_work 
_refine_ls_shell.redundancy_reflns_all 
_refine_ls_shell.redundancy_reflns_obs 
_refine_ls_shell.wR_factor_all 
_refine_ls_shell.wR_factor_obs 
_refine_ls_shell.wR_factor_R_free 
_refine_ls_shell.wR_factor_R_work 
_refine_ls_shell.pdbx_R_complete 
_refine_ls_shell.pdbx_total_number_of_bins_used 
_refine_ls_shell.pdbx_phase_error 
_refine_ls_shell.pdbx_fsc_work 
_refine_ls_shell.pdbx_fsc_free 
_refine_ls_shell.R_factor_R_free 
'X-RAY DIFFRACTION' 1.462 1.500  . . 70  1383 82.1833  . . . . 0.310 . . . . . . . . . . . 0.285 
'X-RAY DIFFRACTION' 1.500 1.541  . . 78  1649 98.7986  . . . . 0.241 . . . . . . . . . . . 0.318 
'X-RAY DIFFRACTION' 1.541 1.585  . . 97  1632 99.9422  . . . . 0.208 . . . . . . . . . . . 0.224 
'X-RAY DIFFRACTION' 1.585 1.634  . . 104 1544 100.0000 . . . . 0.183 . . . . . . . . . . . 0.201 
'X-RAY DIFFRACTION' 1.634 1.687  . . 77  1520 100.0000 . . . . 0.186 . . . . . . . . . . . 0.214 
'X-RAY DIFFRACTION' 1.687 1.747  . . 61  1480 100.0000 . . . . 0.168 . . . . . . . . . . . 0.223 
'X-RAY DIFFRACTION' 1.747 1.812  . . 76  1451 100.0000 . . . . 0.171 . . . . . . . . . . . 0.181 
'X-RAY DIFFRACTION' 1.812 1.886  . . 74  1369 99.8616  . . . . 0.168 . . . . . . . . . . . 0.209 
'X-RAY DIFFRACTION' 1.886 1.969  . . 74  1295 99.9270  . . . . 0.166 . . . . . . . . . . . 0.164 
'X-RAY DIFFRACTION' 1.969 2.065  . . 79  1251 100.0000 . . . . 0.162 . . . . . . . . . . . 0.180 
'X-RAY DIFFRACTION' 2.065 2.176  . . 69  1201 99.8428  . . . . 0.161 . . . . . . . . . . . 0.181 
'X-RAY DIFFRACTION' 2.176 2.308  . . 68  1117 98.9975  . . . . 0.155 . . . . . . . . . . . 0.186 
'X-RAY DIFFRACTION' 2.308 2.466  . . 48  1081 99.0351  . . . . 0.161 . . . . . . . . . . . 0.178 
'X-RAY DIFFRACTION' 2.466 2.662  . . 38  969  97.8620  . . . . 0.176 . . . . . . . . . . . 0.177 
'X-RAY DIFFRACTION' 2.662 2.914  . . 48  931  100.0000 . . . . 0.182 . . . . . . . . . . . 0.208 
'X-RAY DIFFRACTION' 2.914 3.254  . . 43  845  100.0000 . . . . 0.193 . . . . . . . . . . . 0.248 
'X-RAY DIFFRACTION' 3.254 3.750  . . 34  752  100.0000 . . . . 0.178 . . . . . . . . . . . 0.221 
'X-RAY DIFFRACTION' 3.750 4.575  . . 35  639  99.4100  . . . . 0.172 . . . . . . . . . . . 0.168 
'X-RAY DIFFRACTION' 4.575 6.396  . . 30  490  100.0000 . . . . 0.214 . . . . . . . . . . . 0.367 
'X-RAY DIFFRACTION' 6.396 22.805 . . 16  291  97.4603  . . . . 0.205 . . . . . . . . . . . 0.207 
# 
_struct.entry_id                     8HY9 
_struct.title                        
;Bacterial STING from Riemerella anatipestifer in complex with 3'3'-c-di-GMP
;
_struct.pdbx_model_details           ? 
_struct.pdbx_formula_weight          ? 
_struct.pdbx_formula_weight_method   ? 
_struct.pdbx_model_type_details      ? 
_struct.pdbx_CASP_flag               N 
# 
_struct_keywords.entry_id        8HY9 
_struct_keywords.text            'CD-NTase-associated protein 12, SIGNALING PROTEIN' 
_struct_keywords.pdbx_keywords   'SIGNALING PROTEIN' 
# 
loop_
_struct_asym.id 
_struct_asym.pdbx_blank_PDB_chainid_flag 
_struct_asym.pdbx_modified 
_struct_asym.entity_id 
_struct_asym.details 
A N N 1 ? 
B N N 2 ? 
C N N 3 ? 
D N N 4 ? 
# 
_struct_ref.id                         1 
_struct_ref.db_name                    UNP 
_struct_ref.db_code                    A0A8F6THR5_RIEAN 
_struct_ref.pdbx_db_accession          A0A8F6THR5 
_struct_ref.pdbx_db_isoform            ? 
_struct_ref.entity_id                  1 
_struct_ref.pdbx_seq_one_letter_code   
;FPSSTLAAVYYENFVKPTCLHIIQNGGIQDDDGTKYENSTIKIIIPQKLTTDVNSQFQTLKKSFQTKKLTFDYLGRPRNI
DVETLIQDGKLYVIDFPTVLSGINYAISNLLPNDFNSMSDDYELILNREFDRFIYTLNKLALRDGYNNLITVINEKDIK
;
_struct_ref.pdbx_align_begin           158 
# 
_struct_ref_seq.align_id                      1 
_struct_ref_seq.ref_id                        1 
_struct_ref_seq.pdbx_PDB_id_code              8HY9 
_struct_ref_seq.pdbx_strand_id                A 
_struct_ref_seq.seq_align_beg                 5 
_struct_ref_seq.pdbx_seq_align_beg_ins_code   ? 
_struct_ref_seq.seq_align_end                 163 
_struct_ref_seq.pdbx_seq_align_end_ins_code   ? 
_struct_ref_seq.pdbx_db_accession             A0A8F6THR5 
_struct_ref_seq.db_align_beg                  158 
_struct_ref_seq.pdbx_db_align_beg_ins_code    ? 
_struct_ref_seq.db_align_end                  316 
_struct_ref_seq.pdbx_db_align_end_ins_code    ? 
_struct_ref_seq.pdbx_auth_seq_align_beg       5 
_struct_ref_seq.pdbx_auth_seq_align_end       163 
# 
loop_
_struct_ref_seq_dif.align_id 
_struct_ref_seq_dif.pdbx_pdb_id_code 
_struct_ref_seq_dif.mon_id 
_struct_ref_seq_dif.pdbx_pdb_strand_id 
_struct_ref_seq_dif.seq_num 
_struct_ref_seq_dif.pdbx_pdb_ins_code 
_struct_ref_seq_dif.pdbx_seq_db_name 
_struct_ref_seq_dif.pdbx_seq_db_accession_code 
_struct_ref_seq_dif.db_mon_id 
_struct_ref_seq_dif.pdbx_seq_db_seq_num 
_struct_ref_seq_dif.details 
_struct_ref_seq_dif.pdbx_auth_seq_num 
_struct_ref_seq_dif.pdbx_ordinal 
1 8HY9 SER A 1 ? UNP A0A8F6THR5 ? ? 'expression tag' 1 1 
1 8HY9 GLY A 2 ? UNP A0A8F6THR5 ? ? 'expression tag' 2 2 
1 8HY9 GLY A 3 ? UNP A0A8F6THR5 ? ? 'expression tag' 3 3 
1 8HY9 GLY A 4 ? UNP A0A8F6THR5 ? ? 'expression tag' 4 4 
# 
_pdbx_struct_assembly.id                   1 
_pdbx_struct_assembly.details              author_and_software_defined_assembly 
_pdbx_struct_assembly.method_details       PISA 
_pdbx_struct_assembly.oligomeric_details   dimeric 
_pdbx_struct_assembly.oligomeric_count     2 
# 
loop_
_pdbx_struct_assembly_prop.biol_id 
_pdbx_struct_assembly_prop.type 
_pdbx_struct_assembly_prop.value 
_pdbx_struct_assembly_prop.details 
1 'ABSA (A^2)' 4830  ? 
1 MORE         -26   ? 
1 'SSA (A^2)'  15780 ? 
# 
_pdbx_struct_assembly_gen.assembly_id       1 
_pdbx_struct_assembly_gen.oper_expression   1,2 
_pdbx_struct_assembly_gen.asym_id_list      A,B,C,D 
# 
_pdbx_struct_assembly_auth_evidence.id                     1 
_pdbx_struct_assembly_auth_evidence.assembly_id            1 
_pdbx_struct_assembly_auth_evidence.experimental_support   'gel filtration' 
_pdbx_struct_assembly_auth_evidence.details                ? 
# 
loop_
_pdbx_struct_oper_list.id 
_pdbx_struct_oper_list.type 
_pdbx_struct_oper_list.name 
_pdbx_struct_oper_list.symmetry_operation 
_pdbx_struct_oper_list.matrix[1][1] 
_pdbx_struct_oper_list.matrix[1][2] 
_pdbx_struct_oper_list.matrix[1][3] 
_pdbx_struct_oper_list.vector[1] 
_pdbx_struct_oper_list.matrix[2][1] 
_pdbx_struct_oper_list.matrix[2][2] 
_pdbx_struct_oper_list.matrix[2][3] 
_pdbx_struct_oper_list.vector[2] 
_pdbx_struct_oper_list.matrix[3][1] 
_pdbx_struct_oper_list.matrix[3][2] 
_pdbx_struct_oper_list.matrix[3][3] 
_pdbx_struct_oper_list.vector[3] 
1 'identity operation'         1_555 x,y,z     1.0000000000  0.0000000000 0.0000000000  0.0000000000  0.0000000000 1.0000000000  0.0000000000  0.0000000000  0.0000000000  0.0000000000  1.0000000000  0.0000000000  
2 'crystal symmetry operation' 2_556 -x,y,-z+1 -0.2388364148 0.5999192591 -0.7635797598 -2.9762340867 0.5999192591 -0.5271671893 -0.6018235930 18.5989338500 -0.7635797598 -0.6018235930 -0.2339963959 11.6457481919 
# 
loop_
_struct_conf.conf_type_id 
_struct_conf.id 
_struct_conf.pdbx_PDB_helix_id 
_struct_conf.beg_label_comp_id 
_struct_conf.beg_label_asym_id 
_struct_conf.beg_label_seq_id 
_struct_conf.pdbx_beg_PDB_ins_code 
_struct_conf.end_label_comp_id 
_struct_conf.end_label_asym_id 
_struct_conf.end_label_seq_id 
_struct_conf.pdbx_end_PDB_ins_code 
_struct_conf.beg_auth_comp_id 
_struct_conf.beg_auth_asym_id 
_struct_conf.beg_auth_seq_id 
_struct_conf.end_auth_comp_id 
_struct_conf.end_auth_asym_id 
_struct_conf.end_auth_seq_id 
_struct_conf.pdbx_PDB_helix_class 
_struct_conf.details 
_struct_conf.pdbx_PDB_helix_length 
HELX_P HELX_P1 AA1 PHE A 5   ? PHE A 18  ? PHE A 5   PHE A 18  1 ? 14 
HELX_P HELX_P2 AA2 PHE A 18  ? GLY A 30  ? PHE A 18  GLY A 30  1 ? 13 
HELX_P HELX_P3 AA3 ASP A 56  ? GLN A 69  ? ASP A 56  GLN A 69  1 ? 14 
HELX_P HELX_P4 AA4 PRO A 101 ? VAL A 103 ? PRO A 101 VAL A 103 5 ? 3  
HELX_P HELX_P5 AA5 LEU A 104 ? SER A 112 ? LEU A 104 SER A 112 1 ? 9  
HELX_P HELX_P6 AA6 ASN A 113 ? LEU A 115 ? ASN A 113 LEU A 115 5 ? 3  
HELX_P HELX_P7 AA7 SER A 123 ? GLY A 149 ? SER A 123 GLY A 149 1 ? 27 
HELX_P HELX_P8 AA8 TYR A 150 ? ASN A 152 ? TYR A 150 ASN A 152 5 ? 3  
HELX_P HELX_P9 AA9 LYS A 160 ? ILE A 162 ? LYS A 160 ILE A 162 5 ? 3  
# 
_struct_conf_type.id          HELX_P 
_struct_conf_type.criteria    ? 
_struct_conf_type.reference   ? 
# 
loop_
_struct_conn.id 
_struct_conn.conn_type_id 
_struct_conn.pdbx_leaving_atom_flag 
_struct_conn.pdbx_PDB_id 
_struct_conn.ptnr1_label_asym_id 
_struct_conn.ptnr1_label_comp_id 
_struct_conn.ptnr1_label_seq_id 
_struct_conn.ptnr1_label_atom_id 
_struct_conn.pdbx_ptnr1_label_alt_id 
_struct_conn.pdbx_ptnr1_PDB_ins_code 
_struct_conn.pdbx_ptnr1_standard_comp_id 
_struct_conn.ptnr1_symmetry 
_struct_conn.ptnr2_label_asym_id 
_struct_conn.ptnr2_label_comp_id 
_struct_conn.ptnr2_label_seq_id 
_struct_conn.ptnr2_label_atom_id 
_struct_conn.pdbx_ptnr2_label_alt_id 
_struct_conn.pdbx_ptnr2_PDB_ins_code 
_struct_conn.ptnr1_auth_asym_id 
_struct_conn.ptnr1_auth_comp_id 
_struct_conn.ptnr1_auth_seq_id 
_struct_conn.ptnr2_auth_asym_id 
_struct_conn.ptnr2_auth_comp_id 
_struct_conn.ptnr2_auth_seq_id 
_struct_conn.ptnr2_symmetry 
_struct_conn.pdbx_ptnr3_label_atom_id 
_struct_conn.pdbx_ptnr3_label_seq_id 
_struct_conn.pdbx_ptnr3_label_comp_id 
_struct_conn.pdbx_ptnr3_label_asym_id 
_struct_conn.pdbx_ptnr3_label_alt_id 
_struct_conn.pdbx_ptnr3_PDB_ins_code 
_struct_conn.details 
_struct_conn.pdbx_dist_value 
_struct_conn.pdbx_value_order 
_struct_conn.pdbx_role 
metalc1 metalc ? ? A ASN 151 O   ? ? ? 1_555 C CA  . CA ? ? A ASN 151 A CA  202 1_555 ? ? ? ? ? ? ? 2.413 ? ? 
metalc2 metalc ? ? A ASN 151 OD1 ? ? ? 1_555 C CA  . CA ? ? A ASN 151 A CA  202 1_555 ? ? ? ? ? ? ? 2.398 ? ? 
metalc3 metalc ? ? A ILE 154 O   ? ? ? 1_555 C CA  . CA ? ? A ILE 154 A CA  202 1_555 ? ? ? ? ? ? ? 2.306 ? ? 
metalc4 metalc ? ? C CA  .   CA  ? ? ? 1_555 D HOH . O  ? ? A CA  202 A HOH 318 4_446 ? ? ? ? ? ? ? 2.459 ? ? 
metalc5 metalc ? ? C CA  .   CA  ? ? ? 1_555 D HOH . O  ? ? A CA  202 A HOH 376 1_555 ? ? ? ? ? ? ? 2.376 ? ? 
metalc6 metalc ? ? C CA  .   CA  ? ? ? 1_555 D HOH . O  ? ? A CA  202 A HOH 379 1_555 ? ? ? ? ? ? ? 2.339 ? ? 
metalc7 metalc ? ? C CA  .   CA  ? ? ? 1_555 D HOH . O  ? ? A CA  202 A HOH 394 1_555 ? ? ? ? ? ? ? 2.433 ? ? 
# 
_struct_conn_type.id          metalc 
_struct_conn_type.criteria    ? 
_struct_conn_type.reference   ? 
# 
loop_
_pdbx_struct_conn_angle.id 
_pdbx_struct_conn_angle.ptnr1_label_atom_id 
_pdbx_struct_conn_angle.ptnr1_label_alt_id 
_pdbx_struct_conn_angle.ptnr1_label_asym_id 
_pdbx_struct_conn_angle.ptnr1_label_comp_id 
_pdbx_struct_conn_angle.ptnr1_label_seq_id 
_pdbx_struct_conn_angle.ptnr1_auth_atom_id 
_pdbx_struct_conn_angle.ptnr1_auth_asym_id 
_pdbx_struct_conn_angle.ptnr1_auth_comp_id 
_pdbx_struct_conn_angle.ptnr1_auth_seq_id 
_pdbx_struct_conn_angle.ptnr1_PDB_ins_code 
_pdbx_struct_conn_angle.ptnr1_symmetry 
_pdbx_struct_conn_angle.ptnr2_label_atom_id 
_pdbx_struct_conn_angle.ptnr2_label_alt_id 
_pdbx_struct_conn_angle.ptnr2_label_asym_id 
_pdbx_struct_conn_angle.ptnr2_label_comp_id 
_pdbx_struct_conn_angle.ptnr2_label_seq_id 
_pdbx_struct_conn_angle.ptnr2_auth_atom_id 
_pdbx_struct_conn_angle.ptnr2_auth_asym_id 
_pdbx_struct_conn_angle.ptnr2_auth_comp_id 
_pdbx_struct_conn_angle.ptnr2_auth_seq_id 
_pdbx_struct_conn_angle.ptnr2_PDB_ins_code 
_pdbx_struct_conn_angle.ptnr2_symmetry 
_pdbx_struct_conn_angle.ptnr3_label_atom_id 
_pdbx_struct_conn_angle.ptnr3_label_alt_id 
_pdbx_struct_conn_angle.ptnr3_label_asym_id 
_pdbx_struct_conn_angle.ptnr3_label_comp_id 
_pdbx_struct_conn_angle.ptnr3_label_seq_id 
_pdbx_struct_conn_angle.ptnr3_auth_atom_id 
_pdbx_struct_conn_angle.ptnr3_auth_asym_id 
_pdbx_struct_conn_angle.ptnr3_auth_comp_id 
_pdbx_struct_conn_angle.ptnr3_auth_seq_id 
_pdbx_struct_conn_angle.ptnr3_PDB_ins_code 
_pdbx_struct_conn_angle.ptnr3_symmetry 
_pdbx_struct_conn_angle.value 
_pdbx_struct_conn_angle.value_esd 
1  O   ? A ASN 151 ? A ASN 151 ? 1_555 CA ? C CA . ? A CA 202 ? 1_555 OD1 ? A ASN 151 ? A ASN 151 ? 1_555 71.3  ? 
2  O   ? A ASN 151 ? A ASN 151 ? 1_555 CA ? C CA . ? A CA 202 ? 1_555 O   ? A ILE 154 ? A ILE 154 ? 1_555 77.8  ? 
3  OD1 ? A ASN 151 ? A ASN 151 ? 1_555 CA ? C CA . ? A CA 202 ? 1_555 O   ? A ILE 154 ? A ILE 154 ? 1_555 149.0 ? 
4  O   ? A ASN 151 ? A ASN 151 ? 1_555 CA ? C CA . ? A CA 202 ? 1_555 O   ? D HOH .   ? A HOH 318 ? 4_446 145.8 ? 
5  OD1 ? A ASN 151 ? A ASN 151 ? 1_555 CA ? C CA . ? A CA 202 ? 1_555 O   ? D HOH .   ? A HOH 318 ? 4_446 124.6 ? 
6  O   ? A ILE 154 ? A ILE 154 ? 1_555 CA ? C CA . ? A CA 202 ? 1_555 O   ? D HOH .   ? A HOH 318 ? 4_446 80.7  ? 
7  O   ? A ASN 151 ? A ASN 151 ? 1_555 CA ? C CA . ? A CA 202 ? 1_555 O   ? D HOH .   ? A HOH 376 ? 1_555 136.2 ? 
8  OD1 ? A ASN 151 ? A ASN 151 ? 1_555 CA ? C CA . ? A CA 202 ? 1_555 O   ? D HOH .   ? A HOH 376 ? 1_555 76.5  ? 
9  O   ? A ILE 154 ? A ILE 154 ? 1_555 CA ? C CA . ? A CA 202 ? 1_555 O   ? D HOH .   ? A HOH 376 ? 1_555 131.0 ? 
10 O   ? D HOH .   ? A HOH 318 ? 4_446 CA ? C CA . ? A CA 202 ? 1_555 O   ? D HOH .   ? A HOH 376 ? 1_555 77.6  ? 
11 O   ? A ASN 151 ? A ASN 151 ? 1_555 CA ? C CA . ? A CA 202 ? 1_555 O   ? D HOH .   ? A HOH 379 ? 1_555 79.1  ? 
12 OD1 ? A ASN 151 ? A ASN 151 ? 1_555 CA ? C CA . ? A CA 202 ? 1_555 O   ? D HOH .   ? A HOH 379 ? 1_555 97.1  ? 
13 O   ? A ILE 154 ? A ILE 154 ? 1_555 CA ? C CA . ? A CA 202 ? 1_555 O   ? D HOH .   ? A HOH 379 ? 1_555 79.6  ? 
14 O   ? D HOH .   ? A HOH 318 ? 4_446 CA ? C CA . ? A CA 202 ? 1_555 O   ? D HOH .   ? A HOH 379 ? 1_555 122.7 ? 
15 O   ? D HOH .   ? A HOH 376 ? 1_555 CA ? C CA . ? A CA 202 ? 1_555 O   ? D HOH .   ? A HOH 379 ? 1_555 76.3  ? 
16 O   ? A ASN 151 ? A ASN 151 ? 1_555 CA ? C CA . ? A CA 202 ? 1_555 O   ? D HOH .   ? A HOH 394 ? 1_555 85.0  ? 
17 OD1 ? A ASN 151 ? A ASN 151 ? 1_555 CA ? C CA . ? A CA 202 ? 1_555 O   ? D HOH .   ? A HOH 394 ? 1_555 78.7  ? 
18 O   ? A ILE 154 ? A ILE 154 ? 1_555 CA ? C CA . ? A CA 202 ? 1_555 O   ? D HOH .   ? A HOH 394 ? 1_555 96.1  ? 
19 O   ? D HOH .   ? A HOH 318 ? 4_446 CA ? C CA . ? A CA 202 ? 1_555 O   ? D HOH .   ? A HOH 394 ? 1_555 71.1  ? 
20 O   ? D HOH .   ? A HOH 376 ? 1_555 CA ? C CA . ? A CA 202 ? 1_555 O   ? D HOH .   ? A HOH 394 ? 1_555 116.9 ? 
21 O   ? D HOH .   ? A HOH 379 ? 1_555 CA ? C CA . ? A CA 202 ? 1_555 O   ? D HOH .   ? A HOH 394 ? 1_555 164.0 ? 
# 
loop_
_struct_sheet.id 
_struct_sheet.type 
_struct_sheet.number_strands 
_struct_sheet.details 
AA1 ? 2 ? 
AA2 ? 5 ? 
# 
loop_
_struct_sheet_order.sheet_id 
_struct_sheet_order.range_id_1 
_struct_sheet_order.range_id_2 
_struct_sheet_order.offset 
_struct_sheet_order.sense 
AA1 1 2 ? anti-parallel 
AA2 1 2 ? anti-parallel 
AA2 2 3 ? anti-parallel 
AA2 3 4 ? parallel      
AA2 4 5 ? parallel      
# 
loop_
_struct_sheet_range.sheet_id 
_struct_sheet_range.id 
_struct_sheet_range.beg_label_comp_id 
_struct_sheet_range.beg_label_asym_id 
_struct_sheet_range.beg_label_seq_id 
_struct_sheet_range.pdbx_beg_PDB_ins_code 
_struct_sheet_range.end_label_comp_id 
_struct_sheet_range.end_label_asym_id 
_struct_sheet_range.end_label_seq_id 
_struct_sheet_range.pdbx_end_PDB_ins_code 
_struct_sheet_range.beg_auth_comp_id 
_struct_sheet_range.beg_auth_asym_id 
_struct_sheet_range.beg_auth_seq_id 
_struct_sheet_range.end_auth_comp_id 
_struct_sheet_range.end_auth_asym_id 
_struct_sheet_range.end_auth_seq_id 
AA1 1 ILE A 32  ? GLN A 33  ? ILE A 32  GLN A 33  
AA1 2 LYS A 39  ? TYR A 40  ? LYS A 39  TYR A 40  
AA2 1 LYS A 71  ? PHE A 75  ? LYS A 71  PHE A 75  
AA2 2 ILE A 84  ? GLN A 91  ? ILE A 84  GLN A 91  
AA2 3 LYS A 94  ? ASP A 99  ? LYS A 94  ASP A 99  
AA2 4 SER A 43  ? ILE A 49  ? SER A 43  ILE A 49  
AA2 5 ILE A 154 ? ASN A 158 ? ILE A 154 ASN A 158 
# 
loop_
_pdbx_struct_sheet_hbond.sheet_id 
_pdbx_struct_sheet_hbond.range_id_1 
_pdbx_struct_sheet_hbond.range_id_2 
_pdbx_struct_sheet_hbond.range_1_label_atom_id 
_pdbx_struct_sheet_hbond.range_1_label_comp_id 
_pdbx_struct_sheet_hbond.range_1_label_asym_id 
_pdbx_struct_sheet_hbond.range_1_label_seq_id 
_pdbx_struct_sheet_hbond.range_1_PDB_ins_code 
_pdbx_struct_sheet_hbond.range_1_auth_atom_id 
_pdbx_struct_sheet_hbond.range_1_auth_comp_id 
_pdbx_struct_sheet_hbond.range_1_auth_asym_id 
_pdbx_struct_sheet_hbond.range_1_auth_seq_id 
_pdbx_struct_sheet_hbond.range_2_label_atom_id 
_pdbx_struct_sheet_hbond.range_2_label_comp_id 
_pdbx_struct_sheet_hbond.range_2_label_asym_id 
_pdbx_struct_sheet_hbond.range_2_label_seq_id 
_pdbx_struct_sheet_hbond.range_2_PDB_ins_code 
_pdbx_struct_sheet_hbond.range_2_auth_atom_id 
_pdbx_struct_sheet_hbond.range_2_auth_comp_id 
_pdbx_struct_sheet_hbond.range_2_auth_asym_id 
_pdbx_struct_sheet_hbond.range_2_auth_seq_id 
AA1 1 2 N ILE A 32 ? N ILE A 32 O TYR A 40  ? O TYR A 40  
AA2 1 2 N PHE A 75 ? N PHE A 75 O ILE A 84  ? O ILE A 84  
AA2 2 3 N LEU A 89 ? N LEU A 89 O TYR A 96  ? O TYR A 96  
AA2 3 4 O VAL A 97 ? O VAL A 97 N LYS A 46  ? N LYS A 46  
AA2 4 5 N ILE A 47 ? N ILE A 47 O THR A 155 ? O THR A 155 
# 
_pdbx_validate_torsion.id              1 
_pdbx_validate_torsion.PDB_model_num   1 
_pdbx_validate_torsion.auth_comp_id    PHE 
_pdbx_validate_torsion.auth_asym_id    A 
_pdbx_validate_torsion.auth_seq_id     18 
_pdbx_validate_torsion.PDB_ins_code    ? 
_pdbx_validate_torsion.label_alt_id    ? 
_pdbx_validate_torsion.phi             -143.58 
_pdbx_validate_torsion.psi             -60.04 
# 
_pdbx_entry_details.entry_id                 8HY9 
_pdbx_entry_details.has_ligand_of_interest   Y 
_pdbx_entry_details.compound_details         ? 
_pdbx_entry_details.source_details           ? 
_pdbx_entry_details.nonpolymer_details       ? 
_pdbx_entry_details.sequence_details         ? 
# 
loop_
_pdbx_unobs_or_zero_occ_residues.id 
_pdbx_unobs_or_zero_occ_residues.PDB_model_num 
_pdbx_unobs_or_zero_occ_residues.polymer_flag 
_pdbx_unobs_or_zero_occ_residues.occupancy_flag 
_pdbx_unobs_or_zero_occ_residues.auth_asym_id 
_pdbx_unobs_or_zero_occ_residues.auth_comp_id 
_pdbx_unobs_or_zero_occ_residues.auth_seq_id 
_pdbx_unobs_or_zero_occ_residues.PDB_ins_code 
_pdbx_unobs_or_zero_occ_residues.label_asym_id 
_pdbx_unobs_or_zero_occ_residues.label_comp_id 
_pdbx_unobs_or_zero_occ_residues.label_seq_id 
1 1 Y 1 A SER 1   ? A SER 1   
2 1 Y 1 A GLY 2   ? A GLY 2   
3 1 Y 1 A GLY 3   ? A GLY 3   
4 1 Y 1 A LYS 163 ? A LYS 163 
# 
loop_
_chem_comp_atom.comp_id 
_chem_comp_atom.atom_id 
_chem_comp_atom.type_symbol 
_chem_comp_atom.pdbx_aromatic_flag 
_chem_comp_atom.pdbx_stereo_config 
_chem_comp_atom.pdbx_ordinal 
ALA N      N  N N 1   
ALA CA     C  N S 2   
ALA C      C  N N 3   
ALA O      O  N N 4   
ALA CB     C  N N 5   
ALA OXT    O  N N 6   
ALA H      H  N N 7   
ALA H2     H  N N 8   
ALA HA     H  N N 9   
ALA HB1    H  N N 10  
ALA HB2    H  N N 11  
ALA HB3    H  N N 12  
ALA HXT    H  N N 13  
ARG N      N  N N 14  
ARG CA     C  N S 15  
ARG C      C  N N 16  
ARG O      O  N N 17  
ARG CB     C  N N 18  
ARG CG     C  N N 19  
ARG CD     C  N N 20  
ARG NE     N  N N 21  
ARG CZ     C  N N 22  
ARG NH1    N  N N 23  
ARG NH2    N  N N 24  
ARG OXT    O  N N 25  
ARG H      H  N N 26  
ARG H2     H  N N 27  
ARG HA     H  N N 28  
ARG HB2    H  N N 29  
ARG HB3    H  N N 30  
ARG HG2    H  N N 31  
ARG HG3    H  N N 32  
ARG HD2    H  N N 33  
ARG HD3    H  N N 34  
ARG HE     H  N N 35  
ARG HH11   H  N N 36  
ARG HH12   H  N N 37  
ARG HH21   H  N N 38  
ARG HH22   H  N N 39  
ARG HXT    H  N N 40  
ASN N      N  N N 41  
ASN CA     C  N S 42  
ASN C      C  N N 43  
ASN O      O  N N 44  
ASN CB     C  N N 45  
ASN CG     C  N N 46  
ASN OD1    O  N N 47  
ASN ND2    N  N N 48  
ASN OXT    O  N N 49  
ASN H      H  N N 50  
ASN H2     H  N N 51  
ASN HA     H  N N 52  
ASN HB2    H  N N 53  
ASN HB3    H  N N 54  
ASN HD21   H  N N 55  
ASN HD22   H  N N 56  
ASN HXT    H  N N 57  
ASP N      N  N N 58  
ASP CA     C  N S 59  
ASP C      C  N N 60  
ASP O      O  N N 61  
ASP CB     C  N N 62  
ASP CG     C  N N 63  
ASP OD1    O  N N 64  
ASP OD2    O  N N 65  
ASP OXT    O  N N 66  
ASP H      H  N N 67  
ASP H2     H  N N 68  
ASP HA     H  N N 69  
ASP HB2    H  N N 70  
ASP HB3    H  N N 71  
ASP HD2    H  N N 72  
ASP HXT    H  N N 73  
C2E P1     P  N N 74  
C2E O2P    O  N N 75  
C2E O1P    O  N N 76  
C2E "O5'"  O  N N 77  
C2E "C5'"  C  N N 78  
C2E "C4'"  C  N R 79  
C2E "O4'"  O  N N 80  
C2E "C3'"  C  N S 81  
C2E "O3'"  O  N N 82  
C2E "C2'"  C  N R 83  
C2E "O2'"  O  N N 84  
C2E "C1'"  C  N R 85  
C2E N9     N  Y N 86  
C2E C8     C  Y N 87  
C2E N7     N  Y N 88  
C2E C5     C  Y N 89  
C2E C6     C  N N 90  
C2E O6     O  N N 91  
C2E N1     N  N N 92  
C2E C2     C  N N 93  
C2E N2     N  N N 94  
C2E N3     N  N N 95  
C2E C4     C  Y N 96  
C2E P11    P  N N 97  
C2E O21    O  N N 98  
C2E O11    O  N N 99  
C2E O5A    O  N N 100 
C2E C5A    C  N N 101 
C2E C4A    C  N R 102 
C2E O4A    O  N N 103 
C2E C3A    C  N S 104 
C2E O3A    O  N N 105 
C2E C2A    C  N R 106 
C2E O2A    O  N N 107 
C2E C1A    C  N R 108 
C2E N91    N  Y N 109 
C2E C81    C  Y N 110 
C2E N71    N  Y N 111 
C2E C51    C  Y N 112 
C2E C61    C  N N 113 
C2E O61    O  N N 114 
C2E N11    N  N N 115 
C2E C21    C  N N 116 
C2E N21    N  N N 117 
C2E N31    N  N N 118 
C2E C41    C  Y N 119 
C2E HO2P   H  N N 120 
C2E "H5'1" H  N N 121 
C2E "H5'2" H  N N 122 
C2E "H4'"  H  N N 123 
C2E "H3'"  H  N N 124 
C2E "H2'"  H  N N 125 
C2E "HO2'" H  N N 126 
C2E "H1'"  H  N N 127 
C2E H8     H  N N 128 
C2E HN1    H  N N 129 
C2E HN21   H  N N 130 
C2E HN22   H  N N 131 
C2E HO21   H  N N 132 
C2E H511   H  N N 133 
C2E H512   H  N N 134 
C2E H4A    H  N N 135 
C2E H3A    H  N N 136 
C2E H2A    H  N N 137 
C2E HO2A   H  N N 138 
C2E H1A    H  N N 139 
C2E H81    H  N N 140 
C2E HN11   H  N N 141 
C2E HN24   H  N N 142 
C2E HN23   H  N N 143 
CA  CA     CA N N 144 
CYS N      N  N N 145 
CYS CA     C  N R 146 
CYS C      C  N N 147 
CYS O      O  N N 148 
CYS CB     C  N N 149 
CYS SG     S  N N 150 
CYS OXT    O  N N 151 
CYS H      H  N N 152 
CYS H2     H  N N 153 
CYS HA     H  N N 154 
CYS HB2    H  N N 155 
CYS HB3    H  N N 156 
CYS HG     H  N N 157 
CYS HXT    H  N N 158 
GLN N      N  N N 159 
GLN CA     C  N S 160 
GLN C      C  N N 161 
GLN O      O  N N 162 
GLN CB     C  N N 163 
GLN CG     C  N N 164 
GLN CD     C  N N 165 
GLN OE1    O  N N 166 
GLN NE2    N  N N 167 
GLN OXT    O  N N 168 
GLN H      H  N N 169 
GLN H2     H  N N 170 
GLN HA     H  N N 171 
GLN HB2    H  N N 172 
GLN HB3    H  N N 173 
GLN HG2    H  N N 174 
GLN HG3    H  N N 175 
GLN HE21   H  N N 176 
GLN HE22   H  N N 177 
GLN HXT    H  N N 178 
GLU N      N  N N 179 
GLU CA     C  N S 180 
GLU C      C  N N 181 
GLU O      O  N N 182 
GLU CB     C  N N 183 
GLU CG     C  N N 184 
GLU CD     C  N N 185 
GLU OE1    O  N N 186 
GLU OE2    O  N N 187 
GLU OXT    O  N N 188 
GLU H      H  N N 189 
GLU H2     H  N N 190 
GLU HA     H  N N 191 
GLU HB2    H  N N 192 
GLU HB3    H  N N 193 
GLU HG2    H  N N 194 
GLU HG3    H  N N 195 
GLU HE2    H  N N 196 
GLU HXT    H  N N 197 
GLY N      N  N N 198 
GLY CA     C  N N 199 
GLY C      C  N N 200 
GLY O      O  N N 201 
GLY OXT    O  N N 202 
GLY H      H  N N 203 
GLY H2     H  N N 204 
GLY HA2    H  N N 205 
GLY HA3    H  N N 206 
GLY HXT    H  N N 207 
HIS N      N  N N 208 
HIS CA     C  N S 209 
HIS C      C  N N 210 
HIS O      O  N N 211 
HIS CB     C  N N 212 
HIS CG     C  Y N 213 
HIS ND1    N  Y N 214 
HIS CD2    C  Y N 215 
HIS CE1    C  Y N 216 
HIS NE2    N  Y N 217 
HIS OXT    O  N N 218 
HIS H      H  N N 219 
HIS H2     H  N N 220 
HIS HA     H  N N 221 
HIS HB2    H  N N 222 
HIS HB3    H  N N 223 
HIS HD1    H  N N 224 
HIS HD2    H  N N 225 
HIS HE1    H  N N 226 
HIS HE2    H  N N 227 
HIS HXT    H  N N 228 
HOH O      O  N N 229 
HOH H1     H  N N 230 
HOH H2     H  N N 231 
ILE N      N  N N 232 
ILE CA     C  N S 233 
ILE C      C  N N 234 
ILE O      O  N N 235 
ILE CB     C  N S 236 
ILE CG1    C  N N 237 
ILE CG2    C  N N 238 
ILE CD1    C  N N 239 
ILE OXT    O  N N 240 
ILE H      H  N N 241 
ILE H2     H  N N 242 
ILE HA     H  N N 243 
ILE HB     H  N N 244 
ILE HG12   H  N N 245 
ILE HG13   H  N N 246 
ILE HG21   H  N N 247 
ILE HG22   H  N N 248 
ILE HG23   H  N N 249 
ILE HD11   H  N N 250 
ILE HD12   H  N N 251 
ILE HD13   H  N N 252 
ILE HXT    H  N N 253 
LEU N      N  N N 254 
LEU CA     C  N S 255 
LEU C      C  N N 256 
LEU O      O  N N 257 
LEU CB     C  N N 258 
LEU CG     C  N N 259 
LEU CD1    C  N N 260 
LEU CD2    C  N N 261 
LEU OXT    O  N N 262 
LEU H      H  N N 263 
LEU H2     H  N N 264 
LEU HA     H  N N 265 
LEU HB2    H  N N 266 
LEU HB3    H  N N 267 
LEU HG     H  N N 268 
LEU HD11   H  N N 269 
LEU HD12   H  N N 270 
LEU HD13   H  N N 271 
LEU HD21   H  N N 272 
LEU HD22   H  N N 273 
LEU HD23   H  N N 274 
LEU HXT    H  N N 275 
LYS N      N  N N 276 
LYS CA     C  N S 277 
LYS C      C  N N 278 
LYS O      O  N N 279 
LYS CB     C  N N 280 
LYS CG     C  N N 281 
LYS CD     C  N N 282 
LYS CE     C  N N 283 
LYS NZ     N  N N 284 
LYS OXT    O  N N 285 
LYS H      H  N N 286 
LYS H2     H  N N 287 
LYS HA     H  N N 288 
LYS HB2    H  N N 289 
LYS HB3    H  N N 290 
LYS HG2    H  N N 291 
LYS HG3    H  N N 292 
LYS HD2    H  N N 293 
LYS HD3    H  N N 294 
LYS HE2    H  N N 295 
LYS HE3    H  N N 296 
LYS HZ1    H  N N 297 
LYS HZ2    H  N N 298 
LYS HZ3    H  N N 299 
LYS HXT    H  N N 300 
MET N      N  N N 301 
MET CA     C  N S 302 
MET C      C  N N 303 
MET O      O  N N 304 
MET CB     C  N N 305 
MET CG     C  N N 306 
MET SD     S  N N 307 
MET CE     C  N N 308 
MET OXT    O  N N 309 
MET H      H  N N 310 
MET H2     H  N N 311 
MET HA     H  N N 312 
MET HB2    H  N N 313 
MET HB3    H  N N 314 
MET HG2    H  N N 315 
MET HG3    H  N N 316 
MET HE1    H  N N 317 
MET HE2    H  N N 318 
MET HE3    H  N N 319 
MET HXT    H  N N 320 
PHE N      N  N N 321 
PHE CA     C  N S 322 
PHE C      C  N N 323 
PHE O      O  N N 324 
PHE CB     C  N N 325 
PHE CG     C  Y N 326 
PHE CD1    C  Y N 327 
PHE CD2    C  Y N 328 
PHE CE1    C  Y N 329 
PHE CE2    C  Y N 330 
PHE CZ     C  Y N 331 
PHE OXT    O  N N 332 
PHE H      H  N N 333 
PHE H2     H  N N 334 
PHE HA     H  N N 335 
PHE HB2    H  N N 336 
PHE HB3    H  N N 337 
PHE HD1    H  N N 338 
PHE HD2    H  N N 339 
PHE HE1    H  N N 340 
PHE HE2    H  N N 341 
PHE HZ     H  N N 342 
PHE HXT    H  N N 343 
PRO N      N  N N 344 
PRO CA     C  N S 345 
PRO C      C  N N 346 
PRO O      O  N N 347 
PRO CB     C  N N 348 
PRO CG     C  N N 349 
PRO CD     C  N N 350 
PRO OXT    O  N N 351 
PRO H      H  N N 352 
PRO HA     H  N N 353 
PRO HB2    H  N N 354 
PRO HB3    H  N N 355 
PRO HG2    H  N N 356 
PRO HG3    H  N N 357 
PRO HD2    H  N N 358 
PRO HD3    H  N N 359 
PRO HXT    H  N N 360 
SER N      N  N N 361 
SER CA     C  N S 362 
SER C      C  N N 363 
SER O      O  N N 364 
SER CB     C  N N 365 
SER OG     O  N N 366 
SER OXT    O  N N 367 
SER H      H  N N 368 
SER H2     H  N N 369 
SER HA     H  N N 370 
SER HB2    H  N N 371 
SER HB3    H  N N 372 
SER HG     H  N N 373 
SER HXT    H  N N 374 
THR N      N  N N 375 
THR CA     C  N S 376 
THR C      C  N N 377 
THR O      O  N N 378 
THR CB     C  N R 379 
THR OG1    O  N N 380 
THR CG2    C  N N 381 
THR OXT    O  N N 382 
THR H      H  N N 383 
THR H2     H  N N 384 
THR HA     H  N N 385 
THR HB     H  N N 386 
THR HG1    H  N N 387 
THR HG21   H  N N 388 
THR HG22   H  N N 389 
THR HG23   H  N N 390 
THR HXT    H  N N 391 
TYR N      N  N N 392 
TYR CA     C  N S 393 
TYR C      C  N N 394 
TYR O      O  N N 395 
TYR CB     C  N N 396 
TYR CG     C  Y N 397 
TYR CD1    C  Y N 398 
TYR CD2    C  Y N 399 
TYR CE1    C  Y N 400 
TYR CE2    C  Y N 401 
TYR CZ     C  Y N 402 
TYR OH     O  N N 403 
TYR OXT    O  N N 404 
TYR H      H  N N 405 
TYR H2     H  N N 406 
TYR HA     H  N N 407 
TYR HB2    H  N N 408 
TYR HB3    H  N N 409 
TYR HD1    H  N N 410 
TYR HD2    H  N N 411 
TYR HE1    H  N N 412 
TYR HE2    H  N N 413 
TYR HH     H  N N 414 
TYR HXT    H  N N 415 
VAL N      N  N N 416 
VAL CA     C  N S 417 
VAL C      C  N N 418 
VAL O      O  N N 419 
VAL CB     C  N N 420 
VAL CG1    C  N N 421 
VAL CG2    C  N N 422 
VAL OXT    O  N N 423 
VAL H      H  N N 424 
VAL H2     H  N N 425 
VAL HA     H  N N 426 
VAL HB     H  N N 427 
VAL HG11   H  N N 428 
VAL HG12   H  N N 429 
VAL HG13   H  N N 430 
VAL HG21   H  N N 431 
VAL HG22   H  N N 432 
VAL HG23   H  N N 433 
VAL HXT    H  N N 434 
# 
loop_
_chem_comp_bond.comp_id 
_chem_comp_bond.atom_id_1 
_chem_comp_bond.atom_id_2 
_chem_comp_bond.value_order 
_chem_comp_bond.pdbx_aromatic_flag 
_chem_comp_bond.pdbx_stereo_config 
_chem_comp_bond.pdbx_ordinal 
ALA N     CA     sing N N 1   
ALA N     H      sing N N 2   
ALA N     H2     sing N N 3   
ALA CA    C      sing N N 4   
ALA CA    CB     sing N N 5   
ALA CA    HA     sing N N 6   
ALA C     O      doub N N 7   
ALA C     OXT    sing N N 8   
ALA CB    HB1    sing N N 9   
ALA CB    HB2    sing N N 10  
ALA CB    HB3    sing N N 11  
ALA OXT   HXT    sing N N 12  
ARG N     CA     sing N N 13  
ARG N     H      sing N N 14  
ARG N     H2     sing N N 15  
ARG CA    C      sing N N 16  
ARG CA    CB     sing N N 17  
ARG CA    HA     sing N N 18  
ARG C     O      doub N N 19  
ARG C     OXT    sing N N 20  
ARG CB    CG     sing N N 21  
ARG CB    HB2    sing N N 22  
ARG CB    HB3    sing N N 23  
ARG CG    CD     sing N N 24  
ARG CG    HG2    sing N N 25  
ARG CG    HG3    sing N N 26  
ARG CD    NE     sing N N 27  
ARG CD    HD2    sing N N 28  
ARG CD    HD3    sing N N 29  
ARG NE    CZ     sing N N 30  
ARG NE    HE     sing N N 31  
ARG CZ    NH1    sing N N 32  
ARG CZ    NH2    doub N N 33  
ARG NH1   HH11   sing N N 34  
ARG NH1   HH12   sing N N 35  
ARG NH2   HH21   sing N N 36  
ARG NH2   HH22   sing N N 37  
ARG OXT   HXT    sing N N 38  
ASN N     CA     sing N N 39  
ASN N     H      sing N N 40  
ASN N     H2     sing N N 41  
ASN CA    C      sing N N 42  
ASN CA    CB     sing N N 43  
ASN CA    HA     sing N N 44  
ASN C     O      doub N N 45  
ASN C     OXT    sing N N 46  
ASN CB    CG     sing N N 47  
ASN CB    HB2    sing N N 48  
ASN CB    HB3    sing N N 49  
ASN CG    OD1    doub N N 50  
ASN CG    ND2    sing N N 51  
ASN ND2   HD21   sing N N 52  
ASN ND2   HD22   sing N N 53  
ASN OXT   HXT    sing N N 54  
ASP N     CA     sing N N 55  
ASP N     H      sing N N 56  
ASP N     H2     sing N N 57  
ASP CA    C      sing N N 58  
ASP CA    CB     sing N N 59  
ASP CA    HA     sing N N 60  
ASP C     O      doub N N 61  
ASP C     OXT    sing N N 62  
ASP CB    CG     sing N N 63  
ASP CB    HB2    sing N N 64  
ASP CB    HB3    sing N N 65  
ASP CG    OD1    doub N N 66  
ASP CG    OD2    sing N N 67  
ASP OD2   HD2    sing N N 68  
ASP OXT   HXT    sing N N 69  
C2E P1    O2P    sing N N 70  
C2E O1P   P1     doub N N 71  
C2E "O5'" P1     sing N N 72  
C2E "C5'" "O5'"  sing N N 73  
C2E "C4'" "O4'"  sing N N 74  
C2E "C4'" "C5'"  sing N N 75  
C2E "C3'" "C4'"  sing N N 76  
C2E "O3'" P11    sing N N 77  
C2E "O3'" "C3'"  sing N N 78  
C2E "C2'" "C3'"  sing N N 79  
C2E "C2'" "C1'"  sing N N 80  
C2E "O2'" "C2'"  sing N N 81  
C2E "C1'" "O4'"  sing N N 82  
C2E "C1'" N9     sing N N 83  
C2E N9    C4     sing Y N 84  
C2E N9    C8     sing Y N 85  
C2E C8    N7     doub Y N 86  
C2E C5    N7     sing Y N 87  
C2E C5    C6     sing N N 88  
C2E C6    O6     doub N N 89  
C2E N1    C6     sing N N 90  
C2E C2    N1     sing N N 91  
C2E N2    C2     sing N N 92  
C2E N3    C2     doub N N 93  
C2E N3    C4     sing N N 94  
C2E C4    C5     doub Y N 95  
C2E P11   O21    sing N N 96  
C2E P11   O5A    sing N N 97  
C2E O11   P11    doub N N 98  
C2E C5A   O5A    sing N N 99  
C2E C5A   C4A    sing N N 100 
C2E C4A   O4A    sing N N 101 
C2E C4A   C3A    sing N N 102 
C2E O4A   C1A    sing N N 103 
C2E C3A   C2A    sing N N 104 
C2E O3A   C3A    sing N N 105 
C2E O3A   P1     sing N N 106 
C2E C2A   O2A    sing N N 107 
C2E C1A   C2A    sing N N 108 
C2E C1A   N91    sing N N 109 
C2E N91   C41    sing Y N 110 
C2E C81   N71    doub Y N 111 
C2E C81   N91    sing Y N 112 
C2E N71   C51    sing Y N 113 
C2E C51   C41    doub Y N 114 
C2E C51   C61    sing N N 115 
C2E C61   O61    doub N N 116 
C2E C61   N11    sing N N 117 
C2E C21   N11    sing N N 118 
C2E C21   N21    sing N N 119 
C2E N31   C21    doub N N 120 
C2E C41   N31    sing N N 121 
C2E O2P   HO2P   sing N N 122 
C2E "C5'" "H5'1" sing N N 123 
C2E "C5'" "H5'2" sing N N 124 
C2E "C4'" "H4'"  sing N N 125 
C2E "C3'" "H3'"  sing N N 126 
C2E "C2'" "H2'"  sing N N 127 
C2E "O2'" "HO2'" sing N N 128 
C2E "C1'" "H1'"  sing N N 129 
C2E C8    H8     sing N N 130 
C2E N1    HN1    sing N N 131 
C2E N2    HN21   sing N N 132 
C2E N2    HN22   sing N N 133 
C2E O21   HO21   sing N N 134 
C2E C5A   H511   sing N N 135 
C2E C5A   H512   sing N N 136 
C2E C4A   H4A    sing N N 137 
C2E C3A   H3A    sing N N 138 
C2E C2A   H2A    sing N N 139 
C2E O2A   HO2A   sing N N 140 
C2E C1A   H1A    sing N N 141 
C2E C81   H81    sing N N 142 
C2E N11   HN11   sing N N 143 
C2E N21   HN24   sing N N 144 
C2E N21   HN23   sing N N 145 
CYS N     CA     sing N N 146 
CYS N     H      sing N N 147 
CYS N     H2     sing N N 148 
CYS CA    C      sing N N 149 
CYS CA    CB     sing N N 150 
CYS CA    HA     sing N N 151 
CYS C     O      doub N N 152 
CYS C     OXT    sing N N 153 
CYS CB    SG     sing N N 154 
CYS CB    HB2    sing N N 155 
CYS CB    HB3    sing N N 156 
CYS SG    HG     sing N N 157 
CYS OXT   HXT    sing N N 158 
GLN N     CA     sing N N 159 
GLN N     H      sing N N 160 
GLN N     H2     sing N N 161 
GLN CA    C      sing N N 162 
GLN CA    CB     sing N N 163 
GLN CA    HA     sing N N 164 
GLN C     O      doub N N 165 
GLN C     OXT    sing N N 166 
GLN CB    CG     sing N N 167 
GLN CB    HB2    sing N N 168 
GLN CB    HB3    sing N N 169 
GLN CG    CD     sing N N 170 
GLN CG    HG2    sing N N 171 
GLN CG    HG3    sing N N 172 
GLN CD    OE1    doub N N 173 
GLN CD    NE2    sing N N 174 
GLN NE2   HE21   sing N N 175 
GLN NE2   HE22   sing N N 176 
GLN OXT   HXT    sing N N 177 
GLU N     CA     sing N N 178 
GLU N     H      sing N N 179 
GLU N     H2     sing N N 180 
GLU CA    C      sing N N 181 
GLU CA    CB     sing N N 182 
GLU CA    HA     sing N N 183 
GLU C     O      doub N N 184 
GLU C     OXT    sing N N 185 
GLU CB    CG     sing N N 186 
GLU CB    HB2    sing N N 187 
GLU CB    HB3    sing N N 188 
GLU CG    CD     sing N N 189 
GLU CG    HG2    sing N N 190 
GLU CG    HG3    sing N N 191 
GLU CD    OE1    doub N N 192 
GLU CD    OE2    sing N N 193 
GLU OE2   HE2    sing N N 194 
GLU OXT   HXT    sing N N 195 
GLY N     CA     sing N N 196 
GLY N     H      sing N N 197 
GLY N     H2     sing N N 198 
GLY CA    C      sing N N 199 
GLY CA    HA2    sing N N 200 
GLY CA    HA3    sing N N 201 
GLY C     O      doub N N 202 
GLY C     OXT    sing N N 203 
GLY OXT   HXT    sing N N 204 
HIS N     CA     sing N N 205 
HIS N     H      sing N N 206 
HIS N     H2     sing N N 207 
HIS CA    C      sing N N 208 
HIS CA    CB     sing N N 209 
HIS CA    HA     sing N N 210 
HIS C     O      doub N N 211 
HIS C     OXT    sing N N 212 
HIS CB    CG     sing N N 213 
HIS CB    HB2    sing N N 214 
HIS CB    HB3    sing N N 215 
HIS CG    ND1    sing Y N 216 
HIS CG    CD2    doub Y N 217 
HIS ND1   CE1    doub Y N 218 
HIS ND1   HD1    sing N N 219 
HIS CD2   NE2    sing Y N 220 
HIS CD2   HD2    sing N N 221 
HIS CE1   NE2    sing Y N 222 
HIS CE1   HE1    sing N N 223 
HIS NE2   HE2    sing N N 224 
HIS OXT   HXT    sing N N 225 
HOH O     H1     sing N N 226 
HOH O     H2     sing N N 227 
ILE N     CA     sing N N 228 
ILE N     H      sing N N 229 
ILE N     H2     sing N N 230 
ILE CA    C      sing N N 231 
ILE CA    CB     sing N N 232 
ILE CA    HA     sing N N 233 
ILE C     O      doub N N 234 
ILE C     OXT    sing N N 235 
ILE CB    CG1    sing N N 236 
ILE CB    CG2    sing N N 237 
ILE CB    HB     sing N N 238 
ILE CG1   CD1    sing N N 239 
ILE CG1   HG12   sing N N 240 
ILE CG1   HG13   sing N N 241 
ILE CG2   HG21   sing N N 242 
ILE CG2   HG22   sing N N 243 
ILE CG2   HG23   sing N N 244 
ILE CD1   HD11   sing N N 245 
ILE CD1   HD12   sing N N 246 
ILE CD1   HD13   sing N N 247 
ILE OXT   HXT    sing N N 248 
LEU N     CA     sing N N 249 
LEU N     H      sing N N 250 
LEU N     H2     sing N N 251 
LEU CA    C      sing N N 252 
LEU CA    CB     sing N N 253 
LEU CA    HA     sing N N 254 
LEU C     O      doub N N 255 
LEU C     OXT    sing N N 256 
LEU CB    CG     sing N N 257 
LEU CB    HB2    sing N N 258 
LEU CB    HB3    sing N N 259 
LEU CG    CD1    sing N N 260 
LEU CG    CD2    sing N N 261 
LEU CG    HG     sing N N 262 
LEU CD1   HD11   sing N N 263 
LEU CD1   HD12   sing N N 264 
LEU CD1   HD13   sing N N 265 
LEU CD2   HD21   sing N N 266 
LEU CD2   HD22   sing N N 267 
LEU CD2   HD23   sing N N 268 
LEU OXT   HXT    sing N N 269 
LYS N     CA     sing N N 270 
LYS N     H      sing N N 271 
LYS N     H2     sing N N 272 
LYS CA    C      sing N N 273 
LYS CA    CB     sing N N 274 
LYS CA    HA     sing N N 275 
LYS C     O      doub N N 276 
LYS C     OXT    sing N N 277 
LYS CB    CG     sing N N 278 
LYS CB    HB2    sing N N 279 
LYS CB    HB3    sing N N 280 
LYS CG    CD     sing N N 281 
LYS CG    HG2    sing N N 282 
LYS CG    HG3    sing N N 283 
LYS CD    CE     sing N N 284 
LYS CD    HD2    sing N N 285 
LYS CD    HD3    sing N N 286 
LYS CE    NZ     sing N N 287 
LYS CE    HE2    sing N N 288 
LYS CE    HE3    sing N N 289 
LYS NZ    HZ1    sing N N 290 
LYS NZ    HZ2    sing N N 291 
LYS NZ    HZ3    sing N N 292 
LYS OXT   HXT    sing N N 293 
MET N     CA     sing N N 294 
MET N     H      sing N N 295 
MET N     H2     sing N N 296 
MET CA    C      sing N N 297 
MET CA    CB     sing N N 298 
MET CA    HA     sing N N 299 
MET C     O      doub N N 300 
MET C     OXT    sing N N 301 
MET CB    CG     sing N N 302 
MET CB    HB2    sing N N 303 
MET CB    HB3    sing N N 304 
MET CG    SD     sing N N 305 
MET CG    HG2    sing N N 306 
MET CG    HG3    sing N N 307 
MET SD    CE     sing N N 308 
MET CE    HE1    sing N N 309 
MET CE    HE2    sing N N 310 
MET CE    HE3    sing N N 311 
MET OXT   HXT    sing N N 312 
PHE N     CA     sing N N 313 
PHE N     H      sing N N 314 
PHE N     H2     sing N N 315 
PHE CA    C      sing N N 316 
PHE CA    CB     sing N N 317 
PHE CA    HA     sing N N 318 
PHE C     O      doub N N 319 
PHE C     OXT    sing N N 320 
PHE CB    CG     sing N N 321 
PHE CB    HB2    sing N N 322 
PHE CB    HB3    sing N N 323 
PHE CG    CD1    doub Y N 324 
PHE CG    CD2    sing Y N 325 
PHE CD1   CE1    sing Y N 326 
PHE CD1   HD1    sing N N 327 
PHE CD2   CE2    doub Y N 328 
PHE CD2   HD2    sing N N 329 
PHE CE1   CZ     doub Y N 330 
PHE CE1   HE1    sing N N 331 
PHE CE2   CZ     sing Y N 332 
PHE CE2   HE2    sing N N 333 
PHE CZ    HZ     sing N N 334 
PHE OXT   HXT    sing N N 335 
PRO N     CA     sing N N 336 
PRO N     CD     sing N N 337 
PRO N     H      sing N N 338 
PRO CA    C      sing N N 339 
PRO CA    CB     sing N N 340 
PRO CA    HA     sing N N 341 
PRO C     O      doub N N 342 
PRO C     OXT    sing N N 343 
PRO CB    CG     sing N N 344 
PRO CB    HB2    sing N N 345 
PRO CB    HB3    sing N N 346 
PRO CG    CD     sing N N 347 
PRO CG    HG2    sing N N 348 
PRO CG    HG3    sing N N 349 
PRO CD    HD2    sing N N 350 
PRO CD    HD3    sing N N 351 
PRO OXT   HXT    sing N N 352 
SER N     CA     sing N N 353 
SER N     H      sing N N 354 
SER N     H2     sing N N 355 
SER CA    C      sing N N 356 
SER CA    CB     sing N N 357 
SER CA    HA     sing N N 358 
SER C     O      doub N N 359 
SER C     OXT    sing N N 360 
SER CB    OG     sing N N 361 
SER CB    HB2    sing N N 362 
SER CB    HB3    sing N N 363 
SER OG    HG     sing N N 364 
SER OXT   HXT    sing N N 365 
THR N     CA     sing N N 366 
THR N     H      sing N N 367 
THR N     H2     sing N N 368 
THR CA    C      sing N N 369 
THR CA    CB     sing N N 370 
THR CA    HA     sing N N 371 
THR C     O      doub N N 372 
THR C     OXT    sing N N 373 
THR CB    OG1    sing N N 374 
THR CB    CG2    sing N N 375 
THR CB    HB     sing N N 376 
THR OG1   HG1    sing N N 377 
THR CG2   HG21   sing N N 378 
THR CG2   HG22   sing N N 379 
THR CG2   HG23   sing N N 380 
THR OXT   HXT    sing N N 381 
TYR N     CA     sing N N 382 
TYR N     H      sing N N 383 
TYR N     H2     sing N N 384 
TYR CA    C      sing N N 385 
TYR CA    CB     sing N N 386 
TYR CA    HA     sing N N 387 
TYR C     O      doub N N 388 
TYR C     OXT    sing N N 389 
TYR CB    CG     sing N N 390 
TYR CB    HB2    sing N N 391 
TYR CB    HB3    sing N N 392 
TYR CG    CD1    doub Y N 393 
TYR CG    CD2    sing Y N 394 
TYR CD1   CE1    sing Y N 395 
TYR CD1   HD1    sing N N 396 
TYR CD2   CE2    doub Y N 397 
TYR CD2   HD2    sing N N 398 
TYR CE1   CZ     doub Y N 399 
TYR CE1   HE1    sing N N 400 
TYR CE2   CZ     sing Y N 401 
TYR CE2   HE2    sing N N 402 
TYR CZ    OH     sing N N 403 
TYR OH    HH     sing N N 404 
TYR OXT   HXT    sing N N 405 
VAL N     CA     sing N N 406 
VAL N     H      sing N N 407 
VAL N     H2     sing N N 408 
VAL CA    C      sing N N 409 
VAL CA    CB     sing N N 410 
VAL CA    HA     sing N N 411 
VAL C     O      doub N N 412 
VAL C     OXT    sing N N 413 
VAL CB    CG1    sing N N 414 
VAL CB    CG2    sing N N 415 
VAL CB    HB     sing N N 416 
VAL CG1   HG11   sing N N 417 
VAL CG1   HG12   sing N N 418 
VAL CG1   HG13   sing N N 419 
VAL CG2   HG21   sing N N 420 
VAL CG2   HG22   sing N N 421 
VAL CG2   HG23   sing N N 422 
VAL OXT   HXT    sing N N 423 
# 
loop_
_pdbx_audit_support.funding_organization 
_pdbx_audit_support.country 
_pdbx_audit_support.grant_number 
_pdbx_audit_support.ordinal 
'Ministry of Science and Technology (MoST, Taiwan)' Taiwan 109-2311-B241-001      1 
'Ministry of Science and Technology (MoST, Taiwan)' Taiwan 111-2311-B-039-001-MY3 2 
# 
_pdbx_entity_instance_feature.ordinal        1 
_pdbx_entity_instance_feature.comp_id        C2E 
_pdbx_entity_instance_feature.asym_id        ? 
_pdbx_entity_instance_feature.seq_num        ? 
_pdbx_entity_instance_feature.auth_comp_id   C2E 
_pdbx_entity_instance_feature.auth_asym_id   ? 
_pdbx_entity_instance_feature.auth_seq_num   ? 
_pdbx_entity_instance_feature.feature_type   'SUBJECT OF INVESTIGATION' 
_pdbx_entity_instance_feature.details        ? 
# 
_pdbx_initial_refinement_model.id               1 
_pdbx_initial_refinement_model.entity_id_list   ? 
_pdbx_initial_refinement_model.type             'experimental model' 
_pdbx_initial_refinement_model.source_name      PDB 
_pdbx_initial_refinement_model.accession_code   7EBD 
_pdbx_initial_refinement_model.details          ? 
# 
_atom_sites.entry_id                    8HY9 
_atom_sites.Cartn_transf_matrix[1][1]   ? 
_atom_sites.Cartn_transf_matrix[1][2]   ? 
_atom_sites.Cartn_transf_matrix[1][3]   ? 
_atom_sites.Cartn_transf_matrix[2][1]   ? 
_atom_sites.Cartn_transf_matrix[2][2]   ? 
_atom_sites.Cartn_transf_matrix[2][3]   ? 
_atom_sites.Cartn_transf_matrix[3][1]   ? 
_atom_sites.Cartn_transf_matrix[3][2]   ? 
_atom_sites.Cartn_transf_matrix[3][3]   ? 
_atom_sites.Cartn_transf_vector[1]      ? 
_atom_sites.Cartn_transf_vector[2]      ? 
_atom_sites.Cartn_transf_vector[3]      ? 
_atom_sites.fract_transf_matrix[1][1]   -0.00229369 
_atom_sites.fract_transf_matrix[1][2]   0.00896541 
_atom_sites.fract_transf_matrix[1][3]   0.00475739 
_atom_sites.fract_transf_matrix[2][1]   0.01505021 
_atom_sites.fract_transf_matrix[2][2]   0.01186199 
_atom_sites.fract_transf_matrix[2][3]   -0.01509799 
_atom_sites.fract_transf_matrix[3][1]   -0.02250945 
_atom_sites.fract_transf_matrix[3][2]   0.01041921 
_atom_sites.fract_transf_matrix[3][3]   -0.01425219 
_atom_sites.fract_transf_vector[1]      -0.114494 
_atom_sites.fract_transf_vector[2]      0.389446 
_atom_sites.fract_transf_vector[3]      0.452591 
_atom_sites.solution_primary            ? 
_atom_sites.solution_secondary          ? 
_atom_sites.solution_hydrogens          ? 
_atom_sites.special_details             ? 
# 
loop_
_atom_type.symbol 
_atom_type.pdbx_scat_Z 
_atom_type.pdbx_N_electrons 
_atom_type.scat_Cromer_Mann_a1 
_atom_type.scat_Cromer_Mann_b1 
_atom_type.scat_Cromer_Mann_a2 
_atom_type.scat_Cromer_Mann_b2 
_atom_type.scat_Cromer_Mann_a3 
_atom_type.scat_Cromer_Mann_b3 
_atom_type.scat_Cromer_Mann_a4 
_atom_type.scat_Cromer_Mann_b4 
_atom_type.scat_Cromer_Mann_c 
C  6  6  2.310  20.844 1.020 10.208 1.589 0.569  0.865 51.651  0.216   
CA 20 20 8.627  10.442 7.387 0.660  1.590 85.748 1.021 178.437 1.375   
H  1  1  0.493  10.511 0.323 26.126 0.140 3.142  0.041 57.800  0.003   
N  7  7  12.222 0.006  3.135 9.893  2.014 28.997 1.167 0.583   -11.538 
O  8  8  3.049  13.277 2.287 5.701  1.546 0.324  0.867 32.909  0.251   
P  15 15 6.435  1.907  4.179 27.157 1.780 0.526  1.491 68.164  1.115   
S  16 16 6.905  1.468  5.203 22.215 1.438 0.254  1.586 56.172  0.867   
# 
loop_
_atom_site.group_PDB 
_atom_site.id 
_atom_site.type_symbol 
_atom_site.label_atom_id 
_atom_site.label_alt_id 
_atom_site.label_comp_id 
_atom_site.label_asym_id 
_atom_site.label_entity_id 
_atom_site.label_seq_id 
_atom_site.pdbx_PDB_ins_code 
_atom_site.Cartn_x 
_atom_site.Cartn_y 
_atom_site.Cartn_z 
_atom_site.occupancy 
_atom_site.B_iso_or_equiv 
_atom_site.pdbx_formal_charge 
_atom_site.auth_seq_id 
_atom_site.auth_comp_id 
_atom_site.auth_asym_id 
_atom_site.auth_atom_id 
_atom_site.pdbx_PDB_model_num 
_atom_site.calc_flag 
ATOM   1    N  N     . GLY A 1 4   ? -15.586 2.031   12.685  1.000 40.522 0 4   GLY A N     1 ? 
ATOM   2    C  CA    . GLY A 1 4   ? -15.697 0.640   13.237  1.000 40.040 0 4   GLY A CA    1 ? 
ATOM   3    C  C     . GLY A 1 4   ? -14.369 0.154   13.796  1.000 35.149 0 4   GLY A C     1 ? 
ATOM   4    O  O     . GLY A 1 4   ? -14.056 0.475   14.957  1.000 32.978 0 4   GLY A O     1 ? 
ATOM   5    N  N     . PHE A 1 5   ? -13.610 -0.616  13.017  1.000 28.926 0 5   PHE A N     1 ? 
ATOM   6    C  CA    . PHE A 1 5   ? -12.280 -1.104  13.433  1.000 24.977 0 5   PHE A CA    1 ? 
ATOM   7    C  C     . PHE A 1 5   ? -11.230 -0.128  12.940  1.000 18.153 0 5   PHE A C     1 ? 
ATOM   8    O  O     . PHE A 1 5   ? -11.319 0.418   11.843  1.000 15.567 0 5   PHE A O     1 ? 
ATOM   9    C  CB    . PHE A 1 5   ? -12.003 -2.519  12.931  1.000 28.064 0 5   PHE A CB    1 ? 
ATOM   10   C  CG    . PHE A 1 5   ? -12.724 -3.590  13.713  1.000 31.186 0 5   PHE A CG    1 ? 
ATOM   11   C  CD1   . PHE A 1 5   ? -13.844 -4.224  13.186  1.000 37.204 0 5   PHE A CD1   1 ? 
ATOM   12   C  CD2   . PHE A 1 5   ? -12.279 -3.973  14.967  1.000 32.858 0 5   PHE A CD2   1 ? 
ATOM   13   C  CE1   . PHE A 1 5   ? -14.498 -5.218  13.900  1.000 37.375 0 5   PHE A CE1   1 ? 
ATOM   14   C  CE2   . PHE A 1 5   ? -12.951 -4.949  15.690  1.000 36.582 0 5   PHE A CE2   1 ? 
ATOM   15   C  CZ    . PHE A 1 5   ? -14.052 -5.575  15.151  1.000 36.144 0 5   PHE A CZ    1 ? 
ATOM   16   N  N     . PRO A 1 6   ? -10.207 0.154   13.763  1.000 15.912 0 6   PRO A N     1 ? 
ATOM   17   C  CA    . PRO A 1 6   ? -9.112  0.991   13.331  1.000 15.674 0 6   PRO A CA    1 ? 
ATOM   18   C  C     . PRO A 1 6   ? -8.524  0.569   11.989  1.000 13.360 0 6   PRO A C     1 ? 
ATOM   19   O  O     . PRO A 1 6   ? -8.292  1.446   11.174  1.000 11.973 0 6   PRO A O     1 ? 
ATOM   20   C  CB    . PRO A 1 6   ? -8.090  0.854   14.456  1.000 17.102 0 6   PRO A CB    1 ? 
ATOM   21   C  CG    . PRO A 1 6   ? -8.969  0.678   15.676  1.000 18.240 0 6   PRO A CG    1 ? 
ATOM   22   C  CD    . PRO A 1 6   ? -10.121 -0.178  15.190  1.000 18.420 0 6   PRO A CD    1 ? 
ATOM   23   N  N     . SER A 1 7   ? -8.258  -0.719  11.758  1.000 12.649 0 7   SER A N     1 ? 
ATOM   24   C  CA    . SER A 1 7   ? -7.588  -1.167  10.513  1.000 13.604 0 7   SER A CA    1 ? 
ATOM   25   C  C     . SER A 1 7   ? -8.436  -0.761  9.295   1.000 12.546 0 7   SER A C     1 ? 
ATOM   26   O  O     . SER A 1 7   ? -7.883  -0.298  8.293   1.000 12.251 0 7   SER A O     1 ? 
ATOM   27   C  CB    . SER A 1 7   ? -7.308  -2.668  10.535  1.000 16.955 0 7   SER A CB    1 ? 
ATOM   28   O  OG    . SER A 1 7   ? -8.505  -3.379  10.771  1.000 23.445 0 7   SER A OG    1 ? 
ATOM   29   N  N     . SER A 1 8   ? -9.752  -0.866  9.372   1.000 10.775 0 8   SER A N     1 ? 
ATOM   30   C  CA    . SER A 1 8   ? -10.680 -0.468  8.286   1.000 10.027 0 8   SER A CA    1 ? 
ATOM   31   C  C     . SER A 1 8   ? -10.529 1.035   8.004   1.000 11.599 0 8   SER A C     1 ? 
ATOM   32   O  O     . SER A 1 8   ? -10.522 1.446   6.839   1.000 11.299 0 8   SER A O     1 ? 
ATOM   33   C  CB    . SER A 1 8   ? -12.071 -0.809  8.634   1.000 11.370 0 8   SER A CB    1 ? 
ATOM   34   O  OG    . SER A 1 8   ? -12.185 -2.181  8.981   1.000 14.971 0 8   SER A OG    1 ? 
ATOM   35   N  N     . THR A 1 9   ? -10.466 1.846   9.044   1.000 10.525 0 9   THR A N     1 ? 
ATOM   36   C  CA    . THR A 1 9   ? -10.385 3.321   8.908   1.000 10.281 0 9   THR A CA    1 ? 
ATOM   37   C  C     . THR A 1 9   ? -9.021  3.690   8.303   1.000 9.609  0 9   THR A C     1 ? 
ATOM   38   O  O     . THR A 1 9   ? -8.988  4.625   7.469   1.000 10.072 0 9   THR A O     1 ? 
ATOM   39   C  CB    . THR A 1 9   ? -10.704 4.016   10.241  1.000 12.976 0 9   THR A CB    1 ? 
ATOM   40   O  OG1   . THR A 1 9   ? -12.083 3.733   10.536  1.000 16.646 0 9   THR A OG1   1 ? 
ATOM   41   C  CG2   . THR A 1 9   ? -10.521 5.504   10.199  1.000 16.928 0 9   THR A CG2   1 ? 
ATOM   42   N  N     . LEU A 1 10  ? -7.952  3.030   8.681   1.000 9.375  0 10  LEU A N     1 ? 
ATOM   43   C  CA    . LEU A 1 10  ? -6.619  3.269   8.095   1.000 9.556  0 10  LEU A CA    1 ? 
ATOM   44   C  C     . LEU A 1 10  ? -6.693  2.919   6.599   1.000 9.252  0 10  LEU A C     1 ? 
ATOM   45   O  O     . LEU A 1 10  ? -6.117  3.652   5.768   1.000 8.884  0 10  LEU A O     1 ? 
ATOM   46   C  CB    . LEU A 1 10  ? -5.522  2.444   8.754   1.000 10.337 0 10  LEU A CB    1 ? 
ATOM   47   C  CG    . LEU A 1 10  ? -5.214  2.754   10.222  1.000 11.250 0 10  LEU A CG    1 ? 
ATOM   48   C  CD1   . LEU A 1 10  ? -4.247  1.740   10.812  1.000 13.921 0 10  LEU A CD1   1 ? 
ATOM   49   C  CD2   . LEU A 1 10  ? -4.640  4.152   10.388  1.000 13.015 0 10  LEU A CD2   1 ? 
ATOM   50   N  N     . ALA A 1 11  ? -7.341  1.817   6.220   1.000 9.249  0 11  ALA A N     1 ? 
ATOM   51   C  CA    . ALA A 1 11  ? -7.481  1.495   4.775   1.000 8.729  0 11  ALA A CA    1 ? 
ATOM   52   C  C     . ALA A 1 11  ? -8.263  2.601   4.071   1.000 8.507  0 11  ALA A C     1 ? 
ATOM   53   O  O     . ALA A 1 11  ? -7.947  2.927   2.911   1.000 8.316  0 11  ALA A O     1 ? 
ATOM   54   C  CB    . ALA A 1 11  ? -8.153  0.153   4.598   1.000 8.291  0 11  ALA A CB    1 ? 
ATOM   55   N  N     . ALA A 1 12  ? -9.301  3.145   4.697   1.000 8.568  0 12  ALA A N     1 ? 
ATOM   56   C  CA    . ALA A 1 12  ? -10.152 4.156   4.073   1.000 8.972  0 12  ALA A CA    1 ? 
ATOM   57   C  C     . ALA A 1 12  ? -9.321  5.407   3.781   1.000 9.277  0 12  ALA A C     1 ? 
ATOM   58   O  O     . ALA A 1 12  ? -9.507  5.964   2.706   1.000 9.900  0 12  ALA A O     1 ? 
ATOM   59   C  CB    . ALA A 1 12  ? -11.357 4.468   4.936   1.000 10.048 0 12  ALA A CB    1 ? 
ATOM   60   N  N     . VAL A 1 13  ? -8.453  5.852   4.682   1.000 8.712  0 13  VAL A N     1 ? 
ATOM   61   C  CA    . VAL A 1 13  ? -7.652  7.071   4.409   1.000 8.805  0 13  VAL A CA    1 ? 
ATOM   62   C  C     . VAL A 1 13  ? -6.579  6.760   3.392   1.000 8.428  0 13  VAL A C     1 ? 
ATOM   63   O  O     . VAL A 1 13  ? -6.269  7.611   2.564   1.000 8.269  0 13  VAL A O     1 ? 
ATOM   64   C  CB    . VAL A 1 13  ? -7.061  7.733   5.666   1.000 9.996  0 13  VAL A CB    1 ? 
ATOM   65   C  CG1   . VAL A 1 13  ? -8.175  8.155   6.539   1.000 11.363 0 13  VAL A CG1   1 ? 
ATOM   66   C  CG2   . VAL A 1 13  ? -6.071  6.912   6.444   1.000 9.462  0 13  VAL A CG2   1 ? 
ATOM   67   N  N     . TYR A 1 14  ? -5.987  5.596   3.434   1.000 6.935  0 14  TYR A N     1 ? 
ATOM   68   C  CA    . TYR A 1 14  ? -4.981  5.192   2.463   1.000 7.724  0 14  TYR A CA    1 ? 
ATOM   69   C  C     . TYR A 1 14  ? -5.635  5.169   1.071   1.000 7.403  0 14  TYR A C     1 ? 
ATOM   70   O  O     . TYR A 1 14  ? -5.036  5.634   0.092   1.000 7.157  0 14  TYR A O     1 ? 
ATOM   71   C  CB    . TYR A 1 14  ? -4.441  3.837   2.885   1.000 8.329  0 14  TYR A CB    1 ? 
ATOM   72   C  CG    . TYR A 1 14  ? -3.444  3.253   1.936   1.000 9.032  0 14  TYR A CG    1 ? 
ATOM   73   C  CD1   . TYR A 1 14  ? -2.241  3.839   1.697   1.000 9.553  0 14  TYR A CD1   1 ? 
ATOM   74   C  CD2   . TYR A 1 14  ? -3.733  2.066   1.283   1.000 9.187  0 14  TYR A CD2   1 ? 
ATOM   75   C  CE1   . TYR A 1 14  ? -1.315  3.275   0.830   1.000 9.502  0 14  TYR A CE1   1 ? 
ATOM   76   C  CE2   . TYR A 1 14  ? -2.821  1.472   0.438   1.000 10.599 0 14  TYR A CE2   1 ? 
ATOM   77   C  CZ    . TYR A 1 14  ? -1.621  2.091   0.186   1.000 8.968  0 14  TYR A CZ    1 ? 
ATOM   78   O  OH    . TYR A 1 14  ? -0.704  1.510   -0.616  1.000 11.435 0 14  TYR A OH    1 ? 
ATOM   79   N  N     . TYR A 1 15  ? -6.837  4.626   0.981   1.000 7.968  0 15  TYR A N     1 ? 
ATOM   80   C  CA    . TYR A 1 15  ? -7.582  4.597   -0.308  1.000 7.895  0 15  TYR A CA    1 ? 
ATOM   81   C  C     . TYR A 1 15  ? -7.926  5.994   -0.779  1.000 9.043  0 15  TYR A C     1 ? 
ATOM   82   O  O     . TYR A 1 15  ? -7.566  6.376   -1.870  1.000 8.880  0 15  TYR A O     1 ? 
ATOM   83   C  CB    . TYR A 1 15  ? -8.865  3.800   -0.186  1.000 8.504  0 15  TYR A CB    1 ? 
ATOM   84   C  CG    . TYR A 1 15  ? -9.619  3.720   -1.473  1.000 9.003  0 15  TYR A CG    1 ? 
ATOM   85   C  CD1   . TYR A 1 15  ? -9.147  2.939   -2.503  1.000 10.013 0 15  TYR A CD1   1 ? 
ATOM   86   C  CD2   . TYR A 1 15  ? -10.732 4.506   -1.697  1.000 10.012 0 15  TYR A CD2   1 ? 
ATOM   87   C  CE1   . TYR A 1 15  ? -9.776  2.935   -3.731  1.000 10.428 0 15  TYR A CE1   1 ? 
ATOM   88   C  CE2   . TYR A 1 15  ? -11.381 4.508   -2.916  1.000 10.220 0 15  TYR A CE2   1 ? 
ATOM   89   C  CZ    . TYR A 1 15  ? -10.876 3.726   -3.942  1.000 10.964 0 15  TYR A CZ    1 ? 
ATOM   90   O  OH    . TYR A 1 15  ? -11.476 3.704   -5.179  1.000 12.985 0 15  TYR A OH    1 ? 
ATOM   91   N  N     . GLU A 1 16  ? -8.579  6.790   0.062   1.000 9.119  0 16  GLU A N     1 ? 
ATOM   92   C  CA    . GLU A 1 16  ? -9.100  8.106   -0.373  1.000 10.583 0 16  GLU A CA    1 ? 
ATOM   93   C  C     . GLU A 1 16  ? -7.949  9.044   -0.713  1.000 9.339  0 16  GLU A C     1 ? 
ATOM   94   O  O     . GLU A 1 16  ? -8.093  9.797   -1.696  1.000 10.483 0 16  GLU A O     1 ? 
ATOM   95   C  CB    . GLU A 1 16  ? -10.034 8.686   0.675   1.000 14.046 0 16  GLU A CB    1 ? 
ATOM   96   C  CG    . GLU A 1 16  ? -11.356 7.931   0.767   1.000 17.719 0 16  GLU A CG    1 ? 
ATOM   97   C  CD    . GLU A 1 16  ? -12.244 7.900   -0.486  1.000 23.010 0 16  GLU A CD    1 ? 
ATOM   98   O  OE1   . GLU A 1 16  ? -13.044 6.941   -0.629  1.000 32.405 0 16  GLU A OE1   1 ? 
ATOM   99   O  OE2   . GLU A 1 16  ? -12.128 8.809   -1.319  1.000 27.710 0 16  GLU A OE2   1 ? 
ATOM   100  N  N     . ASN A 1 17  ? -6.865  9.034   0.046   1.000 8.901  0 17  ASN A N     1 ? 
ATOM   101  C  CA    . ASN A 1 17  ? -5.840  10.091  -0.059  1.000 9.763  0 17  ASN A CA    1 ? 
ATOM   102  C  C     . ASN A 1 17  ? -4.626  9.575   -0.810  1.000 9.657  0 17  ASN A C     1 ? 
ATOM   103  O  O     . ASN A 1 17  ? -3.702  10.364  -1.018  1.000 12.702 0 17  ASN A O     1 ? 
ATOM   104  C  CB    . ASN A 1 17  ? -5.453  10.656  1.318   1.000 9.088  0 17  ASN A CB    1 ? 
ATOM   105  C  CG    . ASN A 1 17  ? -6.615  11.374  1.965   1.000 11.273 0 17  ASN A CG    1 ? 
ATOM   106  O  OD1   . ASN A 1 17  ? -6.829  11.323  3.195   1.000 12.653 0 17  ASN A OD1   1 ? 
ATOM   107  N  ND2   . ASN A 1 17  ? -7.390  12.029  1.149   1.000 11.657 0 17  ASN A ND2   1 ? 
ATOM   108  N  N     . PHE A 1 18  ? -4.595  8.337   -1.284  1.000 8.413  0 18  PHE A N     1 ? 
ATOM   109  C  CA    . PHE A 1 18  ? -3.427  7.829   -2.034  1.000 7.796  0 18  PHE A CA    1 ? 
ATOM   110  C  C     . PHE A 1 18  ? -3.847  6.899   -3.158  1.000 8.031  0 18  PHE A C     1 ? 
ATOM   111  O  O     . PHE A 1 18  ? -3.537  7.165   -4.338  1.000 7.927  0 18  PHE A O     1 ? 
ATOM   112  C  CB    . PHE A 1 18  ? -2.382  7.165   -1.131  1.000 8.395  0 18  PHE A CB    1 ? 
ATOM   113  C  CG    . PHE A 1 18  ? -1.297  6.478   -1.908  1.000 10.084 0 18  PHE A CG    1 ? 
ATOM   114  C  CD1   . PHE A 1 18  ? -1.295  5.106   -2.006  1.000 11.419 0 18  PHE A CD1   1 ? 
ATOM   115  C  CD2   . PHE A 1 18  ? -0.379  7.191   -2.666  1.000 11.735 0 18  PHE A CD2   1 ? 
ATOM   116  C  CE1   . PHE A 1 18  ? -0.372  4.446   -2.790  1.000 12.871 0 18  PHE A CE1   1 ? 
ATOM   117  C  CE2   . PHE A 1 18  ? 0.566   6.519   -3.427  1.000 13.089 0 18  PHE A CE2   1 ? 
ATOM   118  C  CZ    . PHE A 1 18  ? 0.558   5.152   -3.500  1.000 13.379 0 18  PHE A CZ    1 ? 
ATOM   119  N  N     . VAL A 1 19  ? -4.510  5.811   -2.857  1.000 7.142  0 19  VAL A N     1 ? 
ATOM   120  C  CA    . VAL A 1 19  ? -4.774  4.796   -3.918  1.000 7.891  0 19  VAL A CA    1 ? 
ATOM   121  C  C     . VAL A 1 19  ? -5.708  5.403   -4.961  1.000 7.647  0 19  VAL A C     1 ? 
ATOM   122  O  O     . VAL A 1 19  ? -5.433  5.262   -6.169  1.000 7.058  0 19  VAL A O     1 ? 
ATOM   123  C  CB    . VAL A 1 19  ? -5.330  3.501   -3.328  1.000 8.327  0 19  VAL A CB    1 ? 
ATOM   124  C  CG1   . VAL A 1 19  ? -5.662  2.492   -4.452  1.000 9.275  0 19  VAL A CG1   1 ? 
ATOM   125  C  CG2   . VAL A 1 19  ? -4.341  2.880   -2.369  1.000 8.765  0 19  VAL A CG2   1 ? 
ATOM   126  N  N     . LYS A 1 20  ? -6.805  6.013   -4.534  1.000 7.999  0 20  LYS A N     1 ? 
ATOM   127  C  CA    . LYS A 1 20  ? -7.800  6.566   -5.484  1.000 8.499  0 20  LYS A CA    1 ? 
ATOM   128  C  C     . LYS A 1 20  ? -7.153  7.612   -6.393  1.000 8.108  0 20  LYS A C     1 ? 
ATOM   129  O  O     . LYS A 1 20  ? -7.331  7.547   -7.594  1.000 7.804  0 20  LYS A O     1 ? 
ATOM   130  C  CB    . LYS A 1 20  ? -9.008  7.108   -4.716  1.000 10.146 0 20  LYS A CB    1 ? 
ATOM   131  C  CG    . LYS A 1 20  ? -10.055 7.748   -5.608  1.000 14.190 0 20  LYS A CG    1 ? 
ATOM   132  C  CD    . LYS A 1 20  ? -11.359 7.958   -4.927  1.000 17.866 0 20  LYS A CD    1 ? 
ATOM   133  C  CE    . LYS A 1 20  ? -11.360 9.161   -4.040  1.000 24.531 0 20  LYS A CE    1 ? 
ATOM   134  N  NZ    . LYS A 1 20  ? -12.730 9.454   -3.533  1.000 30.179 0 20  LYS A NZ    1 ? 
ATOM   135  N  N     . PRO A 1 21  ? -6.465  8.663   -5.888  1.000 8.205  0 21  PRO A N     1 ? 
ATOM   136  C  CA    . PRO A 1 21  ? -5.899  9.666   -6.788  1.000 8.494  0 21  PRO A CA    1 ? 
ATOM   137  C  C     . PRO A 1 21  ? -4.841  9.031   -7.709  1.000 8.476  0 21  PRO A C     1 ? 
ATOM   138  O  O     . PRO A 1 21  ? -4.660  9.497   -8.844  1.000 8.536  0 21  PRO A O     1 ? 
ATOM   139  C  CB    . PRO A 1 21  ? -5.354  10.749  -5.836  1.000 10.121 0 21  PRO A CB    1 ? 
ATOM   140  C  CG    . PRO A 1 21  ? -5.223  10.059  -4.512  1.000 10.129 0 21  PRO A CG    1 ? 
ATOM   141  C  CD    . PRO A 1 21  ? -6.324  9.035   -4.454  1.000 9.111  0 21  PRO A CD    1 ? 
ATOM   142  N  N     . THR A 1 22  ? -4.152  7.984   -7.254  1.000 7.116  0 22  THR A N     1 ? 
ATOM   143  C  CA    . THR A 1 22  ? -3.162  7.289   -8.125  1.000 7.435  0 22  THR A CA    1 ? 
ATOM   144  C  C     . THR A 1 22  ? -3.915  6.626   -9.291  1.000 7.747  0 22  THR A C     1 ? 
ATOM   145  O  O     . THR A 1 22  ? -3.508  6.746   -10.452 1.000 7.380  0 22  THR A O     1 ? 
ATOM   146  C  CB    . THR A 1 22  ? -2.269  6.335   -7.333  1.000 7.901  0 22  THR A CB    1 ? 
ATOM   147  O  OG1   . THR A 1 22  ? -1.553  7.114   -6.353  1.000 7.810  0 22  THR A OG1   1 ? 
ATOM   148  C  CG2   . THR A 1 22  ? -1.330  5.606   -8.254  1.000 7.972  0 22  THR A CG2   1 ? 
ATOM   149  N  N     . CYS A 1 23  ? -4.995  5.932   -8.999  1.000 7.354  0 23  CYS A N     1 ? 
ATOM   150  C  CA    . CYS A 1 23  ? -5.851  5.287   -10.014 1.000 7.585  0 23  CYS A CA    1 ? 
ATOM   151  C  C     . CYS A 1 23  ? -6.401  6.339   -10.965 1.000 8.333  0 23  CYS A C     1 ? 
ATOM   152  O  O     . CYS A 1 23  ? -6.349  6.129   -12.200 1.000 8.039  0 23  CYS A O     1 ? 
ATOM   153  C  CB    . CYS A 1 23  ? -7.003  4.542   -9.366  1.000 7.932  0 23  CYS A CB    1 ? 
ATOM   154  S  SG    . CYS A 1 23  ? -6.493  3.017   -8.547  1.000 8.571  0 23  CYS A SG    1 ? 
ATOM   155  N  N     . LEU A 1 24  ? -6.906  7.452   -10.426 1.000 7.749  0 24  LEU A N     1 ? 
ATOM   156  C  CA    . LEU A 1 24  ? -7.475  8.503   -11.294 1.000 7.782  0 24  LEU A CA    1 ? 
ATOM   157  C  C     . LEU A 1 24  ? -6.375  9.092   -12.196 1.000 8.041  0 24  LEU A C     1 ? 
ATOM   158  O  O     . LEU A 1 24  ? -6.653  9.345   -13.371 1.000 9.162  0 24  LEU A O     1 ? 
ATOM   159  C  CB    . LEU A 1 24  ? -8.128  9.566   -10.428 1.000 8.442  0 24  LEU A CB    1 ? 
ATOM   160  C  CG    . LEU A 1 24  ? -9.450  9.125   -9.823  1.000 10.272 0 24  LEU A CG    1 ? 
ATOM   161  C  CD1   . LEU A 1 24  ? -9.870  10.089  -8.696  1.000 11.573 0 24  LEU A CD1   1 ? 
ATOM   162  C  CD2   . LEU A 1 24  ? -10.520 8.992   -10.908 1.000 11.220 0 24  LEU A CD2   1 ? 
ATOM   163  N  N     . HIS A 1 25  ? -5.181  9.290   -11.685 1.000 7.644  0 25  HIS A N     1 ? 
ATOM   164  C  CA    . HIS A 1 25  ? -4.063  9.770   -12.514 1.000 8.133  0 25  HIS A CA    1 ? 
ATOM   165  C  C     . HIS A 1 25  ? -3.798  8.771   -13.628 1.000 8.700  0 25  HIS A C     1 ? 
ATOM   166  O  O     . HIS A 1 25  ? -3.616  9.187   -14.808 1.000 9.805  0 25  HIS A O     1 ? 
ATOM   167  C  CB    . HIS A 1 25  ? -2.839  10.013  -11.640 1.000 8.946  0 25  HIS A CB    1 ? 
ATOM   168  C  CG    . HIS A 1 25  ? -1.653  10.413  -12.445 1.000 9.641  0 25  HIS A CG    1 ? 
ATOM   169  N  ND1   . HIS A 1 25  ? -1.527  11.671  -12.999 1.000 11.552 0 25  HIS A ND1   1 ? 
ATOM   170  C  CD2   . HIS A 1 25  ? -0.541  9.731   -12.780 1.000 11.464 0 25  HIS A CD2   1 ? 
ATOM   171  C  CE1   . HIS A 1 25  ? -0.354  11.735  -13.626 1.000 10.903 0 25  HIS A CE1   1 ? 
ATOM   172  N  NE2   . HIS A 1 25  ? 0.255   10.571  -13.507 1.000 12.142 0 25  HIS A NE2   1 ? 
ATOM   173  N  N     . ILE A 1 26  ? -3.682  7.501   -13.306 1.000 8.017  0 26  ILE A N     1 ? 
ATOM   174  C  CA    . ILE A 1 26  ? -3.416  6.462   -14.341 1.000 8.055  0 26  ILE A CA    1 ? 
ATOM   175  C  C     . ILE A 1 26  ? -4.479  6.552   -15.441 1.000 8.715  0 26  ILE A C     1 ? 
ATOM   176  O  O     . ILE A 1 26  ? -4.112  6.521   -16.629 1.000 10.532 0 26  ILE A O     1 ? 
ATOM   177  C  CB    . ILE A 1 26  ? -3.328  5.060   -13.703 1.000 8.354  0 26  ILE A CB    1 ? 
ATOM   178  C  CG1   . ILE A 1 26  ? -2.056  4.952   -12.869 1.000 8.221  0 26  ILE A CG1   1 ? 
ATOM   179  C  CG2   . ILE A 1 26  ? -3.368  3.963   -14.786 1.000 8.583  0 26  ILE A CG2   1 ? 
ATOM   180  C  CD1   . ILE A 1 26  ? -2.045  3.775   -11.948 1.000 9.255  0 26  ILE A CD1   1 ? 
ATOM   181  N  N     . ILE A 1 27  ? -5.742  6.632   -15.068 1.000 8.652  0 27  ILE A N     1 ? 
ATOM   182  C  CA    . ILE A 1 27  ? -6.885  6.648   -16.026 1.000 9.192  0 27  ILE A CA    1 ? 
ATOM   183  C  C     . ILE A 1 27  ? -6.870  7.941   -16.826 1.000 10.771 0 27  ILE A C     1 ? 
ATOM   184  O  O     . ILE A 1 27  ? -6.879  7.873   -18.085 1.000 12.244 0 27  ILE A O     1 ? 
ATOM   185  C  CB    . ILE A 1 27  ? -8.210  6.450   -15.275 1.000 9.190  0 27  ILE A CB    1 ? 
ATOM   186  C  CG1   . ILE A 1 27  ? -8.300  5.062   -14.616 1.000 9.527  0 27  ILE A CG1   1 ? 
ATOM   187  C  CG2   . ILE A 1 27  ? -9.387  6.747   -16.194 1.000 9.344  0 27  ILE A CG2   1 ? 
ATOM   188  C  CD1   . ILE A 1 27  ? -9.387  4.916   -13.563 1.000 10.698 0 27  ILE A CD1   1 ? 
ATOM   189  N  N     . GLN A 1 28  ? -6.813  9.078   -16.146 1.000 10.395 0 28  GLN A N     1 ? 
ATOM   190  C  CA    . GLN A 1 28  ? -6.990  10.419  -16.766 1.000 11.252 0 28  GLN A CA    1 ? 
ATOM   191  C  C     . GLN A 1 28  ? -5.756  10.834  -17.544 1.000 12.241 0 28  GLN A C     1 ? 
ATOM   192  O  O     . GLN A 1 28  ? -5.929  11.500  -18.595 1.000 15.059 0 28  GLN A O     1 ? 
ATOM   193  C  CB    . GLN A 1 28  ? -7.341  11.445  -15.697 1.000 11.829 0 28  GLN A CB    1 ? 
ATOM   194  C  CG    . GLN A 1 28  ? -8.698  11.164  -15.080 1.000 12.899 0 28  GLN A CG    1 ? 
ATOM   195  C  CD    . GLN A 1 28  ? -9.063  12.038  -13.898 1.000 15.197 0 28  GLN A CD    1 ? 
ATOM   196  O  OE1   . GLN A 1 28  ? -10.163 11.936  -13.366 1.000 20.202 0 28  GLN A OE1   1 ? 
ATOM   197  N  NE2   . GLN A 1 28  ? -8.130  12.846  -13.451 1.000 16.220 0 28  GLN A NE2   1 ? 
ATOM   198  N  N     . ASN A 1 29  ? -4.559  10.474  -17.097 1.000 11.581 0 29  ASN A N     1 ? 
ATOM   199  C  CA    . ASN A 1 29  ? -3.298  10.881  -17.745 1.000 11.947 0 29  ASN A CA    1 ? 
ATOM   200  C  C     . ASN A 1 29  ? -2.919  9.867   -18.842 1.000 11.614 0 29  ASN A C     1 ? 
ATOM   201  O  O     . ASN A 1 29  ? -1.963  10.145  -19.557 1.000 13.822 0 29  ASN A O     1 ? 
ATOM   202  C  CB    . ASN A 1 29  ? -2.160  10.972  -16.727 1.000 12.580 0 29  ASN A CB    1 ? 
ATOM   203  C  CG    . ASN A 1 29  ? -0.963  11.739  -17.226 1.000 14.351 0 29  ASN A CG    1 ? 
ATOM   204  O  OD1   . ASN A 1 29  ? 0.171   11.243  -17.175 1.000 16.917 0 29  ASN A OD1   1 ? 
ATOM   205  N  ND2   . ASN A 1 29  ? -1.201  12.947  -17.691 1.000 15.277 0 29  ASN A ND2   1 ? 
ATOM   206  N  N     . GLY A 1 30  ? -3.599  8.718   -18.924 1.000 12.460 0 30  GLY A N     1 ? 
ATOM   207  C  CA    . GLY A 1 30  ? -3.188  7.638   -19.832 1.000 14.013 0 30  GLY A CA    1 ? 
ATOM   208  C  C     . GLY A 1 30  ? -1.876  7.048   -19.372 1.000 13.168 0 30  GLY A C     1 ? 
ATOM   209  O  O     . GLY A 1 30  ? -1.042  6.631   -20.232 1.000 15.665 0 30  GLY A O     1 ? 
ATOM   210  N  N     . GLY A 1 31  ? -1.646  7.024   -18.062 1.000 11.895 0 31  GLY A N     1 ? 
ATOM   211  C  CA    . GLY A 1 31  ? -0.542  6.286   -17.438 1.000 10.947 0 31  GLY A CA    1 ? 
ATOM   212  C  C     . GLY A 1 31  ? 0.433   7.178   -16.708 1.000 11.761 0 31  GLY A C     1 ? 
ATOM   213  O  O     . GLY A 1 31  ? 0.173   8.364   -16.517 1.000 13.511 0 31  GLY A O     1 ? 
ATOM   214  N  N     . ILE A 1 32  ? 1.472   6.571   -16.198 1.000 10.663 0 32  ILE A N     1 ? 
ATOM   215  C  CA    . ILE A 1 32  ? 2.550   7.231   -15.435 1.000 10.876 0 32  ILE A CA    1 ? 
ATOM   216  C  C     . ILE A 1 32  ? 3.768   7.368   -16.337 1.000 11.501 0 32  ILE A C     1 ? 
ATOM   217  O  O     . ILE A 1 32  ? 4.100   6.416   -17.066 1.000 11.632 0 32  ILE A O     1 ? 
ATOM   218  C  CB    . ILE A 1 32  ? 2.846   6.465   -14.142 1.000 10.234 0 32  ILE A CB    1 ? 
ATOM   219  C  CG1   . ILE A 1 32  ? 1.666   6.625   -13.180 1.000 9.854  0 32  ILE A CG1   1 ? 
ATOM   220  C  CG2   . ILE A 1 32  ? 4.160   6.890   -13.497 1.000 11.420 0 32  ILE A CG2   1 ? 
ATOM   221  C  CD1   . ILE A 1 32  ? 1.669   5.681   -11.997 1.000 10.178 0 32  ILE A CD1   1 ? 
ATOM   222  N  N     . GLN A 1 33  ? 4.439   8.516   -16.249 1.000 11.039 0 33  GLN A N     1 ? 
ATOM   223  C  CA    . GLN A 1 33  ? 5.566   8.860   -17.131 1.000 11.022 0 33  GLN A CA    1 ? 
ATOM   224  C  C     . GLN A 1 33  ? 6.871   8.632   -16.398 1.000 10.066 0 33  GLN A C     1 ? 
ATOM   225  O  O     . GLN A 1 33  ? 7.021   9.084   -15.265 1.000 10.568 0 33  GLN A O     1 ? 
ATOM   226  C  CB    . GLN A 1 33  ? 5.440   10.301  -17.580 1.000 11.670 0 33  GLN A CB    1 ? 
ATOM   227  C  CG    . GLN A 1 33  ? 6.454   10.671  -18.662 1.000 13.379 0 33  GLN A CG    1 ? 
ATOM   228  C  CD    . GLN A 1 33  ? 6.253   12.050  -19.251 1.000 17.729 0 33  GLN A CD    1 ? 
ATOM   229  O  OE1   . GLN A 1 33  ? 6.351   12.255  -20.457 1.000 20.656 0 33  GLN A OE1   1 ? 
ATOM   230  N  NE2   . GLN A 1 33  ? 6.080   13.016  -18.383 1.000 21.302 0 33  GLN A NE2   1 ? 
ATOM   231  N  N     . ASP A 1 34  ? 7.799   7.966   -17.062 1.000 9.810  0 34  ASP A N     1 ? 
ATOM   232  C  CA    . ASP A 1 34  ? 9.153   7.677   -16.555 1.000 10.499 0 34  ASP A CA    1 ? 
ATOM   233  C  C     . ASP A 1 34  ? 10.110  8.856   -16.845 1.000 11.399 0 34  ASP A C     1 ? 
ATOM   234  O  O     . ASP A 1 34  ? 9.736   9.786   -17.574 1.000 11.271 0 34  ASP A O     1 ? 
ATOM   235  C  CB    . ASP A 1 34  ? 9.680   6.393   -17.200 1.000 11.206 0 34  ASP A CB    1 ? 
ATOM   236  C  CG    . ASP A 1 34  ? 10.845  5.744   -16.490 1.000 13.051 0 34  ASP A CG    1 ? 
ATOM   237  O  OD1   . ASP A 1 34  ? 11.162  6.147   -15.334 1.000 12.621 0 34  ASP A OD1   1 ? 
ATOM   238  O  OD2   . ASP A 1 34  ? 11.432  4.831   -17.101 1.000 16.525 0 34  ASP A OD2   1 ? 
ATOM   239  N  N     . ASP A 1 35  ? 11.311  8.796   -16.283 1.000 12.772 0 35  ASP A N     1 ? 
ATOM   240  C  CA    . ASP A 1 35  ? 12.334  9.871   -16.421 1.000 12.842 0 35  ASP A CA    1 ? 
ATOM   241  C  C     . ASP A 1 35  ? 12.627  10.158  -17.876 1.000 13.374 0 35  ASP A C     1 ? 
ATOM   242  O  O     . ASP A 1 35  ? 12.967  11.281  -18.165 1.000 14.061 0 35  ASP A O     1 ? 
ATOM   243  C  CB    . ASP A 1 35  ? 13.666  9.496   -15.808 1.000 14.474 0 35  ASP A CB    1 ? 
ATOM   244  C  CG    . ASP A 1 35  ? 13.580  9.074   -14.387 1.000 17.645 0 35  ASP A CG    1 ? 
ATOM   245  O  OD1   . ASP A 1 35  ? 12.662  9.586   -13.673 1.000 17.509 0 35  ASP A OD1   1 ? 
ATOM   246  O  OD2   . ASP A 1 35  ? 14.498  8.338   -13.973 1.000 19.418 0 35  ASP A OD2   1 ? 
ATOM   247  N  N     . ASP A 1 36  ? 12.650  9.151   -18.711 1.000 12.312 0 36  ASP A N     1 ? 
ATOM   248  C  CA    . ASP A 1 36  ? 13.019  9.275   -20.135 1.000 12.794 0 36  ASP A CA    1 ? 
ATOM   249  C  C     . ASP A 1 36  ? 11.839  9.786   -20.968 1.000 11.784 0 36  ASP A C     1 ? 
ATOM   250  O  O     . ASP A 1 36  ? 11.976  9.859   -22.200 1.000 12.151 0 36  ASP A O     1 ? 
ATOM   251  C  CB    . ASP A 1 36  ? 13.534  7.941   -20.681 1.000 13.485 0 36  ASP A CB    1 ? 
ATOM   252  C  CG    . ASP A 1 36  ? 12.492  6.828   -20.785 1.000 15.333 0 36  ASP A CG    1 ? 
ATOM   253  O  OD1   . ASP A 1 36  ? 11.355  7.048   -20.433 1.000 15.211 0 36  ASP A OD1   1 ? 
ATOM   254  O  OD2   . ASP A 1 36  ? 12.834  5.766   -21.332 1.000 22.722 0 36  ASP A OD2   1 ? 
ATOM   255  N  N     . GLY A 1 37  ? 10.694  10.086  -20.350 1.000 11.864 0 37  GLY A N     1 ? 
ATOM   256  C  CA    . GLY A 1 37  ? 9.529   10.628  -21.048 1.000 10.721 0 37  GLY A CA    1 ? 
ATOM   257  C  C     . GLY A 1 37  ? 8.561   9.559   -21.506 1.000 10.792 0 37  GLY A C     1 ? 
ATOM   258  O  O     . GLY A 1 37  ? 7.474   9.909   -21.993 1.000 11.696 0 37  GLY A O     1 ? 
ATOM   259  N  N     . THR A 1 38  ? 8.930   8.273   -21.411 1.000 10.687 0 38  THR A N     1 ? 
ATOM   260  C  CA    . THR A 1 38  ? 8.016   7.164   -21.822 1.000 11.390 0 38  THR A CA    1 ? 
ATOM   261  C  C     . THR A 1 38  ? 6.808   7.149   -20.879 1.000 11.816 0 38  THR A C     1 ? 
ATOM   262  O  O     . THR A 1 38  ? 6.998   7.131   -19.632 1.000 11.969 0 38  THR A O     1 ? 
ATOM   263  C  CB    . THR A 1 38  ? 8.700   5.801   -21.816 1.000 12.868 0 38  THR A CB    1 ? 
ATOM   264  O  OG1   . THR A 1 38  ? 9.871   5.884   -22.633 1.000 14.118 0 38  THR A OG1   1 ? 
ATOM   265  C  CG2   . THR A 1 38  ? 7.783   4.720   -22.330 1.000 13.104 0 38  THR A CG2   1 ? 
ATOM   266  N  N     . LYS A 1 39  ? 5.611   7.197   -21.425 1.000 11.982 0 39  LYS A N     1 ? 
ATOM   267  C  CA    . LYS A 1 39  ? 4.381   7.058   -20.625 1.000 12.404 0 39  LYS A CA    1 ? 
ATOM   268  C  C     . LYS A 1 39  ? 3.892   5.628   -20.719 1.000 12.504 0 39  LYS A C     1 ? 
ATOM   269  O  O     . LYS A 1 39  ? 3.841   5.074   -21.814 1.000 13.642 0 39  LYS A O     1 ? 
ATOM   270  C  CB    . LYS A 1 39  ? 3.287   7.998   -21.092 1.000 15.324 0 39  LYS A CB    1 ? 
ATOM   271  C  CG    . LYS A 1 39  ? 2.064   8.029   -20.186 1.000 19.008 0 39  LYS A CG    1 ? 
ATOM   272  C  CD    . LYS A 1 39  ? 1.013   9.008   -20.651 1.000 22.281 0 39  LYS A CD    1 ? 
ATOM   273  C  CE    . LYS A 1 39  ? 1.390   10.434  -20.411 1.000 23.170 0 39  LYS A CE    1 ? 
ATOM   274  N  NZ    . LYS A 1 39  ? 0.249   11.331  -20.711 1.000 21.120 0 39  LYS A NZ    1 ? 
ATOM   275  N  N     . TYR A 1 40  ? 3.566   5.052   -19.592 1.000 9.874  0 40  TYR A N     1 ? 
ATOM   276  C  CA    . TYR A 1 40  ? 3.130   3.645   -19.500 1.000 9.814  0 40  TYR A CA    1 ? 
ATOM   277  C  C     . TYR A 1 40  ? 1.620   3.578   -19.298 1.000 9.430  0 40  TYR A C     1 ? 
ATOM   278  O  O     . TYR A 1 40  ? 1.167   3.702   -18.165 1.000 10.186 0 40  TYR A O     1 ? 
ATOM   279  C  CB    . TYR A 1 40  ? 3.923   2.965   -18.402 1.000 9.232  0 40  TYR A CB    1 ? 
ATOM   280  C  CG    . TYR A 1 40  ? 5.353   2.753   -18.799 1.000 9.494  0 40  TYR A CG    1 ? 
ATOM   281  C  CD1   . TYR A 1 40  ? 6.323   3.702   -18.561 1.000 10.090 0 40  TYR A CD1   1 ? 
ATOM   282  C  CD2   . TYR A 1 40  ? 5.713   1.627   -19.491 1.000 10.581 0 40  TYR A CD2   1 ? 
ATOM   283  C  CE1   . TYR A 1 40  ? 7.621   3.529   -19.001 1.000 10.205 0 40  TYR A CE1   1 ? 
ATOM   284  C  CE2   . TYR A 1 40  ? 7.007   1.427   -19.919 1.000 11.535 0 40  TYR A CE2   1 ? 
ATOM   285  C  CZ    . TYR A 1 40  ? 7.961   2.382   -19.694 1.000 11.357 0 40  TYR A CZ    1 ? 
ATOM   286  O  OH    . TYR A 1 40  ? 9.236   2.196   -20.176 1.000 12.614 0 40  TYR A OH    1 ? 
ATOM   287  N  N     . GLU A 1 41  ? 0.848   3.456   -20.378 1.000 10.691 0 41  GLU A N     1 ? 
ATOM   288  C  CA    . GLU A 1 41  ? -0.622  3.352   -20.272 1.000 11.242 0 41  GLU A CA    1 ? 
ATOM   289  C  C     . GLU A 1 41  ? -0.967  2.197   -19.322 1.000 10.099 0 41  GLU A C     1 ? 
ATOM   290  O  O     . GLU A 1 41  ? -1.921  2.317   -18.529 1.000 10.757 0 41  GLU A O     1 ? 
ATOM   291  C  CB    . GLU A 1 41  ? -1.210  3.157   -21.659 1.000 14.275 0 41  GLU A CB    1 ? 
ATOM   292  C  CG    . GLU A 1 41  ? -2.706  3.205   -21.707 1.000 19.461 0 41  GLU A CG    1 ? 
ATOM   293  C  CD    . GLU A 1 41  ? -3.268  3.268   -23.114 1.000 26.472 0 41  GLU A CD    1 ? 
ATOM   294  O  OE1   . GLU A 1 41  ? -4.477  3.012   -23.273 1.000 35.443 0 41  GLU A OE1   1 ? 
ATOM   295  O  OE2   . GLU A 1 41  ? -2.518  3.636   -24.022 1.000 30.505 0 41  GLU A OE2   1 ? 
ATOM   296  N  N     . ASN A 1 42  ? -0.257  1.091   -19.441 1.000 9.434  0 42  ASN A N     1 ? 
ATOM   297  C  CA    . ASN A 1 42  ? -0.441  -0.078  -18.578 1.000 9.633  0 42  ASN A CA    1 ? 
ATOM   298  C  C     . ASN A 1 42  ? 0.342   0.153   -17.290 1.000 9.931  0 42  ASN A C     1 ? 
ATOM   299  O  O     . ASN A 1 42  ? 1.480   -0.327  -17.163 1.000 9.331  0 42  ASN A O     1 ? 
ATOM   300  C  CB    . ASN A 1 42  ? -0.027  -1.351  -19.285 1.000 10.117 0 42  ASN A CB    1 ? 
ATOM   301  C  CG    . ASN A 1 42  ? -0.560  -2.566  -18.606 1.000 11.587 0 42  ASN A CG    1 ? 
ATOM   302  O  OD1   . ASN A 1 42  ? -0.697  -2.597  -17.398 1.000 12.616 0 42  ASN A OD1   1 ? 
ATOM   303  N  ND2   . ASN A 1 42  ? -0.790  -3.599  -19.374 1.000 14.022 0 42  ASN A ND2   1 ? 
ATOM   304  N  N     . SER A 1 43  ? -0.252  0.917   -16.380 1.000 8.267  0 43  SER A N     1 ? 
ATOM   305  C  CA    . SER A 1 43  ? 0.238   1.190   -15.026 1.000 8.464  0 43  SER A CA    1 ? 
ATOM   306  C  C     . SER A 1 43  ? -0.732  0.563   -14.050 1.000 8.760  0 43  SER A C     1 ? 
ATOM   307  O  O     . SER A 1 43  ? -1.948  0.783   -14.193 1.000 8.835  0 43  SER A O     1 ? 
ATOM   308  C  CB    . SER A 1 43  ? 0.383   2.654   -14.786 1.000 8.740  0 43  SER A CB    1 ? 
ATOM   309  O  OG    . SER A 1 43  ? 1.461   3.236   -15.541 1.000 9.454  0 43  SER A OG    1 ? 
ATOM   310  N  N     . THR A 1 44  ? -0.252  -0.229  -13.113 1.000 8.849  0 44  THR A N     1 ? 
ATOM   311  C  CA    . THR A 1 44  ? -1.100  -0.880  -12.102 1.000 9.806  0 44  THR A CA    1 ? 
ATOM   312  C  C     . THR A 1 44  ? -0.397  -0.829  -10.764 1.000 9.735  0 44  THR A C     1 ? 
ATOM   313  O  O     . THR A 1 44  ? 0.750   -0.373  -10.705 1.000 9.402  0 44  THR A O     1 ? 
ATOM   314  C  CB    . THR A 1 44  ? -1.436  -2.327  -12.486 1.000 11.267 0 44  THR A CB    1 ? 
ATOM   315  O  OG1   . THR A 1 44  ? -0.220  -3.080  -12.595 1.000 12.096 0 44  THR A OG1   1 ? 
ATOM   316  C  CG2   . THR A 1 44  ? -2.232  -2.417  -13.764 1.000 12.828 0 44  THR A CG2   1 ? 
ATOM   317  N  N     . ILE A 1 45  ? -1.124  -1.134  -9.704  1.000 8.904  0 45  ILE A N     1 ? 
ATOM   318  C  CA    . ILE A 1 45  ? -0.671  -0.919  -8.309  1.000 9.183  0 45  ILE A CA    1 ? 
ATOM   319  C  C     . ILE A 1 45  ? -0.607  -2.263  -7.609  1.000 8.632  0 45  ILE A C     1 ? 
ATOM   320  O  O     . ILE A 1 45  ? -1.590  -2.998  -7.632  1.000 8.649  0 45  ILE A O     1 ? 
ATOM   321  C  CB    . ILE A 1 45  ? -1.590  0.036   -7.543  1.000 9.460  0 45  ILE A CB    1 ? 
ATOM   322  C  CG1   . ILE A 1 45  ? -1.757  1.378   -8.274  1.000 10.217 0 45  ILE A CG1   1 ? 
ATOM   323  C  CG2   . ILE A 1 45  ? -1.103  0.203   -6.129  1.000 9.986  0 45  ILE A CG2   1 ? 
ATOM   324  C  CD1   . ILE A 1 45  ? -2.813  2.267   -7.659  1.000 11.442 0 45  ILE A CD1   1 ? 
ATOM   325  N  N     . LYS A 1 46  ? 0.533   -2.552  -7.007  1.000 8.417  0 46  LYS A N     1 ? 
ATOM   326  C  CA    . LYS A 1 46  ? 0.702   -3.671  -6.073  1.000 8.753  0 46  LYS A CA    1 ? 
ATOM   327  C  C     . LYS A 1 46  ? 0.948   -3.112  -4.682  1.000 8.595  0 46  LYS A C     1 ? 
ATOM   328  O  O     . LYS A 1 46  ? 1.955   -2.417  -4.480  1.000 10.215 0 46  LYS A O     1 ? 
ATOM   329  C  CB    . LYS A 1 46  ? 1.868   -4.552  -6.506  1.000 10.438 0 46  LYS A CB    1 ? 
ATOM   330  C  CG    . LYS A 1 46  ? 1.690   -5.267  -7.830  1.000 12.654 0 46  LYS A CG    1 ? 
ATOM   331  C  CD    . LYS A 1 46  ? 2.683   -6.415  -7.993  1.000 14.515 0 46  LYS A CD    1 ? 
ATOM   332  C  CE    . LYS A 1 46  ? 2.483   -7.207  -9.249  1.000 17.403 0 46  LYS A CE    1 ? 
ATOM   333  N  NZ    . LYS A 1 46  ? 3.462   -8.327  -9.290  1.000 17.158 0 46  LYS A NZ    1 ? 
ATOM   334  N  N     . ILE A 1 47  ? 0.037   -3.379  -3.780  1.000 8.306  0 47  ILE A N     1 ? 
ATOM   335  C  CA    . ILE A 1 47  ? 0.109   -2.942  -2.363  1.000 9.009  0 47  ILE A CA    1 ? 
ATOM   336  C  C     . ILE A 1 47  ? 0.673   -4.082  -1.532  1.000 9.256  0 47  ILE A C     1 ? 
ATOM   337  O  O     . ILE A 1 47  ? 0.089   -5.170  -1.564  1.000 10.218 0 47  ILE A O     1 ? 
ATOM   338  C  CB    . ILE A 1 47  ? -1.279  -2.498  -1.883  1.000 9.528  0 47  ILE A CB    1 ? 
ATOM   339  C  CG1   . ILE A 1 47  ? -1.773  -1.305  -2.706  1.000 10.581 0 47  ILE A CG1   1 ? 
ATOM   340  C  CG2   . ILE A 1 47  ? -1.282  -2.197  -0.380  1.000 9.940  0 47  ILE A CG2   1 ? 
ATOM   341  C  CD1   . ILE A 1 47  ? -3.171  -0.983  -2.491  1.000 12.948 0 47  ILE A CD1   1 ? 
ATOM   342  N  N     . ILE A 1 48  ? 1.826   -3.877  -0.909  1.000 10.087 0 48  ILE A N     1 ? 
ATOM   343  C  CA    . ILE A 1 48  ? 2.555   -4.963  -0.220  1.000 10.951 0 48  ILE A CA    1 ? 
ATOM   344  C  C     . ILE A 1 48  ? 2.267   -4.884  1.271   1.000 10.962 0 48  ILE A C     1 ? 
ATOM   345  O  O     . ILE A 1 48  ? 2.544   -3.840  1.911   1.000 12.667 0 48  ILE A O     1 ? 
ATOM   346  C  CB    . ILE A 1 48  ? 4.046   -4.885  -0.524  1.000 12.903 0 48  ILE A CB    1 ? 
ATOM   347  C  CG1   . ILE A 1 48  ? 4.335   -4.848  -2.024  1.000 14.872 0 48  ILE A CG1   1 ? 
ATOM   348  C  CG2   . ILE A 1 48  ? 4.793   -6.001  0.198   1.000 14.038 0 48  ILE A CG2   1 ? 
ATOM   349  C  CD1   . ILE A 1 48  ? 3.675   -5.924  -2.815  1.000 16.100 0 48  ILE A CD1   1 ? 
ATOM   350  N  N     . ILE A 1 49  ? 1.676   -5.934  1.822   1.000 11.557 0 49  ILE A N     1 ? 
ATOM   351  C  CA    . ILE A 1 49  ? 1.425   -6.076  3.278   1.000 12.211 0 49  ILE A CA    1 ? 
ATOM   352  C  C     . ILE A 1 49  ? 2.593   -6.875  3.833   1.000 13.938 0 49  ILE A C     1 ? 
ATOM   353  O  O     . ILE A 1 49  ? 2.853   -7.973  3.376   1.000 13.715 0 49  ILE A O     1 ? 
ATOM   354  C  CB    . ILE A 1 49  ? 0.065   -6.764  3.506   1.000 13.504 0 49  ILE A CB    1 ? 
ATOM   355  C  CG1   . ILE A 1 49  ? -1.073  -6.082  2.723   1.000 14.321 0 49  ILE A CG1   1 ? 
ATOM   356  C  CG2   . ILE A 1 49  ? -0.256  -6.854  4.982   1.000 15.809 0 49  ILE A CG2   1 ? 
ATOM   357  C  CD1   . ILE A 1 49  ? -1.259  -4.613  3.028   1.000 15.544 0 49  ILE A CD1   1 ? 
ATOM   358  N  N     . PRO A 1 50  ? 3.353   -6.353  4.802   1.000 14.388 0 50  PRO A N     1 ? 
ATOM   359  C  CA    . PRO A 1 50  ? 4.536   -7.054  5.292   1.000 14.522 0 50  PRO A CA    1 ? 
ATOM   360  C  C     . PRO A 1 50  ? 4.157   -8.268  6.143   1.000 17.138 0 50  PRO A C     1 ? 
ATOM   361  O  O     . PRO A 1 50  ? 3.088   -8.315  6.698   1.000 17.885 0 50  PRO A O     1 ? 
ATOM   362  C  CB    . PRO A 1 50  ? 5.201   -5.989  6.170   1.000 16.209 0 50  PRO A CB    1 ? 
ATOM   363  C  CG    . PRO A 1 50  ? 4.040   -5.254  6.718   1.000 15.523 0 50  PRO A CG    1 ? 
ATOM   364  C  CD    . PRO A 1 50  ? 3.063   -5.134  5.564   1.000 15.476 0 50  PRO A CD    1 ? 
ATOM   365  N  N     . GLN A 1 51  ? 5.064   -9.221  6.246   1.000 18.281 0 51  GLN A N     1 ? 
ATOM   366  C  CA    . GLN A 1 51  ? 4.855   -10.409 7.109   1.000 20.789 0 51  GLN A CA    1 ? 
ATOM   367  C  C     . GLN A 1 51  ? 4.884   -9.986  8.584   1.000 20.298 0 51  GLN A C     1 ? 
ATOM   368  O  O     . GLN A 1 51  ? 4.046   -10.471 9.358   1.000 25.153 0 51  GLN A O     1 ? 
ATOM   369  C  CB    . GLN A 1 51  ? 5.898   -11.480 6.836   1.000 23.794 0 51  GLN A CB    1 ? 
ATOM   370  C  CG    . GLN A 1 51  ? 5.594   -12.779 7.573   1.000 28.678 0 51  GLN A CG    1 ? 
ATOM   371  C  CD    . GLN A 1 51  ? 6.511   -13.904 7.161   1.000 31.703 0 51  GLN A CD    1 ? 
ATOM   372  O  OE1   . GLN A 1 51  ? 7.196   -13.833 6.145   1.000 37.768 0 51  GLN A OE1   1 ? 
ATOM   373  N  NE2   . GLN A 1 51  ? 6.529   -14.958 7.963   1.000 37.637 0 51  GLN A NE2   1 ? 
ATOM   374  N  N     . LYS A 1 52  ? 5.793   -9.094  8.940   1.000 20.292 0 52  LYS A N     1 ? 
ATOM   375  C  CA    . LYS A 1 52  ? 5.866   -8.521  10.303  1.000 21.918 0 52  LYS A CA    1 ? 
ATOM   376  C  C     . LYS A 1 52  ? 5.669   -7.015  10.210  1.000 16.748 0 52  LYS A C     1 ? 
ATOM   377  O  O     . LYS A 1 52  ? 6.100   -6.403  9.199   1.000 18.022 0 52  LYS A O     1 ? 
ATOM   378  C  CB    . LYS A 1 52  ? 7.186   -8.858  11.003  1.000 25.930 0 52  LYS A CB    1 ? 
ATOM   379  C  CG    . LYS A 1 52  ? 8.467   -8.504  10.257  1.000 33.257 0 52  LYS A CG    1 ? 
ATOM   380  C  CD    . LYS A 1 52  ? 9.740   -8.840  11.040  1.000 36.711 0 52  LYS A CD    1 ? 
ATOM   381  C  CE    . LYS A 1 52  ? 9.667   -10.182 11.752  1.000 40.326 0 52  LYS A CE    1 ? 
ATOM   382  N  NZ    . LYS A 1 52  ? 10.994  -10.833 11.845  1.000 41.684 0 52  LYS A NZ    1 ? 
ATOM   383  N  N     . LEU A 1 53  ? 5.046   -6.433  11.210  1.000 16.477 0 53  LEU A N     1 ? 
ATOM   384  C  CA    . LEU A 1 53  ? 4.897   -4.974  11.287  1.000 17.363 0 53  LEU A CA    1 ? 
ATOM   385  C  C     . LEU A 1 53  ? 5.799   -4.443  12.392  1.000 18.404 0 53  LEU A C     1 ? 
ATOM   386  O  O     . LEU A 1 53  ? 5.444   -4.574  13.553  1.000 22.298 0 53  LEU A O     1 ? 
ATOM   387  C  CB    . LEU A 1 53  ? 3.424   -4.636  11.532  1.000 19.505 0 53  LEU A CB    1 ? 
ATOM   388  C  CG    . LEU A 1 53  ? 3.050   -3.162  11.435  1.000 21.398 0 53  LEU A CG    1 ? 
ATOM   389  C  CD1   . LEU A 1 53  ? 3.331   -2.611  10.047  1.000 20.421 0 53  LEU A CD1   1 ? 
ATOM   390  C  CD2   . LEU A 1 53  ? 1.587   -2.977  11.788  1.000 22.773 0 53  LEU A CD2   1 ? 
ATOM   391  N  N     . THR A 1 54  ? 6.826   -3.712  12.004  1.000 15.837 0 54  THR A N     1 ? 
ATOM   392  C  CA    . THR A 1 54  ? 7.828   -3.123  12.921  1.000 15.311 0 54  THR A CA    1 ? 
ATOM   393  C  C     . THR A 1 54  ? 7.352   -1.778  13.423  1.000 14.769 0 54  THR A C     1 ? 
ATOM   394  O  O     . THR A 1 54  ? 6.397   -1.200  12.827  1.000 15.426 0 54  THR A O     1 ? 
ATOM   395  C  CB    . THR A 1 54  ? 9.183   -2.946  12.236  1.000 15.131 0 54  THR A CB    1 ? 
ATOM   396  O  OG1   . THR A 1 54  ? 9.134   -1.806  11.389  1.000 15.105 0 54  THR A OG1   1 ? 
ATOM   397  C  CG2   . THR A 1 54  ? 9.601   -4.157  11.442  1.000 13.986 0 54  THR A CG2   1 ? 
ATOM   398  N  N     . THR A 1 55  ? 8.037   -1.258  14.432  1.000 14.072 0 55  THR A N     1 ? 
ATOM   399  C  CA    . THR A 1 55  ? 7.872   0.096   14.969  1.000 15.736 0 55  THR A CA    1 ? 
ATOM   400  C  C     . THR A 1 55  ? 8.839   1.043   14.257  1.000 16.241 0 55  THR A C     1 ? 
ATOM   401  O  O     . THR A 1 55  ? 9.071   2.114   14.782  1.000 22.376 0 55  THR A O     1 ? 
ATOM   402  C  CB    . THR A 1 55  ? 8.074   0.110   16.491  1.000 20.374 0 55  THR A CB    1 ? 
ATOM   403  O  OG1   . THR A 1 55  ? 9.242   -0.663  16.799  1.000 23.326 0 55  THR A OG1   1 ? 
ATOM   404  C  CG2   . THR A 1 55  ? 6.896   -0.475  17.233  1.000 21.693 0 55  THR A CG2   1 ? 
ATOM   405  N  N     . ASP A 1 56  ? 9.433   0.627   13.128  1.000 13.756 0 56  ASP A N     1 ? 
ATOM   406  C  CA    . ASP A 1 56  ? 10.234  1.540   12.256  1.000 13.053 0 56  ASP A CA    1 ? 
ATOM   407  C  C     . ASP A 1 56  ? 9.824   1.282   10.799  1.000 12.633 0 56  ASP A C     1 ? 
ATOM   408  O  O     . ASP A 1 56  ? 10.546  0.589   10.070  1.000 11.985 0 56  ASP A O     1 ? 
ATOM   409  C  CB    . ASP A 1 56  ? 11.728  1.369   12.517  1.000 12.964 0 56  ASP A CB    1 ? 
ATOM   410  C  CG    . ASP A 1 56  ? 12.593  2.212   11.595  1.000 15.164 0 56  ASP A CG    1 ? 
ATOM   411  O  OD1   . ASP A 1 56  ? 12.020  3.033   10.834  1.000 17.548 0 56  ASP A OD1   1 ? 
ATOM   412  O  OD2   . ASP A 1 56  ? 13.788  2.115   11.694  1.000 16.616 0 56  ASP A OD2   1 ? 
ATOM   413  N  N     . VAL A 1 57  ? 8.674   1.794   10.369  1.000 13.635 0 57  VAL A N     1 ? 
ATOM   414  C  CA    . VAL A 1 57  ? 8.167   1.470   9.013   1.000 13.399 0 57  VAL A CA    1 ? 
ATOM   415  C  C     . VAL A 1 57  ? 9.064   2.149   7.970   1.000 12.887 0 57  VAL A C     1 ? 
ATOM   416  O  O     . VAL A 1 57  ? 9.117   1.644   6.882   1.000 13.300 0 57  VAL A O     1 ? 
ATOM   417  C  CB    . VAL A 1 57  ? 6.687   1.854   8.802   1.000 15.369 0 57  VAL A CB    1 ? 
ATOM   418  C  CG1   . VAL A 1 57  ? 5.758   1.001   9.654   1.000 15.817 0 57  VAL A CG1   1 ? 
ATOM   419  C  CG2   . VAL A 1 57  ? 6.468   3.341   9.018   1.000 16.153 0 57  VAL A CG2   1 ? 
ATOM   420  N  N     . ASN A 1 58  ? 9.751   3.238   8.314   1.000 13.340 0 58  ASN A N     1 ? 
ATOM   421  C  CA    . ASN A 1 58  ? 10.649  3.908   7.341   1.000 14.296 0 58  ASN A CA    1 ? 
ATOM   422  C  C     . ASN A 1 58  ? 11.769  2.934   6.943   1.000 13.152 0 58  ASN A C     1 ? 
ATOM   423  O  O     . ASN A 1 58  ? 12.069  2.812   5.744   1.000 14.183 0 58  ASN A O     1 ? 
ATOM   424  C  CB    . ASN A 1 58  ? 11.221  5.225   7.876   1.000 16.563 0 58  ASN A CB    1 ? 
ATOM   425  C  CG    . ASN A 1 58  ? 10.181  6.336   7.977   1.000 17.172 0 58  ASN A CG    1 ? 
ATOM   426  O  OD1   . ASN A 1 58  ? 9.011   6.150   7.621   1.000 19.774 0 58  ASN A OD1   1 ? 
ATOM   427  N  ND2   . ASN A 1 58  ? 10.615  7.501   8.427   1.000 19.729 0 58  ASN A ND2   1 ? 
ATOM   428  N  N     . SER A 1 59  ? 12.412  2.267   7.901   1.000 12.683 0 59  SER A N     1 ? 
ATOM   429  C  CA    . SER A 1 59  ? 13.500  1.311   7.585   1.000 12.977 0 59  SER A CA    1 ? 
ATOM   430  C  C     . SER A 1 59  ? 12.923  0.123   6.838   1.000 12.660 0 59  SER A C     1 ? 
ATOM   431  O  O     . SER A 1 59  ? 13.565  -0.408  5.946   1.000 13.023 0 59  SER A O     1 ? 
ATOM   432  C  CB    . SER A 1 59  ? 14.213  0.841   8.829   1.000 13.172 0 59  SER A CB    1 ? 
ATOM   433  O  OG    . SER A 1 59  ? 14.995  1.869   9.384   1.000 14.706 0 59  SER A OG    1 ? 
ATOM   434  N  N     . GLN A 1 60  ? 11.734  -0.306  7.219   1.000 13.832 0 60  GLN A N     1 ? 
ATOM   435  C  CA    . GLN A 1 60  ? 11.040  -1.408  6.570   1.000 13.910 0 60  GLN A CA    1 ? 
ATOM   436  C  C     . GLN A 1 60  ? 10.769  -1.060  5.096   1.000 13.306 0 60  GLN A C     1 ? 
ATOM   437  O  O     . GLN A 1 60  ? 11.020  -1.880  4.217   1.000 15.422 0 60  GLN A O     1 ? 
ATOM   438  C  CB    . GLN A 1 60  ? 9.773   -1.652  7.379   1.000 17.417 0 60  GLN A CB    1 ? 
ATOM   439  C  CG    . GLN A 1 60  ? 8.991   -2.833  6.931   1.000 17.720 0 60  GLN A CG    1 ? 
ATOM   440  C  CD    . GLN A 1 60  ? 8.146   -3.416  8.049   1.000 16.157 0 60  GLN A CD    1 ? 
ATOM   441  O  OE1   . GLN A 1 60  ? 7.787   -2.748  9.028   1.000 18.435 0 60  GLN A OE1   1 ? 
ATOM   442  N  NE2   . GLN A 1 60  ? 7.840   -4.679  7.908   1.000 17.287 0 60  GLN A NE2   1 ? 
ATOM   443  N  N     . PHE A 1 61  ? 10.314  0.162   4.832   1.000 14.542 0 61  PHE A N     1 ? 
ATOM   444  C  CA    . PHE A 1 61  ? 10.080  0.657   3.473   1.000 13.289 0 61  PHE A CA    1 ? 
ATOM   445  C  C     . PHE A 1 61  ? 11.380  0.602   2.674   1.000 13.566 0 61  PHE A C     1 ? 
ATOM   446  O  O     . PHE A 1 61  ? 11.369  0.219   1.516   1.000 13.864 0 61  PHE A O     1 ? 
ATOM   447  C  CB    . PHE A 1 61  ? 9.547   2.089   3.563   1.000 13.196 0 61  PHE A CB    1 ? 
ATOM   448  C  CG    . PHE A 1 61  ? 9.140   2.687   2.246   1.000 14.329 0 61  PHE A CG    1 ? 
ATOM   449  C  CD1   . PHE A 1 61  ? 7.792   2.838   1.937   1.000 14.430 0 61  PHE A CD1   1 ? 
ATOM   450  C  CD2   . PHE A 1 61  ? 10.084  3.193   1.369   1.000 16.359 0 61  PHE A CD2   1 ? 
ATOM   451  C  CE1   . PHE A 1 61  ? 7.414   3.394   0.732   1.000 14.991 0 61  PHE A CE1   1 ? 
ATOM   452  C  CE2   . PHE A 1 61  ? 9.694   3.802   0.179   1.000 17.678 0 61  PHE A CE2   1 ? 
ATOM   453  C  CZ    . PHE A 1 61  ? 8.365   3.865   -0.150  1.000 17.124 0 61  PHE A CZ    1 ? 
ATOM   454  N  N     . GLN A 1 62  ? 12.465  1.087   3.269   1.000 13.442 0 62  GLN A N     1 ? 
ATOM   455  C  CA    . GLN A 1 62  ? 13.758  1.141   2.571   1.000 15.222 0 62  GLN A CA    1 ? 
ATOM   456  C  C     . GLN A 1 62  ? 14.174  -0.290  2.208   1.000 15.445 0 62  GLN A C     1 ? 
ATOM   457  O  O     . GLN A 1 62  ? 14.705  -0.504  1.126   1.000 13.891 0 62  GLN A O     1 ? 
ATOM   458  C  CB    . GLN A 1 62  ? 14.764  1.893   3.449   1.000 17.515 0 62  GLN A CB    1 ? 
ATOM   459  C  CG    . GLN A 1 62  ? 16.125  2.058   2.801   1.000 22.316 0 62  GLN A CG    1 ? 
ATOM   460  C  CD    . GLN A 1 62  ? 17.088  2.890   3.614   1.000 28.338 0 62  GLN A CD    1 ? 
ATOM   461  O  OE1   . GLN A 1 62  ? 16.706  3.780   4.371   1.000 34.353 0 62  GLN A OE1   1 ? 
ATOM   462  N  NE2   . GLN A 1 62  ? 18.373  2.638   3.406   1.000 33.525 0 62  GLN A NE2   1 ? 
ATOM   463  N  N     . THR A 1 63  ? 14.004  -1.234  3.102   1.000 15.329 0 63  THR A N     1 ? 
ATOM   464  C  CA    . THR A 1 63  ? 14.486  -2.621  2.868   1.000 16.801 0 63  THR A CA    1 ? 
ATOM   465  C  C     . THR A 1 63  ? 13.676  -3.240  1.736   1.000 17.906 0 63  THR A C     1 ? 
ATOM   466  O  O     . THR A 1 63  ? 14.283  -3.844  0.814   1.000 20.172 0 63  THR A O     1 ? 
ATOM   467  C  CB    . THR A 1 63  ? 14.518  -3.413  4.178   1.000 19.254 0 63  THR A CB    1 ? 
ATOM   468  O  OG1   . THR A 1 63  ? 15.255  -2.629  5.106   1.000 22.105 0 63  THR A OG1   1 ? 
ATOM   469  C  CG2   . THR A 1 63  ? 15.171  -4.759  4.008   1.000 21.489 0 63  THR A CG2   1 ? 
ATOM   470  N  N     . LEU A 1 64  ? 12.365  -2.977  1.694   1.000 18.194 0 64  LEU A N     1 ? 
ATOM   471  C  CA    . LEU A 1 64  ? 11.496  -3.451  0.610   1.000 17.703 0 64  LEU A CA    1 ? 
ATOM   472  C  C     . LEU A 1 64  ? 11.847  -2.766  -0.727  1.000 16.904 0 64  LEU A C     1 ? 
ATOM   473  O  O     . LEU A 1 64  ? 11.833  -3.425  -1.761  1.000 17.998 0 64  LEU A O     1 ? 
ATOM   474  C  CB    . LEU A 1 64  ? 10.039  -3.218  1.035   1.000 19.438 0 64  LEU A CB    1 ? 
ATOM   475  C  CG    . LEU A 1 64  ? 9.542   -4.167  2.130   1.000 20.360 0 64  LEU A CG    1 ? 
ATOM   476  C  CD1   . LEU A 1 64  ? 8.194   -3.740  2.678   1.000 22.096 0 64  LEU A CD1   1 ? 
ATOM   477  C  CD2   . LEU A 1 64  ? 9.461   -5.603  1.630   1.000 22.044 0 64  LEU A CD2   1 ? 
ATOM   478  N  N     . LYS A 1 65  ? 12.136  -1.462  -0.723  1.000 15.068 0 65  LYS A N     1 ? 
ATOM   479  C  CA    . LYS A 1 65  ? 12.521  -0.719  -1.944  1.000 15.934 0 65  LYS A CA    1 ? 
ATOM   480  C  C     . LYS A 1 65  ? 13.798  -1.344  -2.537  1.000 16.560 0 65  LYS A C     1 ? 
ATOM   481  O  O     . LYS A 1 65  ? 13.862  -1.511  -3.741  1.000 16.083 0 65  LYS A O     1 ? 
ATOM   482  C  CB    . LYS A 1 65  ? 12.705  0.756   -1.595  1.000 15.709 0 65  LYS A CB    1 ? 
ATOM   483  C  CG    . LYS A 1 65  ? 13.359  1.624   -2.660  1.000 16.374 0 65  LYS A CG    1 ? 
ATOM   484  C  CD    . LYS A 1 65  ? 13.406  3.068   -2.244  1.000 16.773 0 65  LYS A CD    1 ? 
ATOM   485  C  CE    . LYS A 1 65  ? 14.242  3.958   -3.145  1.000 21.233 0 65  LYS A CE    1 ? 
ATOM   486  N  NZ    . LYS A 1 65  ? 13.673  4.069   -4.498  1.000 25.261 0 65  LYS A NZ    1 ? 
ATOM   487  N  N     . LYS A 1 66  ? 14.748  -1.700  -1.679  1.000 17.935 0 66  LYS A N     1 ? 
ATOM   488  C  CA    . LYS A 1 66  ? 16.037  -2.310  -2.096  1.000 20.976 0 66  LYS A CA    1 ? 
ATOM   489  C  C     . LYS A 1 66  ? 15.767  -3.692  -2.704  1.000 21.005 0 66  LYS A C     1 ? 
ATOM   490  O  O     . LYS A 1 66  ? 16.358  -3.989  -3.778  1.000 23.404 0 66  LYS A O     1 ? 
ATOM   491  C  CB    . LYS A 1 66  ? 16.985  -2.314  -0.902  1.000 24.454 0 66  LYS A CB    1 ? 
ATOM   492  C  CG    . LYS A 1 66  ? 17.553  -0.944  -0.575  1.000 29.931 0 66  LYS A CG    1 ? 
ATOM   493  C  CD    . LYS A 1 66  ? 18.622  -0.945  0.485   1.000 33.931 0 66  LYS A CD    1 ? 
ATOM   494  C  CE    . LYS A 1 66  ? 19.532  0.257   0.375   1.000 37.809 0 66  LYS A CE    1 ? 
ATOM   495  N  NZ    . LYS A 1 66  ? 18.793  1.526   0.567   1.000 41.502 0 66  LYS A NZ    1 ? 
ATOM   496  N  N     . SER A 1 67  ? 14.875  -4.474  -2.101  1.000 21.043 0 67  SER A N     1 ? 
ATOM   497  C  CA    . SER A 1 67  ? 14.564  -5.876  -2.498  1.000 22.907 0 67  SER A CA    1 ? 
ATOM   498  C  C     . SER A 1 67  ? 13.825  -5.900  -3.846  1.000 24.631 0 67  SER A C     1 ? 
ATOM   499  O  O     . SER A 1 67  ? 14.146  -6.749  -4.678  1.000 24.564 0 67  SER A O     1 ? 
ATOM   500  C  CB    . SER A 1 67  ? 13.794  -6.601  -1.416  1.000 25.879 0 67  SER A CB    1 ? 
ATOM   501  O  OG    . SER A 1 67  ? 12.392  -6.440  -1.582  1.000 34.376 0 67  SER A OG    1 ? 
ATOM   502  N  N     . PHE A 1 68  ? 12.875  -4.988  -4.062  1.000 20.466 0 68  PHE A N     1 ? 
ATOM   503  C  CA    . PHE A 1 68  ? 12.076  -4.883  -5.310  1.000 21.002 0 68  PHE A CA    1 ? 
ATOM   504  C  C     . PHE A 1 68  ? 12.814  -4.037  -6.381  1.000 19.477 0 68  PHE A C     1 ? 
ATOM   505  O  O     . PHE A 1 68  ? 12.363  -4.008  -7.524  1.000 22.857 0 68  PHE A O     1 ? 
ATOM   506  C  CB    . PHE A 1 68  ? 10.704  -4.296  -4.964  1.000 22.242 0 68  PHE A CB    1 ? 
ATOM   507  C  CG    . PHE A 1 68  ? 9.824   -5.201  -4.127  1.000 25.465 0 68  PHE A CG    1 ? 
ATOM   508  C  CD1   . PHE A 1 68  ? 9.261   -4.749  -2.943  1.000 31.172 0 68  PHE A CD1   1 ? 
ATOM   509  C  CD2   . PHE A 1 68  ? 9.506   -6.475  -4.559  1.000 33.594 0 68  PHE A CD2   1 ? 
ATOM   510  C  CE1   . PHE A 1 68  ? 8.420   -5.564  -2.195  1.000 33.920 0 68  PHE A CE1   1 ? 
ATOM   511  C  CE2   . PHE A 1 68  ? 8.678   -7.295  -3.807  1.000 32.837 0 68  PHE A CE2   1 ? 
ATOM   512  C  CZ    . PHE A 1 68  ? 8.132   -6.836  -2.630  1.000 33.824 0 68  PHE A CZ    1 ? 
ATOM   513  N  N     . GLN A 1 69  ? 13.850  -3.285  -5.986  1.000 16.995 0 69  GLN A N     1 ? 
ATOM   514  C  CA    . GLN A 1 69  ? 14.663  -2.402  -6.868  1.000 18.803 0 69  GLN A CA    1 ? 
ATOM   515  C  C     . GLN A 1 69  ? 13.748  -1.361  -7.522  1.000 16.681 0 69  GLN A C     1 ? 
ATOM   516  O  O     . GLN A 1 69  ? 13.830  -1.138  -8.762  1.000 17.671 0 69  GLN A O     1 ? 
ATOM   517  C  CB    . GLN A 1 69  ? 15.433  -3.221  -7.911  1.000 24.187 0 69  GLN A CB    1 ? 
ATOM   518  C  CG    . GLN A 1 69  ? 16.375  -4.250  -7.280  1.000 26.344 0 69  GLN A CG    1 ? 
ATOM   519  C  CD    . GLN A 1 69  ? 17.502  -4.697  -8.186  1.000 33.953 0 69  GLN A CD    1 ? 
ATOM   520  O  OE1   . GLN A 1 69  ? 17.689  -4.197  -9.297  1.000 40.387 0 69  GLN A OE1   1 ? 
ATOM   521  N  NE2   . GLN A 1 69  ? 18.300  -5.633  -7.698  1.000 39.154 0 69  GLN A NE2   1 ? 
ATOM   522  N  N     . THR A 1 70  ? 12.923  -0.698  -6.717  1.000 14.307 0 70  THR A N     1 ? 
ATOM   523  C  CA    . THR A 1 70  ? 11.999  0.335   -7.217  1.000 14.144 0 70  THR A CA    1 ? 
ATOM   524  C  C     . THR A 1 70  ? 12.680  1.698   -7.246  1.000 13.631 0 70  THR A C     1 ? 
ATOM   525  O  O     . THR A 1 70  ? 13.726  1.889   -6.575  1.000 14.959 0 70  THR A O     1 ? 
ATOM   526  C  CB    . THR A 1 70  ? 10.714  0.400   -6.378  1.000 13.243 0 70  THR A CB    1 ? 
ATOM   527  O  OG1   . THR A 1 70  ? 11.024  0.648   -4.999  1.000 12.941 0 70  THR A OG1   1 ? 
ATOM   528  C  CG2   . THR A 1 70  ? 9.907   -0.857  -6.524  1.000 14.476 0 70  THR A CG2   1 ? 
ATOM   529  N  N     . LYS A 1 71  ? 12.128  2.615   -8.018  1.000 12.803 0 71  LYS A N     1 ? 
ATOM   530  C  CA    . LYS A 1 71  ? 12.539  4.021   -7.968  1.000 13.402 0 71  LYS A CA    1 ? 
ATOM   531  C  C     . LYS A 1 71  ? 11.329  4.934   -7.841  1.000 12.349 0 71  LYS A C     1 ? 
ATOM   532  O  O     . LYS A 1 71  ? 10.204  4.594   -8.318  1.000 11.936 0 71  LYS A O     1 ? 
ATOM   533  C  CB    . LYS A 1 71  ? 13.421  4.393   -9.157  1.000 15.543 0 71  LYS A CB    1 ? 
ATOM   534  C  CG    . LYS A 1 71  ? 12.706  4.545   -10.469 1.000 16.873 0 71  LYS A CG    1 ? 
ATOM   535  C  CD    . LYS A 1 71  ? 13.667  4.766   -11.614 1.000 19.096 0 71  LYS A CD    1 ? 
ATOM   536  C  CE    . LYS A 1 71  ? 13.007  5.459   -12.781 1.000 21.403 0 71  LYS A CE    1 ? 
ATOM   537  N  NZ    . LYS A 1 71  ? 12.703  4.512   -13.863 1.000 21.131 0 71  LYS A NZ    1 ? 
ATOM   538  N  N     . LYS A 1 72  ? 11.562  6.088   -7.304  1.000 11.169 0 72  LYS A N     1 ? 
ATOM   539  C  CA    . LYS A 1 72  ? 10.501  7.056   -6.984  1.000 11.538 0 72  LYS A CA    1 ? 
ATOM   540  C  C     . LYS A 1 72  ? 10.152  7.832   -8.241  1.000 11.287 0 72  LYS A C     1 ? 
ATOM   541  O  O     . LYS A 1 72  ? 11.057  8.419   -8.848  1.000 13.407 0 72  LYS A O     1 ? 
ATOM   542  C  CB    . LYS A 1 72  ? 10.960  8.012   -5.885  1.000 13.234 0 72  LYS A CB    1 ? 
ATOM   543  C  CG    . LYS A 1 72  ? 9.871   8.997   -5.438  1.000 16.811 0 72  LYS A CG    1 ? 
ATOM   544  C  CD    . LYS A 1 72  ? 10.394  10.085  -4.515  1.000 20.059 0 72  LYS A CD    1 ? 
ATOM   545  C  CE    . LYS A 1 72  ? 10.635  9.596   -3.108  1.000 23.751 0 72  LYS A CE    1 ? 
ATOM   546  N  NZ    . LYS A 1 72  ? 11.595  10.465  -2.396  1.000 29.304 0 72  LYS A NZ    1 ? 
ATOM   547  N  N     . LEU A 1 73  ? 8.872   7.897   -8.578  1.000 9.928  0 73  LEU A N     1 ? 
ATOM   548  C  CA    . LEU A 1 73  ? 8.316   8.868   -9.524  1.000 10.167 0 73  LEU A CA    1 ? 
ATOM   549  C  C     . LEU A 1 73  ? 7.290   9.728   -8.787  1.000 10.423 0 73  LEU A C     1 ? 
ATOM   550  O  O     . LEU A 1 73  ? 6.754   9.278   -7.802  1.000 10.843 0 73  LEU A O     1 ? 
ATOM   551  C  CB    . LEU A 1 73  ? 7.670   8.180   -10.736 1.000 10.621 0 73  LEU A CB    1 ? 
ATOM   552  C  CG    . LEU A 1 73  ? 8.645   7.440   -11.651 1.000 10.749 0 73  LEU A CG    1 ? 
ATOM   553  C  CD1   . LEU A 1 73  ? 7.932   6.557   -12.667 1.000 11.338 0 73  LEU A CD1   1 ? 
ATOM   554  C  CD2   . LEU A 1 73  ? 9.563   8.436   -12.362 1.000 10.861 0 73  LEU A CD2   1 ? 
ATOM   555  N  N     . THR A 1 74  ? 6.983   10.903  -9.311  1.000 11.328 0 74  THR A N     1 ? 
ATOM   556  C  CA    . THR A 1 74  ? 6.098   11.879  -8.657  1.000 12.320 0 74  THR A CA    1 ? 
ATOM   557  C  C     . THR A 1 74  ? 5.130   12.437  -9.680  1.000 12.548 0 74  THR A C     1 ? 
ATOM   558  O  O     . THR A 1 74  ? 5.541   12.664  -10.852 1.000 14.498 0 74  THR A O     1 ? 
ATOM   559  C  CB    . THR A 1 74  ? 6.911   13.001  -8.010  1.000 14.825 0 74  THR A CB    1 ? 
ATOM   560  O  OG1   . THR A 1 74  ? 7.804   12.447  -7.033  1.000 18.016 0 74  THR A OG1   1 ? 
ATOM   561  C  CG2   . THR A 1 74  ? 6.059   14.037  -7.335  1.000 15.720 0 74  THR A CG2   1 ? 
ATOM   562  N  N     . PHE A 1 75  ? 3.923   12.770  -9.258  1.000 10.507 0 75  PHE A N     1 ? 
ATOM   563  C  CA    . PHE A 1 75  ? 2.946   13.447  -10.134 1.000 10.963 0 75  PHE A CA    1 ? 
ATOM   564  C  C     . PHE A 1 75  ? 2.005   14.259  -9.280  1.000 12.001 0 75  PHE A C     1 ? 
ATOM   565  O  O     . PHE A 1 75  ? 1.932   14.067  -8.084  1.000 11.077 0 75  PHE A O     1 ? 
ATOM   566  C  CB    . PHE A 1 75  ? 2.214   12.461  -11.055 1.000 11.798 0 75  PHE A CB    1 ? 
ATOM   567  C  CG    . PHE A 1 75  ? 1.481   11.379  -10.317 1.000 12.083 0 75  PHE A CG    1 ? 
ATOM   568  C  CD1   . PHE A 1 75  ? 2.087   10.156  -10.087 1.000 14.114 0 75  PHE A CD1   1 ? 
ATOM   569  C  CD2   . PHE A 1 75  ? 0.213   11.603  -9.804  1.000 13.205 0 75  PHE A CD2   1 ? 
ATOM   570  C  CE1   . PHE A 1 75  ? 1.433   9.175   -9.348  1.000 15.302 0 75  PHE A CE1   1 ? 
ATOM   571  C  CE2   . PHE A 1 75  ? -0.443  10.618  -9.076  1.000 13.306 0 75  PHE A CE2   1 ? 
ATOM   572  C  CZ    . PHE A 1 75  ? 0.178   9.410   -8.844  1.000 14.331 0 75  PHE A CZ    1 ? 
ATOM   573  N  N     . ASP A 1 76  ? 1.369   15.231  -9.894  1.000 15.725 0 76  ASP A N     1 ? 
ATOM   574  C  CA    . ASP A 1 76  ? 0.348   16.052  -9.218  1.000 16.386 0 76  ASP A CA    1 ? 
ATOM   575  C  C     . ASP A 1 76  ? -1.029  15.489  -9.553  1.000 16.052 0 76  ASP A C     1 ? 
ATOM   576  O  O     . ASP A 1 76  ? -1.208  14.897  -10.609 1.000 19.012 0 76  ASP A O     1 ? 
ATOM   577  C  CB    . ASP A 1 76  ? 0.493   17.518  -9.595  1.000 20.687 0 76  ASP A CB    1 ? 
ATOM   578  C  CG    . ASP A 1 76  ? 1.725   18.168  -9.022  1.000 27.124 0 76  ASP A CG    1 ? 
ATOM   579  O  OD1   . ASP A 1 76  ? 2.423   18.860  -9.796  1.000 35.394 0 76  ASP A OD1   1 ? 
ATOM   580  O  OD2   . ASP A 1 76  ? 1.968   18.010  -7.798  1.000 33.262 0 76  ASP A OD2   1 ? 
ATOM   581  N  N     . TYR A 1 77  ? -1.965  15.590  -8.636  1.000 15.948 0 77  TYR A N     1 ? 
ATOM   582  C  CA    . TYR A 1 77  ? -3.404  15.313  -8.883  1.000 16.503 0 77  TYR A CA    1 ? 
ATOM   583  C  C     . TYR A 1 77  ? -4.148  16.590  -8.557  1.000 15.041 0 77  TYR A C     1 ? 
ATOM   584  O  O     . TYR A 1 77  ? -3.995  17.098  -7.467  1.000 15.946 0 77  TYR A O     1 ? 
ATOM   585  C  CB    . TYR A 1 77  ? -3.929  14.156  -8.020  1.000 19.090 0 77  TYR A CB    1 ? 
ATOM   586  C  CG    . TYR A 1 77  ? -5.414  13.916  -8.104  1.000 21.010 0 77  TYR A CG    1 ? 
ATOM   587  C  CD1   . TYR A 1 77  ? -5.973  13.328  -9.223  1.000 22.802 0 77  TYR A CD1   1 ? 
ATOM   588  C  CD2   . TYR A 1 77  ? -6.276  14.299  -7.082  1.000 21.313 0 77  TYR A CD2   1 ? 
ATOM   589  C  CE1   . TYR A 1 77  ? -7.343  13.139  -9.349  1.000 23.465 0 77  TYR A CE1   1 ? 
ATOM   590  C  CE2   . TYR A 1 77  ? -7.652  14.079  -7.172  1.000 21.410 0 77  TYR A CE2   1 ? 
ATOM   591  C  CZ    . TYR A 1 77  ? -8.184  13.490  -8.310  1.000 24.998 0 77  TYR A CZ    1 ? 
ATOM   592  O  OH    . TYR A 1 77  ? -9.535  13.317  -8.434  1.000 28.098 0 77  TYR A OH    1 ? 
ATOM   593  N  N     . LEU A 1 78  ? -4.879  17.141  -9.522  1.000 14.258 0 78  LEU A N     1 ? 
ATOM   594  C  CA    . LEU A 1 78  ? -5.441  18.504  -9.404  1.000 16.387 0 78  LEU A CA    1 ? 
ATOM   595  C  C     . LEU A 1 78  ? -6.297  18.609  -8.131  1.000 14.493 0 78  LEU A C     1 ? 
ATOM   596  O  O     . LEU A 1 78  ? -7.148  17.725  -7.878  1.000 17.891 0 78  LEU A O     1 ? 
ATOM   597  C  CB    . LEU A 1 78  ? -6.235  18.847  -10.671 1.000 19.959 0 78  LEU A CB    1 ? 
ATOM   598  C  CG    . LEU A 1 78  ? -6.797  20.278  -10.739 1.000 24.483 0 78  LEU A CG    1 ? 
ATOM   599  C  CD1   . LEU A 1 78  ? -5.680  21.308  -10.796 1.000 29.171 0 78  LEU A CD1   1 ? 
ATOM   600  C  CD2   . LEU A 1 78  ? -7.725  20.424  -11.937 1.000 26.404 0 78  LEU A CD2   1 ? 
ATOM   601  N  N     . GLY A 1 79  ? -6.079  19.674  -7.359  1.000 15.119 0 79  GLY A N     1 ? 
ATOM   602  C  CA    . GLY A 1 79  ? -6.843  19.943  -6.138  1.000 15.820 0 79  GLY A CA    1 ? 
ATOM   603  C  C     . GLY A 1 79  ? -6.174  19.368  -4.911  1.000 16.469 0 79  GLY A C     1 ? 
ATOM   604  O  O     . GLY A 1 79  ? -6.537  19.780  -3.780  1.000 15.969 0 79  GLY A O     1 ? 
ATOM   605  N  N     . ARG A 1 80  ? -5.234  18.425  -5.083  1.000 14.181 0 80  ARG A N     1 ? 
ATOM   606  C  CA    . ARG A 1 80  ? -4.601  17.762  -3.917  1.000 13.778 0 80  ARG A CA    1 ? 
ATOM   607  C  C     . ARG A 1 80  ? -3.637  18.732  -3.264  1.000 13.077 0 80  ARG A C     1 ? 
ATOM   608  O  O     . ARG A 1 80  ? -2.943  19.488  -3.929  1.000 15.211 0 80  ARG A O     1 ? 
ATOM   609  C  CB    . ARG A 1 80  ? -3.957  16.439  -4.300  1.000 14.350 0 80  ARG A CB    1 ? 
ATOM   610  C  CG    . ARG A 1 80  ? -3.649  15.534  -3.117  1.000 16.029 0 80  ARG A CG    1 ? 
ATOM   611  C  CD    . ARG A 1 80  ? -3.138  14.200  -3.625  1.000 17.465 0 80  ARG A CD    1 ? 
ATOM   612  N  NE    . ARG A 1 80  ? -2.930  13.193  -2.582  1.000 18.388 0 80  ARG A NE    1 ? 
ATOM   613  C  CZ    . ARG A 1 80  ? -1.789  13.025  -1.915  1.000 21.794 0 80  ARG A CZ    1 ? 
ATOM   614  N  NH1   . ARG A 1 80  ? -0.777  13.852  -2.109  1.000 25.185 0 80  ARG A NH1   1 ? 
ATOM   615  N  NH2   . ARG A 1 80  ? -1.678  12.044  -1.035  1.000 23.069 0 80  ARG A NH2   1 ? 
ATOM   616  N  N     . PRO A 1 81  ? -3.564  18.713  -1.919  1.000 13.703 0 81  PRO A N     1 ? 
ATOM   617  C  CA    . PRO A 1 81  ? -2.683  19.605  -1.188  1.000 15.446 0 81  PRO A CA    1 ? 
ATOM   618  C  C     . PRO A 1 81  ? -1.199  19.402  -1.515  1.000 13.394 0 81  PRO A C     1 ? 
ATOM   619  O  O     . PRO A 1 81  ? -0.417  20.338  -1.331  1.000 15.043 0 81  PRO A O     1 ? 
ATOM   620  C  CB    . PRO A 1 81  ? -2.954  19.257  0.283   1.000 15.984 0 81  PRO A CB    1 ? 
ATOM   621  C  CG    . PRO A 1 81  ? -4.292  18.598  0.292   1.000 18.184 0 81  PRO A CG    1 ? 
ATOM   622  C  CD    . PRO A 1 81  ? -4.459  17.943  -1.052  1.000 15.188 0 81  PRO A CD    1 ? 
ATOM   623  N  N     . ARG A 1 82  ? -0.826  18.168  -1.854  1.000 12.104 0 82  ARG A N     1 ? 
ATOM   624  C  CA    . ARG A 1 82  ? 0.579   17.792  -2.042  1.000 10.902 0 82  ARG A CA    1 ? 
ATOM   625  C  C     . ARG A 1 82  ? 0.678   16.895  -3.254  1.000 11.058 0 82  ARG A C     1 ? 
ATOM   626  O  O     . ARG A 1 82  ? -0.341  16.266  -3.595  1.000 12.180 0 82  ARG A O     1 ? 
ATOM   627  C  CB    . ARG A 1 82  ? 1.123   17.092  -0.795  1.000 12.097 0 82  ARG A CB    1 ? 
ATOM   628  C  CG    . ARG A 1 82  ? 1.129   17.964  0.453   1.000 13.722 0 82  ARG A CG    1 ? 
ATOM   629  C  CD    . ARG A 1 82  ? 1.467   17.193  1.708   1.000 14.177 0 82  ARG A CD    1 ? 
ATOM   630  N  NE    . ARG A 1 82  ? 0.433   16.261  2.160   1.000 13.665 0 82  ARG A NE    1 ? 
ATOM   631  C  CZ    . ARG A 1 82  ? -0.686  16.571  2.821   1.000 13.162 0 82  ARG A CZ    1 ? 
ATOM   632  N  NH1   . ARG A 1 82  ? -1.002  17.836  3.120   1.000 11.995 0 82  ARG A NH1   1 ? 
ATOM   633  N  NH2   . ARG A 1 82  ? -1.527  15.589  3.104   1.000 14.011 0 82  ARG A NH2   1 ? 
ATOM   634  N  N     . ASN A 1 83  ? 1.862   16.789  -3.827  1.000 9.687  0 83  ASN A N     1 ? 
ATOM   635  C  CA    . ASN A 1 83  ? 2.098   15.838  -4.927  1.000 10.122 0 83  ASN A CA    1 ? 
ATOM   636  C  C     . ASN A 1 83  ? 2.034   14.400  -4.395  1.000 9.940  0 83  ASN A C     1 ? 
ATOM   637  O  O     . ASN A 1 83  ? 1.999   14.188  -3.158  1.000 12.222 0 83  ASN A O     1 ? 
ATOM   638  C  CB    . ASN A 1 83  ? 3.420   16.099  -5.642  1.000 12.352 0 83  ASN A CB    1 ? 
ATOM   639  C  CG    . ASN A 1 83  ? 4.663   15.938  -4.794  1.000 17.473 0 83  ASN A CG    1 ? 
ATOM   640  O  OD1   . ASN A 1 83  ? 4.629   15.569  -3.619  1.000 20.542 0 83  ASN A OD1   1 ? 
ATOM   641  N  ND2   . ASN A 1 83  ? 5.801   16.273  -5.380  1.000 24.747 0 83  ASN A ND2   1 ? 
ATOM   642  N  N     . ILE A 1 84  ? 1.915   13.445  -5.289  1.000 9.217  0 84  ILE A N     1 ? 
ATOM   643  C  CA    . ILE A 1 84  ? 1.920   12.004  -4.960  1.000 10.351 0 84  ILE A CA    1 ? 
ATOM   644  C  C     . ILE A 1 84  ? 3.273   11.443  -5.333  1.000 10.522 0 84  ILE A C     1 ? 
ATOM   645  O  O     . ILE A 1 84  ? 3.703   11.658  -6.485  1.000 11.092 0 84  ILE A O     1 ? 
ATOM   646  C  CB    . ILE A 1 84  ? 0.783   11.279  -5.678  1.000 11.533 0 84  ILE A CB    1 ? 
ATOM   647  C  CG1   . ILE A 1 84  ? -0.561  11.807  -5.165  1.000 13.472 0 84  ILE A CG1   1 ? 
ATOM   648  C  CG2   . ILE A 1 84  ? 0.905   9.780   -5.503  1.000 12.166 0 84  ILE A CG2   1 ? 
ATOM   649  C  CD1   . ILE A 1 84  ? -1.738  11.289  -5.860  1.000 16.224 0 84  ILE A CD1   1 ? 
ATOM   650  N  N     . ASP A 1 85  ? 3.908   10.729  -4.434  1.000 10.258 0 85  ASP A N     1 ? 
ATOM   651  C  CA    . ASP A 1 85  ? 5.161   10.014  -4.732  1.000 11.204 0 85  ASP A CA    1 ? 
ATOM   652  C  C     . ASP A 1 85  ? 4.873   8.529   -4.759  1.000 10.515 0 85  ASP A C     1 ? 
ATOM   653  O  O     . ASP A 1 85  ? 4.223   8.034   -3.845  1.000 10.993 0 85  ASP A O     1 ? 
ATOM   654  C  CB    . ASP A 1 85  ? 6.244   10.348  -3.715  1.000 12.688 0 85  ASP A CB    1 ? 
ATOM   655  C  CG    . ASP A 1 85  ? 6.492   11.843  -3.553  1.000 18.429 0 85  ASP A CG    1 ? 
ATOM   656  O  OD1   . ASP A 1 85  ? 6.851   12.492  -4.544  1.000 20.779 0 85  ASP A OD1   1 ? 
ATOM   657  O  OD2   . ASP A 1 85  ? 6.290   12.348  -2.434  1.000 22.009 0 85  ASP A OD2   1 ? 
ATOM   658  N  N     . VAL A 1 86  ? 5.360   7.815   -5.753  1.000 8.320  0 86  VAL A N     1 ? 
ATOM   659  C  CA    . VAL A 1 86  ? 5.144   6.351   -5.890  1.000 8.848  0 86  VAL A CA    1 ? 
ATOM   660  C  C     . VAL A 1 86  ? 6.488   5.678   -6.134  1.000 8.938  0 86  VAL A C     1 ? 
ATOM   661  O  O     . VAL A 1 86  ? 7.245   6.146   -7.020  1.000 10.604 0 86  VAL A O     1 ? 
ATOM   662  C  CB    . VAL A 1 86  ? 4.136   6.004   -6.998  1.000 9.083  0 86  VAL A CB    1 ? 
ATOM   663  C  CG1   . VAL A 1 86  ? 2.699   6.289   -6.572  1.000 9.900  0 86  VAL A CG1   1 ? 
ATOM   664  C  CG2   . VAL A 1 86  ? 4.408   6.702   -8.324  1.000 9.720  0 86  VAL A CG2   1 ? 
ATOM   665  N  N     . GLU A 1 87  ? 6.722   4.571   -5.479  1.000 8.842  0 87  GLU A N     1 ? 
ATOM   666  C  CA    . GLU A 1 87  ? 7.795   3.633   -5.859  1.000 9.678  0 87  GLU A CA    1 ? 
ATOM   667  C  C     . GLU A 1 87  ? 7.334   2.808   -7.053  1.000 9.946  0 87  GLU A C     1 ? 
ATOM   668  O  O     . GLU A 1 87  ? 6.219   2.299   -7.039  1.000 10.384 0 87  GLU A O     1 ? 
ATOM   669  C  CB    . GLU A 1 87  ? 8.165   2.737   -4.686  1.000 10.178 0 87  GLU A CB    1 ? 
ATOM   670  C  CG    . GLU A 1 87  ? 8.947   3.480   -3.592  1.000 11.084 0 87  GLU A CG    1 ? 
ATOM   671  C  CD    . GLU A 1 87  ? 10.282  4.080   -4.017  1.000 12.760 0 87  GLU A CD    1 ? 
ATOM   672  O  OE1   . GLU A 1 87  ? 11.014  3.402   -4.794  1.000 13.240 0 87  GLU A OE1   1 ? 
ATOM   673  O  OE2   . GLU A 1 87  ? 10.627  5.245   -3.540  1.000 13.897 0 87  GLU A OE2   1 ? 
ATOM   674  N  N     . THR A 1 88  ? 8.190   2.649   -8.054  1.000 9.737  0 88  THR A N     1 ? 
ATOM   675  C  CA    . THR A 1 88  ? 7.782   2.059   -9.338  1.000 10.364 0 88  THR A CA    1 ? 
ATOM   676  C  C     . THR A 1 88  ? 8.820   1.089   -9.846  1.000 10.493 0 88  THR A C     1 ? 
ATOM   677  O  O     . THR A 1 88  ? 10.003  1.242   -9.544  1.000 11.966 0 88  THR A O     1 ? 
ATOM   678  C  CB    . THR A 1 88  ? 7.536   3.089   -10.419 1.000 11.468 0 88  THR A CB    1 ? 
ATOM   679  O  OG1   . THR A 1 88  ? 8.730   3.780   -10.802 1.000 12.366 0 88  THR A OG1   1 ? 
ATOM   680  C  CG2   . THR A 1 88  ? 6.488   4.080   -9.994  1.000 10.924 0 88  THR A CG2   1 ? 
ATOM   681  N  N     . LEU A 1 89  ? 8.342   0.098   -10.542 1.000 10.487 0 89  LEU A N     1 ? 
ATOM   682  C  CA    . LEU A 1 89  ? 9.151   -0.869  -11.303 1.000 12.182 0 89  LEU A CA    1 ? 
ATOM   683  C  C     . LEU A 1 89  ? 8.622   -0.905  -12.729 1.000 11.157 0 89  LEU A C     1 ? 
ATOM   684  O  O     . LEU A 1 89  ? 7.404   -1.012  -12.904 1.000 11.410 0 89  LEU A O     1 ? 
ATOM   685  C  CB    . LEU A 1 89  ? 9.038   -2.245  -10.638 1.000 14.984 0 89  LEU A CB    1 ? 
ATOM   686  C  CG    . LEU A 1 89  ? 9.913   -3.330  -11.263 1.000 19.288 0 89  LEU A CG    1 ? 
ATOM   687  C  CD1   . LEU A 1 89  ? 11.359  -2.864  -11.305 1.000 20.902 0 89  LEU A CD1   1 ? 
ATOM   688  C  CD2   . LEU A 1 89  ? 9.789   -4.619  -10.481 1.000 21.491 0 89  LEU A CD2   1 ? 
ATOM   689  N  N     . ILE A 1 90  ? 9.498   -0.895  -13.714 1.000 11.026 0 90  ILE A N     1 ? 
ATOM   690  C  CA    . ILE A 1 90  ? 9.066   -1.010  -15.123 1.000 12.356 0 90  ILE A CA    1 ? 
ATOM   691  C  C     . ILE A 1 90  ? 9.603   -2.316  -15.691 1.000 12.082 0 90  ILE A C     1 ? 
ATOM   692  O  O     . ILE A 1 90  ? 10.803  -2.585  -15.522 1.000 14.433 0 90  ILE A O     1 ? 
ATOM   693  C  CB    . ILE A 1 90  ? 9.506   0.216   -15.919 1.000 14.595 0 90  ILE A CB    1 ? 
ATOM   694  C  CG1   . ILE A 1 90  ? 8.768   1.469   -15.435 1.000 16.593 0 90  ILE A CG1   1 ? 
ATOM   695  C  CG2   . ILE A 1 90  ? 9.310   -0.056  -17.402 1.000 15.688 0 90  ILE A CG2   1 ? 
ATOM   696  C  CD1   . ILE A 1 90  ? 9.437   2.774   -15.831 1.000 19.036 0 90  ILE A CD1   1 ? 
ATOM   697  N  N     . GLN A 1 91  ? 8.736   -3.121  -16.265 1.000 12.860 0 91  GLN A N     1 ? 
ATOM   698  C  CA    . GLN A 1 91  ? 9.106   -4.432  -16.851 1.000 14.531 0 91  GLN A CA    1 ? 
ATOM   699  C  C     . GLN A 1 91  ? 8.262   -4.651  -18.087 1.000 12.804 0 91  GLN A C     1 ? 
ATOM   700  O  O     . GLN A 1 91  ? 7.023   -4.667  -17.983 1.000 11.660 0 91  GLN A O     1 ? 
ATOM   701  C  CB    . GLN A 1 91  ? 8.869   -5.535  -15.834 1.000 18.486 0 91  GLN A CB    1 ? 
ATOM   702  C  CG    . GLN A 1 91  ? 9.373   -6.887  -16.276 1.000 22.828 0 91  GLN A CG    1 ? 
ATOM   703  C  CD    . GLN A 1 91  ? 9.675   -7.753  -15.077 1.000 29.981 0 91  GLN A CD    1 ? 
ATOM   704  O  OE1   . GLN A 1 91  ? 10.101  -7.267  -14.023 1.000 32.675 0 91  GLN A OE1   1 ? 
ATOM   705  N  NE2   . GLN A 1 91  ? 9.412   -9.042  -15.216 1.000 35.203 0 91  GLN A NE2   1 ? 
ATOM   706  N  N     . ASP A 1 92  ? 8.906   -4.916  -19.216 1.000 11.837 0 92  ASP A N     1 ? 
ATOM   707  C  CA    . ASP A 1 92  ? 8.199   -5.434  -20.408 1.000 11.796 0 92  ASP A CA    1 ? 
ATOM   708  C  C     . ASP A 1 92  ? 6.998   -4.513  -20.760 1.000 11.369 0 92  ASP A C     1 ? 
ATOM   709  O  O     . ASP A 1 92  ? 5.889   -4.998  -21.044 1.000 10.759 0 92  ASP A O     1 ? 
ATOM   710  C  CB    . ASP A 1 92  ? 7.835   -6.886  -20.155 1.000 11.822 0 92  ASP A CB    1 ? 
ATOM   711  C  CG    . ASP A 1 92  ? 9.029   -7.812  -20.174 1.000 13.317 0 92  ASP A CG    1 ? 
ATOM   712  O  OD1   . ASP A 1 92  ? 10.058  -7.432  -20.815 1.000 13.253 0 92  ASP A OD1   1 ? 
ATOM   713  O  OD2   . ASP A 1 92  ? 8.939   -8.897  -19.532 1.000 18.007 0 92  ASP A OD2   1 ? 
ATOM   714  N  N     . GLY A 1 93  ? 7.257   -3.214  -20.811 1.000 11.417 0 93  GLY A N     1 ? 
ATOM   715  C  CA    . GLY A 1 93  ? 6.304   -2.238  -21.339 1.000 12.035 0 93  GLY A CA    1 ? 
ATOM   716  C  C     . GLY A 1 93  ? 5.195   -1.917  -20.357 1.000 11.778 0 93  GLY A C     1 ? 
ATOM   717  O  O     . GLY A 1 93  ? 4.183   -1.303  -20.786 1.000 12.421 0 93  GLY A O     1 ? 
ATOM   718  N  N     . LYS A 1 94  ? 5.312   -2.399  -19.132 1.000 10.249 0 94  LYS A N     1 ? 
ATOM   719  C  CA    . LYS A 1 94  ? 4.288   -2.212  -18.078 1.000 10.161 0 94  LYS A CA    1 ? 
ATOM   720  C  C     . LYS A 1 94  ? 4.937   -1.532  -16.884 1.000 8.606  0 94  LYS A C     1 ? 
ATOM   721  O  O     . LYS A 1 94  ? 6.126   -1.803  -16.607 1.000 10.012 0 94  LYS A O     1 ? 
ATOM   722  C  CB    . LYS A 1 94  ? 3.662   -3.533  -17.721 1.000 12.178 0 94  LYS A CB    1 ? 
ATOM   723  C  CG    . LYS A 1 94  ? 2.913   -4.170  -18.882 1.000 13.695 0 94  LYS A CG    1 ? 
ATOM   724  C  CD    . LYS A 1 94  ? 2.241   -5.464  -18.509 1.000 16.378 0 94  LYS A CD    1 ? 
ATOM   725  C  CE    . LYS A 1 94  ? 1.885   -6.323  -19.702 1.000 20.255 0 94  LYS A CE    1 ? 
ATOM   726  N  NZ    . LYS A 1 94  ? 1.330   -7.617  -19.259 1.000 25.068 0 94  LYS A NZ    1 ? 
ATOM   727  N  N     . LEU A 1 95  ? 4.208   -0.648  -16.208 1.000 8.195  0 95  LEU A N     1 ? 
ATOM   728  C  CA    . LEU A 1 95  ? 4.722   -0.002  -14.982 1.000 8.756  0 95  LEU A CA    1 ? 
ATOM   729  C  C     . LEU A 1 95  ? 3.923   -0.493  -13.792 1.000 7.876  0 95  LEU A C     1 ? 
ATOM   730  O  O     . LEU A 1 95  ? 2.669   -0.611  -13.898 1.000 8.940  0 95  LEU A O     1 ? 
ATOM   731  C  CB    . LEU A 1 95  ? 4.612   1.503   -15.146 1.000 8.951  0 95  LEU A CB    1 ? 
ATOM   732  C  CG    . LEU A 1 95  ? 5.183   2.345   -14.014 1.000 9.195  0 95  LEU A CG    1 ? 
ATOM   733  C  CD1   . LEU A 1 95  ? 5.723   3.660   -14.546 1.000 10.273 0 95  LEU A CD1   1 ? 
ATOM   734  C  CD2   . LEU A 1 95  ? 4.110   2.612   -12.965 1.000 9.105  0 95  LEU A CD2   1 ? 
ATOM   735  N  N     . TYR A 1 96  ? 4.599   -0.789  -12.702 1.000 7.370  0 96  TYR A N     1 ? 
ATOM   736  C  CA    . TYR A 1 96  ? 3.974   -1.202  -11.454 1.000 8.387  0 96  TYR A CA    1 ? 
ATOM   737  C  C     . TYR A 1 96  ? 4.327   -0.188  -10.376 1.000 8.303  0 96  TYR A C     1 ? 
ATOM   738  O  O     . TYR A 1 96  ? 5.510   0.002   -10.085 1.000 9.598  0 96  TYR A O     1 ? 
ATOM   739  C  CB    . TYR A 1 96  ? 4.459   -2.594  -11.084 1.000 9.377  0 96  TYR A CB    1 ? 
ATOM   740  C  CG    . TYR A 1 96  ? 4.231   -3.616  -12.144 1.000 9.783  0 96  TYR A CG    1 ? 
ATOM   741  C  CD1   . TYR A 1 96  ? 5.168   -3.807  -13.138 1.000 10.550 0 96  TYR A CD1   1 ? 
ATOM   742  C  CD2   . TYR A 1 96  ? 3.062   -4.340  -12.200 1.000 11.010 0 96  TYR A CD2   1 ? 
ATOM   743  C  CE1   . TYR A 1 96  ? 4.957   -4.728  -14.143 1.000 11.425 0 96  TYR A CE1   1 ? 
ATOM   744  C  CE2   . TYR A 1 96  ? 2.845   -5.276  -13.196 1.000 11.268 0 96  TYR A CE2   1 ? 
ATOM   745  C  CZ    . TYR A 1 96  ? 3.810   -5.477  -14.161 1.000 11.338 0 96  TYR A CZ    1 ? 
ATOM   746  O  OH    . TYR A 1 96  ? 3.557   -6.393  -15.157 1.000 14.608 0 96  TYR A OH    1 ? 
ATOM   747  N  N     . VAL A 1 97  ? 3.319   0.397   -9.742  1.000 8.333  0 97  VAL A N     1 ? 
ATOM   748  C  CA    . VAL A 1 97  ? 3.477   1.062   -8.438  1.000 8.479  0 97  VAL A CA    1 ? 
ATOM   749  C  C     . VAL A 1 97  ? 3.558   -0.014  -7.376  1.000 8.795  0 97  VAL A C     1 ? 
ATOM   750  O  O     . VAL A 1 97  ? 2.609   -0.852  -7.317  1.000 11.076 0 97  VAL A O     1 ? 
ATOM   751  C  CB    . VAL A 1 97  ? 2.319   2.019   -8.196  1.000 9.037  0 97  VAL A CB    1 ? 
ATOM   752  C  CG1   . VAL A 1 97  ? 2.348   2.533   -6.763  1.000 10.168 0 97  VAL A CG1   1 ? 
ATOM   753  C  CG2   . VAL A 1 97  ? 2.283   3.112   -9.233  1.000 9.937  0 97  VAL A CG2   1 ? 
ATOM   754  N  N     . ILE A 1 98  ? 4.637   -0.060  -6.615  1.000 9.482  0 98  ILE A N     1 ? 
ATOM   755  C  CA    . ILE A 1 98  ? 4.836   -1.031  -5.519  1.000 10.482 0 98  ILE A CA    1 ? 
ATOM   756  C  C     . ILE A 1 98  ? 4.850   -0.255  -4.211  1.000 11.716 0 98  ILE A C     1 ? 
ATOM   757  O  O     . ILE A 1 98  ? 5.846   0.385   -3.932  1.000 14.543 0 98  ILE A O     1 ? 
ATOM   758  C  CB    . ILE A 1 98  ? 6.117   -1.846  -5.695  1.000 13.761 0 98  ILE A CB    1 ? 
ATOM   759  C  CG1   . ILE A 1 98  ? 6.236   -2.394  -7.119  1.000 16.818 0 98  ILE A CG1   1 ? 
ATOM   760  C  CG2   . ILE A 1 98  ? 6.168   -2.924  -4.635  1.000 14.161 0 98  ILE A CG2   1 ? 
ATOM   761  C  CD1   . ILE A 1 98  ? 5.172   -3.289  -7.509  1.000 18.428 0 98  ILE A CD1   1 ? 
ATOM   762  N  N     . ASP A 1 99  ? 3.779   -0.284  -3.470  1.000 9.086  0 99  ASP A N     1 ? 
ATOM   763  C  CA    . ASP A 1 99  ? 3.658   0.564   -2.264  1.000 9.895  0 99  ASP A CA    1 ? 
ATOM   764  C  C     . ASP A 1 99  ? 3.639   -0.291  -1.020  1.000 10.355 0 99  ASP A C     1 ? 
ATOM   765  O  O     . ASP A 1 99  ? 2.777   -1.199  -0.923  1.000 11.396 0 99  ASP A O     1 ? 
ATOM   766  C  CB    . ASP A 1 99  ? 2.420   1.434   -2.312  1.000 9.775  0 99  ASP A CB    1 ? 
ATOM   767  C  CG    . ASP A 1 99  ? 2.484   2.592   -1.340  1.000 12.083 0 99  ASP A CG    1 ? 
ATOM   768  O  OD1   . ASP A 1 99  ? 3.399   3.422   -1.496  1.000 14.967 0 99  ASP A OD1   1 ? 
ATOM   769  O  OD2   . ASP A 1 99  ? 1.611   2.661   -0.441  1.000 11.431 0 99  ASP A OD2   1 ? 
ATOM   770  N  N     . PHE A 1 100 ? 4.525   0.024   -0.093  1.000 10.842 0 100 PHE A N     1 ? 
ATOM   771  C  CA    . PHE A 1 100 ? 4.499   -0.474  1.281   1.000 12.473 0 100 PHE A CA    1 ? 
ATOM   772  C  C     . PHE A 1 100 ? 3.889   0.635   2.114   1.000 12.146 0 100 PHE A C     1 ? 
ATOM   773  O  O     . PHE A 1 100 ? 4.531   1.694   2.290   1.000 13.436 0 100 PHE A O     1 ? 
ATOM   774  C  CB    . PHE A 1 100 ? 5.896   -0.822  1.804   1.000 13.825 0 100 PHE A CB    1 ? 
ATOM   775  C  CG    . PHE A 1 100 ? 5.894   -1.028  3.303   1.000 18.633 0 100 PHE A CG    1 ? 
ATOM   776  C  CD1   . PHE A 1 100 ? 5.076   -1.991  3.876   1.000 22.045 0 100 PHE A CD1   1 ? 
ATOM   777  C  CD2   . PHE A 1 100 ? 6.558   -0.152  4.139   1.000 20.174 0 100 PHE A CD2   1 ? 
ATOM   778  C  CE1   . PHE A 1 100 ? 4.995   -2.121  5.255   1.000 25.520 0 100 PHE A CE1   1 ? 
ATOM   779  C  CE2   . PHE A 1 100 ? 6.489   -0.288  5.509   1.000 20.412 0 100 PHE A CE2   1 ? 
ATOM   780  C  CZ    . PHE A 1 100 ? 5.680   -1.254  6.069   1.000 19.834 0 100 PHE A CZ    1 ? 
ATOM   781  N  N     . PRO A 1 101 ? 2.619   0.506   2.539   1.000 10.924 0 101 PRO A N     1 ? 
ATOM   782  C  CA    . PRO A 1 101 ? 1.916   1.637   3.119   1.000 11.427 0 101 PRO A CA    1 ? 
ATOM   783  C  C     . PRO A 1 101 ? 2.480   2.015   4.495   1.000 10.980 0 101 PRO A C     1 ? 
ATOM   784  O  O     . PRO A 1 101 ? 2.338   1.239   5.430   1.000 11.964 0 101 PRO A O     1 ? 
ATOM   785  C  CB    . PRO A 1 101 ? 0.462   1.181   3.225   1.000 11.863 0 101 PRO A CB    1 ? 
ATOM   786  C  CG    . PRO A 1 101 ? 0.374   -0.051  2.336   1.000 12.879 0 101 PRO A CG    1 ? 
ATOM   787  C  CD    . PRO A 1 101 ? 1.750   -0.657  2.373   1.000 12.006 0 101 PRO A CD    1 ? 
ATOM   788  N  N     . THR A 1 102 ? 2.950   3.247   4.643   1.000 9.669  0 102 THR A N     1 ? 
ATOM   789  C  CA    . THR A 1 102 ? 3.441   3.730   5.954   1.000 10.696 0 102 THR A CA    1 ? 
ATOM   790  C  C     . THR A 1 102 ? 2.275   3.836   6.949   1.000 9.424  0 102 THR A C     1 ? 
ATOM   791  O  O     . THR A 1 102 ? 2.524   3.757   8.149   1.000 10.690 0 102 THR A O     1 ? 
ATOM   792  C  CB    . THR A 1 102 ? 4.225   5.032   5.804   1.000 11.871 0 102 THR A CB    1 ? 
ATOM   793  O  OG1   . THR A 1 102 ? 3.491   5.902   4.954   1.000 12.915 0 102 THR A OG1   1 ? 
ATOM   794  C  CG2   . THR A 1 102 ? 5.604   4.785   5.228   1.000 14.520 0 102 THR A CG2   1 ? 
ATOM   795  N  N     . VAL A 1 103 ? 1.033   3.982   6.475   1.000 8.663  0 103 VAL A N     1 ? 
ATOM   796  C  CA    . VAL A 1 103 ? -0.184  4.003   7.320   1.000 9.000  0 103 VAL A CA    1 ? 
ATOM   797  C  C     . VAL A 1 103 ? -0.274  2.737   8.192   1.000 8.748  0 103 VAL A C     1 ? 
ATOM   798  O  O     . VAL A 1 103 ? -0.957  2.778   9.179   1.000 8.939  0 103 VAL A O     1 ? 
ATOM   799  C  CB    . VAL A 1 103 ? -1.413  4.188   6.432   1.000 9.548  0 103 VAL A CB    1 ? 
ATOM   800  C  CG1   . VAL A 1 103 ? -1.877  2.849   5.834   1.000 9.288  0 103 VAL A CG1   1 ? 
ATOM   801  C  CG2   . VAL A 1 103 ? -2.506  4.887   7.198   1.000 10.348 0 103 VAL A CG2   1 ? 
ATOM   802  N  N     . LEU A 1 104 ? 0.358   1.637   7.799   1.000 9.623  0 104 LEU A N     1 ? 
ATOM   803  C  CA    . LEU A 1 104 ? 0.211   0.377   8.587   1.000 11.410 0 104 LEU A CA    1 ? 
ATOM   804  C  C     . LEU A 1 104 ? 0.835   0.517   9.964   1.000 12.926 0 104 LEU A C     1 ? 
ATOM   805  O  O     . LEU A 1 104 ? 0.423   -0.273  10.859  1.000 14.786 0 104 LEU A O     1 ? 
ATOM   806  C  CB    . LEU A 1 104 ? 0.817   -0.805  7.839   1.000 12.857 0 104 LEU A CB    1 ? 
ATOM   807  C  CG    . LEU A 1 104 ? 0.091   -1.239  6.582   1.000 13.306 0 104 LEU A CG    1 ? 
ATOM   808  C  CD1   . LEU A 1 104 ? 0.910   -2.289  5.835   1.000 15.114 0 104 LEU A CD1   1 ? 
ATOM   809  C  CD2   . LEU A 1 104 ? -1.289  -1.779  6.901   1.000 14.444 0 104 LEU A CD2   1 ? 
ATOM   810  N  N     . SER A 1 105 ? 1.668   1.518   10.192  1.000 12.246 0 105 SER A N     1 ? 
ATOM   811  C  CA    . SER A 1 105 ? 2.179   1.793   11.561  1.000 13.925 0 105 SER A CA    1 ? 
ATOM   812  C  C     . SER A 1 105 ? 0.997   1.924   12.552  1.000 13.059 0 105 SER A C     1 ? 
ATOM   813  O  O     . SER A 1 105 ? 1.144   1.549   13.756  1.000 14.433 0 105 SER A O     1 ? 
ATOM   814  C  CB    . SER A 1 105 ? 3.079   2.985   11.580  1.000 16.038 0 105 SER A CB    1 ? 
ATOM   815  O  OG    . SER A 1 105 ? 2.374   4.147   11.273  1.000 20.828 0 105 SER A OG    1 ? 
ATOM   816  N  N     . GLY A 1 106 ? -0.151  2.416   12.126  1.000 12.628 0 106 GLY A N     1 ? 
ATOM   817  C  CA    . GLY A 1 106 ? -1.320  2.591   12.985  1.000 13.738 0 106 GLY A CA    1 ? 
ATOM   818  C  C     . GLY A 1 106 ? -1.793  1.283   13.585  1.000 14.357 0 106 GLY A C     1 ? 
ATOM   819  O  O     . GLY A 1 106 ? -2.426  1.320   14.618  1.000 15.392 0 106 GLY A O     1 ? 
ATOM   820  N  N     . ILE A 1 107 ? -1.582  0.180   12.880  1.000 14.842 0 107 ILE A N     1 ? 
ATOM   821  C  CA    . ILE A 1 107 ? -2.031  -1.162  13.366  1.000 16.879 0 107 ILE A CA    1 ? 
ATOM   822  C  C     . ILE A 1 107 ? -1.282  -1.498  14.658  1.000 17.392 0 107 ILE A C     1 ? 
ATOM   823  O  O     . ILE A 1 107 ? -1.957  -1.943  15.622  1.000 19.604 0 107 ILE A O     1 ? 
ATOM   824  C  CB    . ILE A 1 107 ? -1.899  -2.217  12.263  1.000 18.268 0 107 ILE A CB    1 ? 
ATOM   825  C  CG1   . ILE A 1 107 ? -2.934  -1.931  11.162  1.000 20.916 0 107 ILE A CG1   1 ? 
ATOM   826  C  CG2   . ILE A 1 107 ? -2.033  -3.637  12.830  1.000 19.111 0 107 ILE A CG2   1 ? 
ATOM   827  C  CD1   . ILE A 1 107 ? -2.888  -2.868  9.978   1.000 22.136 0 107 ILE A CD1   1 ? 
ATOM   828  N  N     . ASN A 1 108 ? -0.008  -1.155  14.751  1.000 19.157 0 108 ASN A N     1 ? 
ATOM   829  C  CA    . ASN A 1 108 ? 0.783   -1.377  15.988  1.000 19.802 0 108 ASN A CA    1 ? 
ATOM   830  C  C     . ASN A 1 108 ? 0.139   -0.614  17.142  1.000 19.100 0 108 ASN A C     1 ? 
ATOM   831  O  O     . ASN A 1 108 ? 0.046   -1.185  18.264  1.000 18.266 0 108 ASN A O     1 ? 
ATOM   832  C  CB    . ASN A 1 108 ? 2.249   -1.023  15.814  1.000 23.378 0 108 ASN A CB    1 ? 
ATOM   833  C  CG    . ASN A 1 108 ? 3.030   -2.147  15.168  1.000 26.149 0 108 ASN A CG    1 ? 
ATOM   834  O  OD1   . ASN A 1 108 ? 4.104   -1.922  14.636  1.000 39.241 0 108 ASN A OD1   1 ? 
ATOM   835  N  ND2   . ASN A 1 108 ? 2.481   -3.347  15.203  1.000 30.052 0 108 ASN A ND2   1 ? 
ATOM   836  N  N     . TYR A 1 109 ? -0.357  0.599   16.895  1.000 18.829 0 109 TYR A N     1 ? 
ATOM   837  C  CA    . TYR A 1 109 ? -0.950  1.438   17.957  1.000 22.585 0 109 TYR A CA    1 ? 
ATOM   838  C  C     . TYR A 1 109 ? -2.194  0.750   18.496  1.000 23.842 0 109 TYR A C     1 ? 
ATOM   839  O  O     . TYR A 1 109 ? -2.335  0.634   19.728  1.000 32.152 0 109 TYR A O     1 ? 
ATOM   840  C  CB    . TYR A 1 109 ? -1.318  2.828   17.454  1.000 22.261 0 109 TYR A CB    1 ? 
ATOM   841  C  CG    . TYR A 1 109 ? -1.577  3.799   18.569  1.000 26.461 0 109 TYR A CG    1 ? 
ATOM   842  C  CD1   . TYR A 1 109 ? -0.517  4.392   19.232  1.000 29.395 0 109 TYR A CD1   1 ? 
ATOM   843  C  CD2   . TYR A 1 109 ? -2.864  4.090   18.997  1.000 30.242 0 109 TYR A CD2   1 ? 
ATOM   844  C  CE1   . TYR A 1 109 ? -0.727  5.296   20.253  1.000 29.378 0 109 TYR A CE1   1 ? 
ATOM   845  C  CE2   . TYR A 1 109 ? -3.089  4.973   20.045  1.000 30.125 0 109 TYR A CE2   1 ? 
ATOM   846  C  CZ    . TYR A 1 109 ? -2.011  5.564   20.684  1.000 28.764 0 109 TYR A CZ    1 ? 
ATOM   847  O  OH    . TYR A 1 109 ? -2.188  6.468   21.693  1.000 30.533 0 109 TYR A OH    1 ? 
ATOM   848  N  N     . ALA A 1 110 ? -3.093  0.380   17.586  1.000 24.323 0 110 ALA A N     1 ? 
ATOM   849  C  CA    . ALA A 1 110 ? -4.348  -0.358  17.843  1.000 29.943 0 110 ALA A CA    1 ? 
ATOM   850  C  C     . ALA A 1 110 ? -4.040  -1.545  18.756  1.000 32.296 0 110 ALA A C     1 ? 
ATOM   851  O  O     . ALA A 1 110 ? -4.452  -1.495  19.948  1.000 41.184 0 110 ALA A O     1 ? 
ATOM   852  C  CB    . ALA A 1 110 ? -4.944  -0.805  16.539  1.000 31.215 0 110 ALA A CB    1 ? 
ATOM   853  N  N     . ILE A 1 111 ? -3.205  -2.468  18.272  1.000 30.471 0 111 ILE A N     1 ? 
ATOM   854  C  CA    . ILE A 1 111 ? -3.048  -3.846  18.836  1.000 33.730 0 111 ILE A CA    1 ? 
ATOM   855  C  C     . ILE A 1 111 ? -2.504  -3.768  20.263  1.000 36.635 0 111 ILE A C     1 ? 
ATOM   856  O  O     . ILE A 1 111 ? -2.643  -4.770  20.986  1.000 35.656 0 111 ILE A O     1 ? 
ATOM   857  C  CB    . ILE A 1 111 ? -2.144  -4.721  17.949  1.000 34.482 0 111 ILE A CB    1 ? 
ATOM   858  C  CG1   . ILE A 1 111 ? -2.816  -5.101  16.630  1.000 34.730 0 111 ILE A CG1   1 ? 
ATOM   859  C  CG2   . ILE A 1 111 ? -1.682  -5.956  18.710  1.000 40.534 0 111 ILE A CG2   1 ? 
ATOM   860  C  CD1   . ILE A 1 111 ? -1.891  -5.814  15.671  1.000 36.180 0 111 ILE A CD1   1 ? 
ATOM   861  N  N     . SER A 1 112 ? -1.847  -2.668  20.627  1.000 34.898 0 112 SER A N     1 ? 
ATOM   862  C  CA    . SER A 1 112 ? -1.173  -2.492  21.941  1.000 41.328 0 112 SER A CA    1 ? 
ATOM   863  C  C     . SER A 1 112 ? -2.024  -3.117  23.064  1.000 44.892 0 112 SER A C     1 ? 
ATOM   864  O  O     . SER A 1 112 ? -1.450  -3.855  23.903  1.000 51.055 0 112 SER A O     1 ? 
ATOM   865  C  CB    . SER A 1 112 ? -0.891  -1.041  22.209  1.000 40.367 0 112 SER A CB    1 ? 
ATOM   866  O  OG    . SER A 1 112 ? -2.106  -0.318  22.351  1.000 38.550 0 112 SER A OG    1 ? 
ATOM   867  N  N     . ASN A 1 113 ? -3.337  -2.848  23.073  1.000 47.849 0 113 ASN A N     1 ? 
ATOM   868  C  CA    . ASN A 1 113 ? -4.258  -3.187  24.199  1.000 47.005 0 113 ASN A CA    1 ? 
ATOM   869  C  C     . ASN A 1 113 ? -4.673  -4.671  24.137  1.000 45.357 0 113 ASN A C     1 ? 
ATOM   870  O  O     . ASN A 1 113 ? -5.154  -5.180  25.169  1.000 44.885 0 113 ASN A O     1 ? 
ATOM   871  C  CB    . ASN A 1 113 ? -5.485  -2.263  24.235  1.000 49.243 0 113 ASN A CB    1 ? 
ATOM   872  C  CG    . ASN A 1 113 ? -6.306  -2.289  22.963  1.000 54.178 0 113 ASN A CG    1 ? 
ATOM   873  O  OD1   . ASN A 1 113 ? -5.770  -2.478  21.874  1.000 63.560 0 113 ASN A OD1   1 ? 
ATOM   874  N  ND2   . ASN A 1 113 ? -7.604  -2.070  23.084  1.000 54.317 0 113 ASN A ND2   1 ? 
ATOM   875  N  N     . LEU A 1 114 ? -4.483  -5.342  22.993  1.000 38.703 0 114 LEU A N     1 ? 
ATOM   876  C  CA    . LEU A 1 114 ? -5.052  -6.696  22.710  1.000 36.968 0 114 LEU A CA    1 ? 
ATOM   877  C  C     . LEU A 1 114 ? -4.107  -7.803  23.203  1.000 35.821 0 114 LEU A C     1 ? 
ATOM   878  O  O     . LEU A 1 114 ? -4.545  -8.971  23.216  1.000 38.417 0 114 LEU A O     1 ? 
ATOM   879  C  CB    . LEU A 1 114 ? -5.299  -6.844  21.204  1.000 37.309 0 114 LEU A CB    1 ? 
ATOM   880  C  CG    . LEU A 1 114 ? -6.399  -5.955  20.618  1.000 36.348 0 114 LEU A CG    1 ? 
ATOM   881  C  CD1   . LEU A 1 114 ? -6.420  -6.069  19.101  1.000 36.348 0 114 LEU A CD1   1 ? 
ATOM   882  C  CD2   . LEU A 1 114 ? -7.766  -6.316  21.195  1.000 35.131 0 114 LEU A CD2   1 ? 
ATOM   883  N  N     . LEU A 1 115 ? -2.856  -7.474  23.544  1.000 34.745 0 115 LEU A N     1 ? 
ATOM   884  C  CA    . LEU A 1 115 ? -1.819  -8.482  23.910  1.000 38.939 0 115 LEU A CA    1 ? 
ATOM   885  C  C     . LEU A 1 115 ? -1.372  -8.279  25.357  1.000 40.324 0 115 LEU A C     1 ? 
ATOM   886  O  O     . LEU A 1 115 ? -1.280  -7.150  25.835  1.000 31.569 0 115 LEU A O     1 ? 
ATOM   887  C  CB    . LEU A 1 115 ? -0.636  -8.360  22.941  1.000 41.720 0 115 LEU A CB    1 ? 
ATOM   888  C  CG    . LEU A 1 115 ? -0.936  -8.717  21.482  1.000 44.239 0 115 LEU A CG    1 ? 
ATOM   889  C  CD1   . LEU A 1 115 ? 0.031   -8.024  20.538  1.000 44.476 0 115 LEU A CD1   1 ? 
ATOM   890  C  CD2   . LEU A 1 115 ? -0.901  -10.225 21.264  1.000 47.214 0 115 LEU A CD2   1 ? 
ATOM   891  N  N     . PRO A 1 116 ? -1.028  -9.364  26.091  1.000 43.631 0 116 PRO A N     1 ? 
ATOM   892  C  CA    . PRO A 1 116 ? -0.209  -9.235  27.291  1.000 45.661 0 116 PRO A CA    1 ? 
ATOM   893  C  C     . PRO A 1 116 ? 1.046   -8.447  26.897  1.000 48.112 0 116 PRO A C     1 ? 
ATOM   894  O  O     . PRO A 1 116 ? 1.500   -8.612  25.797  1.000 46.199 0 116 PRO A O     1 ? 
ATOM   895  C  CB    . PRO A 1 116 ? 0.116   -10.683 27.705  1.000 46.906 0 116 PRO A CB    1 ? 
ATOM   896  C  CG    . PRO A 1 116 ? -0.974  -11.524 27.035  1.000 48.675 0 116 PRO A CG    1 ? 
ATOM   897  C  CD    . PRO A 1 116 ? -1.352  -10.765 25.773  1.000 46.422 0 116 PRO A CD    1 ? 
ATOM   898  N  N     . ASN A 1 117 ? 1.532   -7.563  27.759  1.000 51.686 0 117 ASN A N     1 ? 
ATOM   899  C  CA    . ASN A 1 117 ? 2.610   -6.619  27.375  1.000 52.776 0 117 ASN A CA    1 ? 
ATOM   900  C  C     . ASN A 1 117 ? 3.969   -7.260  27.691  1.000 47.209 0 117 ASN A C     1 ? 
ATOM   901  O  O     . ASN A 1 117 ? 4.989   -6.608  27.425  1.000 49.076 0 117 ASN A O     1 ? 
ATOM   902  C  CB    . ASN A 1 117 ? 2.368   -5.230  27.970  1.000 59.043 0 117 ASN A CB    1 ? 
ATOM   903  C  CG    . ASN A 1 117 ? 1.276   -4.478  27.231  1.000 63.771 0 117 ASN A CG    1 ? 
ATOM   904  O  OD1   . ASN A 1 117 ? 0.940   -4.812  26.093  1.000 64.154 0 117 ASN A OD1   1 ? 
ATOM   905  N  ND2   . ASN A 1 117 ? 0.709   -3.466  27.866  1.000 66.576 0 117 ASN A ND2   1 ? 
ATOM   906  N  N     . ASP A 1 118 ? 3.976   -8.539  28.107  1.000 40.870 0 118 ASP A N     1 ? 
ATOM   907  C  CA    . ASP A 1 118 ? 5.170   -9.433  28.035  1.000 36.944 0 118 ASP A CA    1 ? 
ATOM   908  C  C     . ASP A 1 118 ? 5.165   -10.212 26.700  1.000 36.995 0 118 ASP A C     1 ? 
ATOM   909  O  O     . ASP A 1 118 ? 6.045   -11.101 26.531  1.000 32.339 0 118 ASP A O     1 ? 
ATOM   910  C  CB    . ASP A 1 118 ? 5.264   -10.356 29.269  1.000 36.663 0 118 ASP A CB    1 ? 
ATOM   911  C  CG    . ASP A 1 118 ? 4.296   -11.537 29.292  1.000 35.587 0 118 ASP A CG    1 ? 
ATOM   912  O  OD1   . ASP A 1 118 ? 3.375   -11.569 28.445  1.000 34.754 0 118 ASP A OD1   1 ? 
ATOM   913  O  OD2   . ASP A 1 118 ? 4.466   -12.424 30.177  1.000 29.617 0 118 ASP A OD2   1 ? 
ATOM   914  N  N     . PHE A 1 119 ? 4.266   -9.873  25.755  1.000 34.772 0 119 PHE A N     1 ? 
ATOM   915  C  CA    . PHE A 1 119 ? 4.023   -10.670 24.512  1.000 35.692 0 119 PHE A CA    1 ? 
ATOM   916  C  C     . PHE A 1 119 ? 5.292   -10.741 23.646  1.000 35.472 0 119 PHE A C     1 ? 
ATOM   917  O  O     . PHE A 1 119 ? 6.119   -9.795  23.673  1.000 34.555 0 119 PHE A O     1 ? 
ATOM   918  C  CB    . PHE A 1 119 ? 2.848   -10.110 23.696  1.000 34.610 0 119 PHE A CB    1 ? 
ATOM   919  C  CG    . PHE A 1 119 ? 3.163   -8.894  22.856  1.000 36.456 0 119 PHE A CG    1 ? 
ATOM   920  C  CD1   . PHE A 1 119 ? 3.142   -7.614  23.403  1.000 39.457 0 119 PHE A CD1   1 ? 
ATOM   921  C  CD2   . PHE A 1 119 ? 3.519   -9.027  21.522  1.000 37.746 0 119 PHE A CD2   1 ? 
ATOM   922  C  CE1   . PHE A 1 119 ? 3.447   -6.502  22.629  1.000 38.413 0 119 PHE A CE1   1 ? 
ATOM   923  C  CE2   . PHE A 1 119 ? 3.821   -7.913  20.753  1.000 38.824 0 119 PHE A CE2   1 ? 
ATOM   924  C  CZ    . PHE A 1 119 ? 3.795   -6.653  21.313  1.000 39.240 0 119 PHE A CZ    1 ? 
ATOM   925  N  N     . ASN A 1 120 ? 5.405   -11.825 22.865  1.000 35.700 0 120 ASN A N     1 ? 
ATOM   926  C  CA    . ASN A 1 120 ? 6.430   -12.025 21.801  1.000 36.037 0 120 ASN A CA    1 ? 
ATOM   927  C  C     . ASN A 1 120 ? 5.747   -11.948 20.420  1.000 37.134 0 120 ASN A C     1 ? 
ATOM   928  O  O     . ASN A 1 120 ? 4.666   -12.569 20.242  1.000 31.328 0 120 ASN A O     1 ? 
ATOM   929  C  CB    . ASN A 1 120 ? 7.187   -13.353 21.982  1.000 34.487 0 120 ASN A CB    1 ? 
ATOM   930  C  CG    . ASN A 1 120 ? 8.054   -13.390 23.228  1.000 37.018 0 120 ASN A CG    1 ? 
ATOM   931  O  OD1   . ASN A 1 120 ? 8.026   -14.366 23.988  1.000 35.092 0 120 ASN A OD1   1 ? 
ATOM   932  N  ND2   . ASN A 1 120 ? 8.830   -12.337 23.450  1.000 31.997 0 120 ASN A ND2   1 ? 
ATOM   933  N  N     . SER A 1 121 ? 6.389   -11.257 19.468  1.000 41.995 0 121 SER A N     1 ? 
ATOM   934  C  CA    . SER A 1 121 ? 5.905   -11.015 18.079  1.000 43.017 0 121 SER A CA    1 ? 
ATOM   935  C  C     . SER A 1 121 ? 5.777   -12.329 17.291  1.000 42.406 0 121 SER A C     1 ? 
ATOM   936  O  O     . SER A 1 121 ? 5.022   -12.339 16.304  1.000 39.777 0 121 SER A O     1 ? 
ATOM   937  C  CB    . SER A 1 121 ? 6.818   -10.045 17.353  1.000 44.540 0 121 SER A CB    1 ? 
ATOM   938  O  OG    . SER A 1 121 ? 6.429   -8.703  17.601  1.000 54.828 0 121 SER A OG    1 ? 
ATOM   939  N  N     . MET A 1 122 ? 6.506   -13.378 17.684  1.000 45.303 0 122 MET A N     1 ? 
ATOM   940  C  CA    . MET A 1 122 ? 6.638   -14.645 16.901  1.000 48.724 0 122 MET A CA    1 ? 
ATOM   941  C  C     . MET A 1 122 ? 5.551   -15.654 17.308  1.000 47.100 0 122 MET A C     1 ? 
ATOM   942  O  O     . MET A 1 122 ? 5.434   -16.696 16.622  1.000 49.434 0 122 MET A O     1 ? 
ATOM   943  C  CB    . MET A 1 122 ? 8.018   -15.278 17.111  1.000 53.016 0 122 MET A CB    1 ? 
ATOM   944  C  CG    . MET A 1 122 ? 9.138   -14.536 16.400  1.000 59.093 0 122 MET A CG    1 ? 
ATOM   945  S  SD    . MET A 1 122 ? 8.871   -14.436 14.608  1.000 70.226 0 122 MET A SD    1 ? 
ATOM   946  C  CE    . MET A 1 122 ? 10.432  -13.740 14.069  1.000 61.637 0 122 MET A CE    1 ? 
ATOM   947  N  N     . SER A 1 123 ? 4.787   -15.367 18.372  1.000 39.265 0 123 SER A N     1 ? 
ATOM   948  C  CA    . SER A 1 123 ? 3.767   -16.289 18.952  1.000 34.991 0 123 SER A CA    1 ? 
ATOM   949  C  C     . SER A 1 123 ? 2.600   -16.449 17.969  1.000 36.131 0 123 SER A C     1 ? 
ATOM   950  O  O     . SER A 1 123 ? 2.455   -15.590 17.086  1.000 37.542 0 123 SER A O     1 ? 
ATOM   951  C  CB    . SER A 1 123 ? 3.298   -15.800 20.285  1.000 34.600 0 123 SER A CB    1 ? 
ATOM   952  O  OG    . SER A 1 123 ? 2.338   -14.768 20.133  1.000 31.178 0 123 SER A OG    1 ? 
ATOM   953  N  N     . ASP A 1 124 ? 1.812   -17.516 18.114  1.000 36.092 0 124 ASP A N     1 ? 
ATOM   954  C  CA    . ASP A 1 124 ? 0.667   -17.828 17.217  1.000 37.102 0 124 ASP A CA    1 ? 
ATOM   955  C  C     . ASP A 1 124 ? -0.472  -16.863 17.536  1.000 36.290 0 124 ASP A C     1 ? 
ATOM   956  O  O     . ASP A 1 124 ? -1.135  -16.399 16.574  1.000 30.611 0 124 ASP A O     1 ? 
ATOM   957  C  CB    . ASP A 1 124 ? 0.213   -19.288 17.349  1.000 42.778 0 124 ASP A CB    1 ? 
ATOM   958  C  CG    . ASP A 1 124 ? 1.189   -20.301 16.768  1.000 40.861 0 124 ASP A CG    1 ? 
ATOM   959  O  OD1   . ASP A 1 124 ? 1.868   -19.970 15.771  1.000 45.877 0 124 ASP A OD1   1 ? 
ATOM   960  O  OD2   . ASP A 1 124 ? 1.271   -21.411 17.327  1.000 46.024 0 124 ASP A OD2   1 ? 
ATOM   961  N  N     . ASP A 1 125 ? -0.699  -16.588 18.828  1.000 32.710 0 125 ASP A N     1 ? 
ATOM   962  C  CA    . ASP A 1 125 ? -1.652  -15.557 19.313  1.000 34.823 0 125 ASP A CA    1 ? 
ATOM   963  C  C     . ASP A 1 125 ? -1.409  -14.263 18.538  1.000 30.243 0 125 ASP A C     1 ? 
ATOM   964  O  O     . ASP A 1 125 ? -2.391  -13.665 18.079  1.000 29.109 0 125 ASP A O     1 ? 
ATOM   965  C  CB    . ASP A 1 125 ? -1.512  -15.292 20.815  1.000 40.235 0 125 ASP A CB    1 ? 
ATOM   966  C  CG    . ASP A 1 125 ? -2.391  -14.152 21.318  1.000 47.744 0 125 ASP A CG    1 ? 
ATOM   967  O  OD1   . ASP A 1 125 ? -3.289  -14.418 22.161  1.000 52.202 0 125 ASP A OD1   1 ? 
ATOM   968  O  OD2   . ASP A 1 125 ? -2.181  -13.007 20.867  1.000 51.421 0 125 ASP A OD2   1 ? 
ATOM   969  N  N     . TYR A 1 126 ? -0.165  -13.805 18.466  1.000 27.514 0 126 TYR A N     1 ? 
ATOM   970  C  CA    . TYR A 1 126 ? 0.180   -12.467 17.915  1.000 26.828 0 126 TYR A CA    1 ? 
ATOM   971  C  C     . TYR A 1 126 ? 0.019   -12.488 16.396  1.000 25.548 0 126 TYR A C     1 ? 
ATOM   972  O  O     . TYR A 1 126 ? -0.589  -11.576 15.840  1.000 26.147 0 126 TYR A O     1 ? 
ATOM   973  C  CB    . TYR A 1 126 ? 1.600   -12.059 18.290  1.000 29.350 0 126 TYR A CB    1 ? 
ATOM   974  C  CG    . TYR A 1 126 ? 2.059   -10.824 17.567  1.000 28.272 0 126 TYR A CG    1 ? 
ATOM   975  C  CD1   . TYR A 1 126 ? 1.939   -9.575  18.140  1.000 26.028 0 126 TYR A CD1   1 ? 
ATOM   976  C  CD2   . TYR A 1 126 ? 2.529   -10.900 16.271  1.000 27.749 0 126 TYR A CD2   1 ? 
ATOM   977  C  CE1   . TYR A 1 126 ? 2.355   -8.440  17.476  1.000 28.693 0 126 TYR A CE1   1 ? 
ATOM   978  C  CE2   . TYR A 1 126 ? 2.942   -9.770  15.588  1.000 31.253 0 126 TYR A CE2   1 ? 
ATOM   979  C  CZ    . TYR A 1 126 ? 2.857   -8.533  16.197  1.000 27.689 0 126 TYR A CZ    1 ? 
ATOM   980  O  OH    . TYR A 1 126 ? 3.236   -7.403  15.521  1.000 36.606 0 126 TYR A OH    1 ? 
ATOM   981  N  N     . GLU A 1 127 ? 0.467   -13.558 15.759  1.000 25.664 0 127 GLU A N     1 ? 
ATOM   982  C  CA    . GLU A 1 127 ? 0.254   -13.796 14.312  1.000 29.307 0 127 GLU A CA    1 ? 
ATOM   983  C  C     . GLU A 1 127 ? -1.254  -13.754 13.993  1.000 28.764 0 127 GLU A C     1 ? 
ATOM   984  O  O     . GLU A 1 127 ? -1.605  -13.118 12.981  1.000 26.844 0 127 GLU A O     1 ? 
ATOM   985  C  CB    . GLU A 1 127 ? 0.966   -15.082 13.891  1.000 36.773 0 127 GLU A CB    1 ? 
ATOM   986  C  CG    . GLU A 1 127 ? 2.484   -14.895 13.786  1.000 43.183 0 127 GLU A CG    1 ? 
ATOM   987  C  CD    . GLU A 1 127 ? 3.345   -16.130 14.007  1.000 48.000 0 127 GLU A CD    1 ? 
ATOM   988  O  OE1   . GLU A 1 127 ? 4.567   -16.039 13.761  1.000 53.845 0 127 GLU A OE1   1 ? 
ATOM   989  O  OE2   . GLU A 1 127 ? 2.803   -17.170 14.445  1.000 56.901 0 127 GLU A OE2   1 ? 
ATOM   990  N  N     . LEU A 1 128 ? -2.122  -14.311 14.855  1.000 24.932 0 128 LEU A N     1 ? 
ATOM   991  C  CA    . LEU A 1 128 ? -3.596  -14.277 14.645  1.000 25.268 0 128 LEU A CA    1 ? 
ATOM   992  C  C     . LEU A 1 128 ? -4.119  -12.826 14.710  1.000 21.231 0 128 LEU A C     1 ? 
ATOM   993  O  O     . LEU A 1 128 ? -4.880  -12.430 13.807  1.000 18.249 0 128 LEU A O     1 ? 
ATOM   994  C  CB    . LEU A 1 128 ? -4.294  -15.190 15.663  1.000 29.155 0 128 LEU A CB    1 ? 
ATOM   995  C  CG    . LEU A 1 128 ? -4.503  -16.638 15.208  1.000 32.640 0 128 LEU A CG    1 ? 
ATOM   996  C  CD1   . LEU A 1 128 ? -3.387  -17.104 14.288  1.000 36.929 0 128 LEU A CD1   1 ? 
ATOM   997  C  CD2   . LEU A 1 128 ? -4.627  -17.565 16.406  1.000 34.507 0 128 LEU A CD2   1 ? 
ATOM   998  N  N     . ILE A 1 129 ? -3.822  -12.081 15.752  1.000 18.837 0 129 ILE A N     1 ? 
ATOM   999  C  CA    . ILE A 1 129 ? -4.378  -10.721 15.969  1.000 18.585 0 129 ILE A CA    1 ? 
ATOM   1000 C  C     . ILE A 1 129 ? -3.927  -9.799  14.808  1.000 18.649 0 129 ILE A C     1 ? 
ATOM   1001 O  O     . ILE A 1 129 ? -4.770  -9.096  14.218  1.000 16.267 0 129 ILE A O     1 ? 
ATOM   1002 C  CB    . ILE A 1 129 ? -3.975  -10.162 17.338  1.000 23.450 0 129 ILE A CB    1 ? 
ATOM   1003 C  CG1   . ILE A 1 129 ? -4.638  -10.927 18.482  1.000 24.879 0 129 ILE A CG1   1 ? 
ATOM   1004 C  CG2   . ILE A 1 129 ? -4.304  -8.686  17.415  1.000 22.610 0 129 ILE A CG2   1 ? 
ATOM   1005 C  CD1   . ILE A 1 129 ? -4.064  -10.585 19.837  1.000 27.231 0 129 ILE A CD1   1 ? 
ATOM   1006 N  N     . LEU A 1 130 ? -2.654  -9.878  14.427  1.000 17.974 0 130 LEU A N     1 ? 
ATOM   1007 C  CA    . LEU A 1 130 ? -2.120  -9.006  13.346  1.000 19.068 0 130 LEU A CA    1 ? 
ATOM   1008 C  C     . LEU A 1 130 ? -2.836  -9.374  12.061  1.000 16.221 0 130 LEU A C     1 ? 
ATOM   1009 O  O     . LEU A 1 130 ? -3.245  -8.463  11.321  1.000 15.294 0 130 LEU A O     1 ? 
ATOM   1010 C  CB    . LEU A 1 130 ? -0.613  -9.218  13.210  1.000 18.541 0 130 LEU A CB    1 ? 
ATOM   1011 C  CG    . LEU A 1 130 ? 0.105   -8.293  12.221  1.000 21.264 0 130 LEU A CG    1 ? 
ATOM   1012 C  CD1   . LEU A 1 130 ? -0.145  -6.830  12.531  1.000 22.240 0 130 LEU A CD1   1 ? 
ATOM   1013 C  CD2   . LEU A 1 130 ? 1.592   -8.592  12.235  1.000 21.856 0 130 LEU A CD2   1 ? 
ATOM   1014 N  N     . ASN A 1 131 ? -2.996  -10.662 11.791  1.000 17.296 0 131 ASN A N     1 ? 
ATOM   1015 C  CA    . ASN A 1 131 ? -3.596  -11.132 10.534  1.000 17.669 0 131 ASN A CA    1 ? 
ATOM   1016 C  C     . ASN A 1 131 ? -5.060  -10.699 10.479  1.000 14.846 0 131 ASN A C     1 ? 
ATOM   1017 O  O     . ASN A 1 131 ? -5.506  -10.389 9.387   1.000 13.333 0 131 ASN A O     1 ? 
ATOM   1018 C  CB    . ASN A 1 131 ? -3.409  -12.631 10.311  1.000 23.931 0 131 ASN A CB    1 ? 
ATOM   1019 C  CG    . ASN A 1 131 ? -2.143  -12.913 9.536   1.000 30.101 0 131 ASN A CG    1 ? 
ATOM   1020 O  OD1   . ASN A 1 131 ? -1.810  -12.186 8.586   1.000 37.193 0 131 ASN A OD1   1 ? 
ATOM   1021 N  ND2   . ASN A 1 131 ? -1.431  -13.959 9.921   1.000 35.633 0 131 ASN A ND2   1 ? 
ATOM   1022 N  N     . ARG A 1 132 ? -5.762  -10.628 11.602  1.000 12.817 0 132 ARG A N     1 ? 
ATOM   1023 C  CA    . ARG A 1 132 ? -7.168  -10.156 11.600  1.000 11.712 0 132 ARG A CA    1 ? 
ATOM   1024 C  C     . ARG A 1 132 ? -7.195  -8.697  11.170  1.000 10.942 0 132 ARG A C     1 ? 
ATOM   1025 O  O     . ARG A 1 132 ? -8.003  -8.321  10.295  1.000 9.451  0 132 ARG A O     1 ? 
ATOM   1026 C  CB    . ARG A 1 132 ? -7.857  -10.277 12.958  1.000 12.782 0 132 ARG A CB    1 ? 
ATOM   1027 C  CG    . ARG A 1 132 ? -8.055  -11.709 13.436  1.000 14.375 0 132 ARG A CG    1 ? 
ATOM   1028 C  CD    . ARG A 1 132 ? -8.972  -11.769 14.612  1.000 16.829 0 132 ARG A CD    1 ? 
ATOM   1029 N  NE    . ARG A 1 132 ? -10.344 -11.581 14.175  1.000 17.694 0 132 ARG A NE    1 ? 
ATOM   1030 C  CZ    . ARG A 1 132 ? -11.404 -11.600 14.964  1.000 19.811 0 132 ARG A CZ    1 ? 
ATOM   1031 N  NH1   . ARG A 1 132 ? -11.268 -11.719 16.280  1.000 22.591 0 132 ARG A NH1   1 ? 
ATOM   1032 N  NH2   . ARG A 1 132 ? -12.598 -11.456 14.438  1.000 20.252 0 132 ARG A NH2   1 ? 
ATOM   1033 N  N     . GLU A 1 133 ? -6.303  -7.876  11.727  1.000 11.705 0 133 GLU A N     1 ? 
ATOM   1034 C  CA    . GLU A 1 133 ? -6.215  -6.451  11.342  1.000 13.032 0 133 GLU A CA    1 ? 
ATOM   1035 C  C     . GLU A 1 133 ? -5.860  -6.321  9.852   1.000 11.061 0 133 GLU A C     1 ? 
ATOM   1036 O  O     . GLU A 1 133 ? -6.475  -5.508  9.162   1.000 10.171 0 133 GLU A O     1 ? 
ATOM   1037 C  CB    . GLU A 1 133 ? -5.136  -5.730  12.135  1.000 15.537 0 133 GLU A CB    1 ? 
ATOM   1038 C  CG    . GLU A 1 133 ? -5.335  -5.746  13.626  1.000 19.817 0 133 GLU A CG    1 ? 
ATOM   1039 C  CD    . GLU A 1 133 ? -6.619  -5.128  14.116  1.000 24.789 0 133 GLU A CD    1 ? 
ATOM   1040 O  OE1   . GLU A 1 133 ? -7.255  -4.330  13.370  1.000 29.818 0 133 GLU A OE1   1 ? 
ATOM   1041 O  OE2   . GLU A 1 133 ? -6.997  -5.434  15.271  1.000 32.751 0 133 GLU A OE2   1 ? 
ATOM   1042 N  N     . PHE A 1 134 ? -4.898  -7.064  9.363   1.000 9.191  0 134 PHE A N     1 ? 
ATOM   1043 C  CA    . PHE A 1 134 ? -4.555  -7.040  7.917   1.000 9.931  0 134 PHE A CA    1 ? 
ATOM   1044 C  C     . PHE A 1 134 ? -5.776  -7.452  7.108   1.000 9.475  0 134 PHE A C     1 ? 
ATOM   1045 O  O     . PHE A 1 134 ? -6.005  -6.887  6.037   1.000 9.659  0 134 PHE A O     1 ? 
ATOM   1046 C  CB    . PHE A 1 134 ? -3.354  -7.923  7.604   1.000 11.258 0 134 PHE A CB    1 ? 
ATOM   1047 C  CG    . PHE A 1 134 ? -2.028  -7.398  8.081   1.000 11.972 0 134 PHE A CG    1 ? 
ATOM   1048 C  CD1   . PHE A 1 134 ? -1.809  -6.052  8.305   1.000 13.502 0 134 PHE A CD1   1 ? 
ATOM   1049 C  CD2   . PHE A 1 134 ? -0.962  -8.277  8.185   1.000 14.384 0 134 PHE A CD2   1 ? 
ATOM   1050 C  CE1   . PHE A 1 134 ? -0.542  -5.588  8.654   1.000 14.868 0 134 PHE A CE1   1 ? 
ATOM   1051 C  CE2   . PHE A 1 134 ? 0.294   -7.809  8.550   1.000 14.725 0 134 PHE A CE2   1 ? 
ATOM   1052 C  CZ    . PHE A 1 134 ? 0.491   -6.478  8.778   1.000 14.553 0 134 PHE A CZ    1 ? 
ATOM   1053 N  N     . ASP A 1 135 ? -6.494  -8.488  7.522   1.000 8.973  0 135 ASP A N     1 ? 
ATOM   1054 C  CA    . ASP A 1 135 ? -7.655  -8.962  6.740   1.000 9.506  0 135 ASP A CA    1 ? 
ATOM   1055 C  C     . ASP A 1 135 ? -8.687  -7.822  6.622   1.000 9.486  0 135 ASP A C     1 ? 
ATOM   1056 O  O     . ASP A 1 135 ? -9.253  -7.594  5.517   1.000 9.802  0 135 ASP A O     1 ? 
ATOM   1057 C  CB    . ASP A 1 135 ? -8.257  -10.235 7.354   1.000 11.247 0 135 ASP A CB    1 ? 
ATOM   1058 C  CG    . ASP A 1 135 ? -7.430  -11.498 7.177   1.000 15.324 0 135 ASP A CG    1 ? 
ATOM   1059 O  OD1   . ASP A 1 135 ? -6.487  -11.516 6.320   1.000 18.635 0 135 ASP A OD1   1 ? 
ATOM   1060 O  OD2   . ASP A 1 135 ? -7.711  -12.451 7.910   1.000 20.021 0 135 ASP A OD2   1 ? 
ATOM   1061 N  N     . ARG A 1 136 ? -8.968  -7.113  7.700   1.000 8.728  0 136 ARG A N     1 ? 
ATOM   1062 C  CA    . ARG A 1 136 ? -9.928  -5.978  7.681   1.000 9.156  0 136 ARG A CA    1 ? 
ATOM   1063 C  C     . ARG A 1 136 ? -9.390  -4.878  6.758   1.000 9.035  0 136 ARG A C     1 ? 
ATOM   1064 O  O     . ARG A 1 136 ? -10.196 -4.288  6.000   1.000 8.694  0 136 ARG A O     1 ? 
ATOM   1065 C  CB    . ARG A 1 136 ? -10.168 -5.455  9.091   1.000 11.656 0 136 ARG A CB    1 ? 
ATOM   1066 C  CG    . ARG A 1 136 ? -10.860 -6.449  10.015  1.000 14.154 0 136 ARG A CG    1 ? 
ATOM   1067 C  CD    . ARG A 1 136 ? -11.004 -5.882  11.393  1.000 19.208 0 136 ARG A CD    1 ? 
ATOM   1068 N  NE    . ARG A 1 136 ? -11.516 -6.910  12.296  1.000 22.479 0 136 ARG A NE    1 ? 
ATOM   1069 C  CZ    . ARG A 1 136 ? -10.971 -7.250  13.448  1.000 26.320 0 136 ARG A CZ    1 ? 
ATOM   1070 N  NH1   . ARG A 1 136 ? -9.915  -6.599  13.923  1.000 30.414 0 136 ARG A NH1   1 ? 
ATOM   1071 N  NH2   . ARG A 1 136 ? -11.528 -8.205  14.170  1.000 28.917 0 136 ARG A NH2   1 ? 
ATOM   1072 N  N     . PHE A 1 137 ? -8.108  -4.599  6.814   1.000 8.563  0 137 PHE A N     1 ? 
ATOM   1073 C  CA    . PHE A 1 137 ? -7.487  -3.533  5.991   1.000 8.785  0 137 PHE A CA    1 ? 
ATOM   1074 C  C     . PHE A 1 137 ? -7.665  -3.910  4.519   1.000 8.501  0 137 PHE A C     1 ? 
ATOM   1075 O  O     . PHE A 1 137 ? -8.100  -3.096  3.697   1.000 8.269  0 137 PHE A O     1 ? 
ATOM   1076 C  CB    . PHE A 1 137 ? -6.029  -3.409  6.384   1.000 8.940  0 137 PHE A CB    1 ? 
ATOM   1077 C  CG    . PHE A 1 137 ? -5.265  -2.336  5.658   1.000 9.355  0 137 PHE A CG    1 ? 
ATOM   1078 C  CD1   . PHE A 1 137 ? -4.602  -2.599  4.466   1.000 10.097 0 137 PHE A CD1   1 ? 
ATOM   1079 C  CD2   . PHE A 1 137 ? -5.180  -1.069  6.195   1.000 9.795  0 137 PHE A CD2   1 ? 
ATOM   1080 C  CE1   . PHE A 1 137 ? -3.892  -1.585  3.823   1.000 10.112 0 137 PHE A CE1   1 ? 
ATOM   1081 C  CE2   . PHE A 1 137 ? -4.469  -0.066  5.559   1.000 10.420 0 137 PHE A CE2   1 ? 
ATOM   1082 C  CZ    . PHE A 1 137 ? -3.845  -0.333  4.360   1.000 9.985  0 137 PHE A CZ    1 ? 
ATOM   1083 N  N     . ILE A 1 138 ? -7.310  -5.129  4.168   1.000 8.083  0 138 ILE A N     1 ? 
ATOM   1084 C  CA    . ILE A 1 138 ? -7.371  -5.598  2.759   1.000 8.106  0 138 ILE A CA    1 ? 
ATOM   1085 C  C     . ILE A 1 138 ? -8.833  -5.535  2.293   1.000 8.349  0 138 ILE A C     1 ? 
ATOM   1086 O  O     . ILE A 1 138 ? -9.103  -5.091  1.141   1.000 9.182  0 138 ILE A O     1 ? 
ATOM   1087 C  CB    . ILE A 1 138 ? -6.748  -6.999  2.635   1.000 9.431  0 138 ILE A CB    1 ? 
ATOM   1088 C  CG1   . ILE A 1 138 ? -5.251  -6.958  2.968   1.000 10.049 0 138 ILE A CG1   1 ? 
ATOM   1089 C  CG2   . ILE A 1 138 ? -7.004  -7.580  1.257   1.000 11.149 0 138 ILE A CG2   1 ? 
ATOM   1090 C  CD1   . ILE A 1 138 ? -4.591  -8.290  3.168   1.000 10.806 0 138 ILE A CD1   1 ? 
ATOM   1091 N  N     . TYR A 1 139 ? -9.776  -6.054  3.069   1.000 8.188  0 139 TYR A N     1 ? 
ATOM   1092 C  CA    . TYR A 1 139 ? -11.166 -6.080  2.618   1.000 9.237  0 139 TYR A CA    1 ? 
ATOM   1093 C  C     . TYR A 1 139 ? -11.649 -4.647  2.355   1.000 9.363  0 139 TYR A C     1 ? 
ATOM   1094 O  O     . TYR A 1 139 ? -12.306 -4.391  1.330   1.000 9.056  0 139 TYR A O     1 ? 
ATOM   1095 C  CB    . TYR A 1 139 ? -12.054 -6.786  3.639   1.000 9.664  0 139 TYR A CB    1 ? 
ATOM   1096 C  CG    . TYR A 1 139 ? -13.515 -6.575  3.350   1.000 11.652 0 139 TYR A CG    1 ? 
ATOM   1097 C  CD1   . TYR A 1 139 ? -14.036 -6.970  2.134   1.000 11.630 0 139 TYR A CD1   1 ? 
ATOM   1098 C  CD2   . TYR A 1 139 ? -14.340 -5.911  4.226   1.000 12.326 0 139 TYR A CD2   1 ? 
ATOM   1099 C  CE1   . TYR A 1 139 ? -15.358 -6.752  1.815   1.000 13.540 0 139 TYR A CE1   1 ? 
ATOM   1100 C  CE2   . TYR A 1 139 ? -15.683 -5.689  3.924   1.000 13.472 0 139 TYR A CE2   1 ? 
ATOM   1101 C  CZ    . TYR A 1 139 ? -16.184 -6.122  2.711   1.000 14.519 0 139 TYR A CZ    1 ? 
ATOM   1102 O  OH    . TYR A 1 139 ? -17.511 -5.902  2.354   1.000 19.711 0 139 TYR A OH    1 ? 
ATOM   1103 N  N     . THR A 1 140 ? -11.350 -3.723  3.240   1.000 8.973  0 140 THR A N     1 ? 
ATOM   1104 C  CA    . THR A 1 140 ? -11.816 -2.336  3.094   1.000 9.687  0 140 THR A CA    1 ? 
ATOM   1105 C  C     . THR A 1 140 ? -11.215 -1.751  1.817   1.000 9.366  0 140 THR A C     1 ? 
ATOM   1106 O  O     . THR A 1 140 ? -11.935 -1.129  1.026   1.000 9.087  0 140 THR A O     1 ? 
ATOM   1107 C  CB    . THR A 1 140 ? -11.482 -1.464  4.313   1.000 9.808  0 140 THR A CB    1 ? 
ATOM   1108 O  OG1   . THR A 1 140 ? -12.174 -2.020  5.429   1.000 13.844 0 140 THR A OG1   1 ? 
ATOM   1109 C  CG2   . THR A 1 140 ? -11.890 -0.026  4.087   1.000 12.172 0 140 THR A CG2   1 ? 
ATOM   1110 N  N     . LEU A 1 141 ? -9.939  -1.920  1.605   1.000 9.547  0 141 LEU A N     1 ? 
ATOM   1111 C  CA    . LEU A 1 141 ? -9.285  -1.403  0.395   1.000 11.765 0 141 LEU A CA    1 ? 
ATOM   1112 C  C     . LEU A 1 141 ? -9.981  -1.972  -0.830  1.000 9.900  0 141 LEU A C     1 ? 
ATOM   1113 O  O     . LEU A 1 141 ? -10.333 -1.194  -1.754  1.000 11.246 0 141 LEU A O     1 ? 
ATOM   1114 C  CB    . LEU A 1 141 ? -7.834  -1.823  0.505   1.000 14.364 0 141 LEU A CB    1 ? 
ATOM   1115 C  CG    . LEU A 1 141 ? -6.878  -1.300  -0.529  1.000 17.268 0 141 LEU A CG    1 ? 
ATOM   1116 C  CD1   . LEU A 1 141 ? -7.108  0.188   -0.787  1.000 18.306 0 141 LEU A CD1   1 ? 
ATOM   1117 C  CD2   . LEU A 1 141 ? -5.461  -1.573  -0.044  1.000 18.819 0 141 LEU A CD2   1 ? 
ATOM   1118 N  N     . ASN A 1 142 ? -10.191 -3.281  -0.892  1.000 8.334  0 142 ASN A N     1 ? 
ATOM   1119 C  CA    . ASN A 1 142 ? -10.825 -3.916  -2.047  1.000 8.949  0 142 ASN A CA    1 ? 
ATOM   1120 C  C     . ASN A 1 142 ? -12.276 -3.448  -2.203  1.000 10.086 0 142 ASN A C     1 ? 
ATOM   1121 O  O     . ASN A 1 142 ? -12.717 -3.329  -3.366  1.000 10.936 0 142 ASN A O     1 ? 
ATOM   1122 C  CB    . ASN A 1 142 ? -10.703 -5.427  -1.971  1.000 9.796  0 142 ASN A CB    1 ? 
ATOM   1123 C  CG    . ASN A 1 142 ? -9.312  -5.911  -2.313  1.000 11.339 0 142 ASN A CG    1 ? 
ATOM   1124 O  OD1   . ASN A 1 142 ? -8.575  -5.248  -3.013  1.000 11.952 0 142 ASN A OD1   1 ? 
ATOM   1125 N  ND2   . ASN A 1 142 ? -8.953  -7.086  -1.844  1.000 12.992 0 142 ASN A ND2   1 ? 
ATOM   1126 N  N     . LYS A 1 143 ? -13.030 -3.298  -1.129  1.000 9.385  0 143 LYS A N     1 ? 
ATOM   1127 C  CA    . LYS A 1 143 ? -14.440 -2.907  -1.194  1.000 10.785 0 143 LYS A CA    1 ? 
ATOM   1128 C  C     . LYS A 1 143 ? -14.496 -1.536  -1.847  1.000 10.218 0 143 LYS A C     1 ? 
ATOM   1129 O  O     . LYS A 1 143 ? -15.351 -1.314  -2.739  1.000 10.441 0 143 LYS A O     1 ? 
ATOM   1130 C  CB    . LYS A 1 143 ? -15.045 -2.856  0.214   1.000 12.062 0 143 LYS A CB    1 ? 
ATOM   1131 C  CG    . LYS A 1 143 ? -16.536 -2.593  0.281   1.000 15.674 0 143 LYS A CG    1 ? 
ATOM   1132 C  CD    . LYS A 1 143 ? -17.050 -2.560  1.720   1.000 18.920 0 143 LYS A CD    1 ? 
ATOM   1133 C  CE    . LYS A 1 143 ? -16.661 -1.310  2.471   1.000 24.897 0 143 LYS A CE    1 ? 
ATOM   1134 N  NZ    . LYS A 1 143 ? -17.619 -0.997  3.566   1.000 28.906 0 143 LYS A NZ    1 ? 
ATOM   1135 N  N     . LEU A 1 144 ? -13.698 -0.590  -1.358  1.000 9.315  0 144 LEU A N     1 ? 
ATOM   1136 C  CA    . LEU A 1 144 ? -13.738 0.796   -1.878  1.000 9.035  0 144 LEU A CA    1 ? 
ATOM   1137 C  C     . LEU A 1 144 ? -13.289 0.815   -3.344  1.000 9.584  0 144 LEU A C     1 ? 
ATOM   1138 O  O     . LEU A 1 144 ? -13.958 1.460   -4.165  1.000 9.379  0 144 LEU A O     1 ? 
ATOM   1139 C  CB    . LEU A 1 144 ? -12.854 1.697   -1.014  1.000 9.673  0 144 LEU A CB    1 ? 
ATOM   1140 C  CG    . LEU A 1 144 ? -13.356 1.852   0.423   1.000 11.447 0 144 LEU A CG    1 ? 
ATOM   1141 C  CD1   . LEU A 1 144 ? -12.404 2.646   1.265   1.000 11.829 0 144 LEU A CD1   1 ? 
ATOM   1142 C  CD2   . LEU A 1 144 ? -14.751 2.463   0.457   1.000 14.157 0 144 LEU A CD2   1 ? 
ATOM   1143 N  N     . ALA A 1 145 ? -12.267 0.080   -3.708  1.000 8.581  0 145 ALA A N     1 ? 
ATOM   1144 C  CA    . ALA A 1 145 ? -11.793 0.039   -5.099  1.000 9.355  0 145 ALA A CA    1 ? 
ATOM   1145 C  C     . ALA A 1 145 ? -12.879 -0.562  -5.972  1.000 10.076 0 145 ALA A C     1 ? 
ATOM   1146 O  O     . ALA A 1 145 ? -13.094 -0.035  -7.073  1.000 11.058 0 145 ALA A O     1 ? 
ATOM   1147 C  CB    . ALA A 1 145 ? -10.505 -0.710  -5.196  1.000 9.069  0 145 ALA A CB    1 ? 
ATOM   1148 N  N     . LEU A 1 146 ? -13.556 -1.608  -5.525  1.000 10.592 0 146 LEU A N     1 ? 
ATOM   1149 C  CA    . LEU A 1 146 ? -14.587 -2.279  -6.346  1.000 12.308 0 146 LEU A CA    1 ? 
ATOM   1150 C  C     . LEU A 1 146 ? -15.738 -1.301  -6.589  1.000 12.628 0 146 LEU A C     1 ? 
ATOM   1151 O  O     . LEU A 1 146 ? -16.176 -1.168  -7.769  1.000 14.040 0 146 LEU A O     1 ? 
ATOM   1152 C  CB    . LEU A 1 146 ? -15.067 -3.537  -5.623  1.000 15.112 0 146 LEU A CB    1 ? 
ATOM   1153 C  CG    . LEU A 1 146 ? -16.092 -4.377  -6.383  1.000 17.982 0 146 LEU A CG    1 ? 
ATOM   1154 C  CD1   . LEU A 1 146 ? -15.505 -4.891  -7.658  1.000 19.506 0 146 LEU A CD1   1 ? 
ATOM   1155 C  CD2   . LEU A 1 146 ? -16.580 -5.536  -5.522  1.000 17.315 0 146 LEU A CD2   1 ? 
ATOM   1156 N  N     . ARG A 1 147 ? -16.159 -0.591  -5.555  1.000 12.568 0 147 ARG A N     1 ? 
ATOM   1157 C  CA    . ARG A 1 147 ? -17.279 0.404   -5.605  1.000 15.026 0 147 ARG A CA    1 ? 
ATOM   1158 C  C     . ARG A 1 147 ? -16.945 1.451   -6.675  1.000 15.147 0 147 ARG A C     1 ? 
ATOM   1159 O  O     . ARG A 1 147 ? -17.828 1.767   -7.505  1.000 16.466 0 147 ARG A O     1 ? 
ATOM   1160 C  CB    . ARG A 1 147 ? -17.490 1.016   -4.219  1.000 19.955 0 147 ARG A CB    1 ? 
ATOM   1161 C  CG    . ARG A 1 147 ? -18.707 1.922   -4.075  1.000 27.413 0 147 ARG A CG    1 ? 
ATOM   1162 C  CD    . ARG A 1 147 ? -18.713 2.648   -2.724  1.000 34.424 0 147 ARG A CD    1 ? 
ATOM   1163 N  NE    . ARG A 1 147 ? -19.821 3.598   -2.598  1.000 44.644 0 147 ARG A NE    1 ? 
ATOM   1164 C  CZ    . ARG A 1 147 ? -19.892 4.583   -1.695  1.000 50.138 0 147 ARG A CZ    1 ? 
ATOM   1165 N  NH1   . ARG A 1 147 ? -18.913 4.771   -0.823  1.000 54.279 0 147 ARG A NH1   1 ? 
ATOM   1166 N  NH2   . ARG A 1 147 ? -20.945 5.382   -1.674  1.000 51.421 0 147 ARG A NH2   1 ? 
ATOM   1167 N  N     . ASP A 1 148 ? -15.704 1.872   -6.764  1.000 12.963 0 148 ASP A N     1 ? 
ATOM   1168 C  CA    . ASP A 1 148 ? -15.289 2.967   -7.684  1.000 12.496 0 148 ASP A CA    1 ? 
ATOM   1169 C  C     . ASP A 1 148 ? -14.932 2.426   -9.073  1.000 11.579 0 148 ASP A C     1 ? 
ATOM   1170 O  O     . ASP A 1 148 ? -14.724 3.262   -10.002 1.000 13.438 0 148 ASP A O     1 ? 
ATOM   1171 C  CB    . ASP A 1 148 ? -14.100 3.733   -7.116  1.000 14.644 0 148 ASP A CB    1 ? 
ATOM   1172 C  CG    . ASP A 1 148 ? -14.483 4.795   -6.133  1.000 19.208 0 148 ASP A CG    1 ? 
ATOM   1173 O  OD1   . ASP A 1 148 ? -15.586 5.348   -6.291  1.000 24.703 0 148 ASP A OD1   1 ? 
ATOM   1174 O  OD2   . ASP A 1 148 ? -13.636 5.143   -5.273  1.000 18.093 0 148 ASP A OD2   1 ? 
ATOM   1175 N  N     . GLY A 1 149 ? -14.780 1.130   -9.253  1.000 10.079 0 149 GLY A N     1 ? 
ATOM   1176 C  CA    . GLY A 1 149 ? -14.439 0.561   -10.547 1.000 10.547 0 149 GLY A CA    1 ? 
ATOM   1177 C  C     . GLY A 1 149 ? -12.936 0.395   -10.765 1.000 10.565 0 149 GLY A C     1 ? 
ATOM   1178 O  O     . GLY A 1 149 ? -12.533 0.282   -11.908 1.000 12.530 0 149 GLY A O     1 ? 
ATOM   1179 N  N     . TYR A 1 150 ? -12.114 0.371   -9.723  1.000 10.201 0 150 TYR A N     1 ? 
ATOM   1180 C  CA    . TYR A 1 150 ? -10.636 0.316   -9.878  1.000 10.526 0 150 TYR A CA    1 ? 
ATOM   1181 C  C     . TYR A 1 150 ? -10.079 -1.053  -9.455  1.000 9.868  0 150 TYR A C     1 ? 
ATOM   1182 O  O     . TYR A 1 150 ? -8.845  -1.185  -9.330  1.000 9.261  0 150 TYR A O     1 ? 
ATOM   1183 C  CB    . TYR A 1 150 ? -9.942  1.435   -9.077  1.000 10.531 0 150 TYR A CB    1 ? 
ATOM   1184 C  CG    . TYR A 1 150 ? -10.508 2.824   -9.233  1.000 10.707 0 150 TYR A CG    1 ? 
ATOM   1185 C  CD1   . TYR A 1 150 ? -11.021 3.297   -10.429 1.000 12.143 0 150 TYR A CD1   1 ? 
ATOM   1186 C  CD2   . TYR A 1 150 ? -10.528 3.683   -8.158  1.000 12.302 0 150 TYR A CD2   1 ? 
ATOM   1187 C  CE1   . TYR A 1 150 ? -11.577 4.575   -10.524 1.000 11.853 0 150 TYR A CE1   1 ? 
ATOM   1188 C  CE2   . TYR A 1 150 ? -11.082 4.941   -8.231  1.000 14.469 0 150 TYR A CE2   1 ? 
ATOM   1189 C  CZ    . TYR A 1 150 ? -11.617 5.382   -9.405  1.000 14.365 0 150 TYR A CZ    1 ? 
ATOM   1190 O  OH    . TYR A 1 150 ? -12.178 6.628   -9.400  1.000 16.408 0 150 TYR A OH    1 ? 
ATOM   1191 N  N     . ASN A 1 151 ? -10.924 -2.071  -9.308  1.000 11.475 0 151 ASN A N     1 ? 
ATOM   1192 C  CA    . ASN A 1 151 ? -10.504 -3.414  -8.835  1.000 13.310 0 151 ASN A CA    1 ? 
ATOM   1193 C  C     . ASN A 1 151 ? -9.346  -3.921  -9.698  1.000 13.143 0 151 ASN A C     1 ? 
ATOM   1194 O  O     . ASN A 1 151 ? -8.386  -4.503  -9.149  1.000 13.539 0 151 ASN A O     1 ? 
ATOM   1195 C  CB    . ASN A 1 151 ? -11.679 -4.397  -8.835  1.000 14.721 0 151 ASN A CB    1 ? 
ATOM   1196 C  CG    . ASN A 1 151 ? -11.303 -5.856  -8.583  1.000 19.940 0 151 ASN A CG    1 ? 
ATOM   1197 O  OD1   . ASN A 1 151 ? -10.283 -6.184  -7.951  1.000 19.875 0 151 ASN A OD1   1 ? 
ATOM   1198 N  ND2   . ASN A 1 151 ? -12.179 -6.758  -9.011  1.000 23.795 0 151 ASN A ND2   1 ? 
ATOM   1199 N  N     . ASN A 1 152 ? -9.403  -3.716  -11.006 1.000 12.605 0 152 ASN A N     1 ? 
ATOM   1200 C  CA    . ASN A 1 152 ? -8.438  -4.345  -11.926 1.000 15.205 0 152 ASN A CA    1 ? 
ATOM   1201 C  C     . ASN A 1 152 ? -7.146  -3.520  -11.975 1.000 13.278 0 152 ASN A C     1 ? 
ATOM   1202 O  O     . ASN A 1 152 ? -6.177  -4.000  -12.557 1.000 14.348 0 152 ASN A O     1 ? 
ATOM   1203 C  CB    . ASN A 1 152 ? -9.047  -4.549  -13.309 1.000 18.255 0 152 ASN A CB    1 ? 
ATOM   1204 C  CG    . ASN A 1 152 ? -10.151 -5.586  -13.284 1.000 24.336 0 152 ASN A CG    1 ? 
ATOM   1205 O  OD1   . ASN A 1 152 ? -10.059 -6.585  -12.571 1.000 28.107 0 152 ASN A OD1   1 ? 
ATOM   1206 N  ND2   . ASN A 1 152 ? -11.208 -5.349  -14.040 1.000 29.672 0 152 ASN A ND2   1 ? 
ATOM   1207 N  N     . LEU A 1 153 ? -7.092  -2.368  -11.308 1.000 10.446 0 153 LEU A N     1 ? 
ATOM   1208 C  CA    . LEU A 1 153 ? -5.846  -1.571  -11.243 1.000 10.765 0 153 LEU A CA    1 ? 
ATOM   1209 C  C     . LEU A 1 153 ? -5.014  -1.971  -10.029 1.000 10.597 0 153 LEU A C     1 ? 
ATOM   1210 O  O     . LEU A 1 153 ? -3.893  -1.469  -9.938  1.000 10.310 0 153 LEU A O     1 ? 
ATOM   1211 C  CB    . LEU A 1 153 ? -6.177  -0.075  -11.197 1.000 10.605 0 153 LEU A CB    1 ? 
ATOM   1212 C  CG    . LEU A 1 153 ? -6.730  0.518   -12.481 1.000 10.854 0 153 LEU A CG    1 ? 
ATOM   1213 C  CD1   . LEU A 1 153 ? -7.096  1.973   -12.269 1.000 11.785 0 153 LEU A CD1   1 ? 
ATOM   1214 C  CD2   . LEU A 1 153 ? -5.727  0.401   -13.627 1.000 12.792 0 153 LEU A CD2   1 ? 
ATOM   1215 N  N     . ILE A 1 154 ? -5.585  -2.656  -9.049  1.000 9.873  0 154 ILE A N     1 ? 
ATOM   1216 C  CA    . ILE A 1 154 ? -4.983  -2.832  -7.695  1.000 10.076 0 154 ILE A CA    1 ? 
ATOM   1217 C  C     . ILE A 1 154 ? -4.929  -4.318  -7.359  1.000 10.560 0 154 ILE A C     1 ? 
ATOM   1218 O  O     . ILE A 1 154 ? -5.917  -5.022  -7.592  1.000 10.537 0 154 ILE A O     1 ? 
ATOM   1219 C  CB    . ILE A 1 154 ? -5.790  -2.096  -6.640  1.000 11.148 0 154 ILE A CB    1 ? 
ATOM   1220 C  CG1   . ILE A 1 154 ? -5.942  -0.608  -6.940  1.000 11.070 0 154 ILE A CG1   1 ? 
ATOM   1221 C  CG2   . ILE A 1 154 ? -5.229  -2.351  -5.254  1.000 12.938 0 154 ILE A CG2   1 ? 
ATOM   1222 C  CD1   . ILE A 1 154 ? -7.225  -0.074  -6.350  1.000 12.370 0 154 ILE A CD1   1 ? 
ATOM   1223 N  N     . THR A 1 155 ? -3.805  -4.791  -6.837  1.000 9.939  0 155 THR A N     1 ? 
ATOM   1224 C  CA    . THR A 1 155 ? -3.711  -6.103  -6.175  1.000 11.518 0 155 THR A CA    1 ? 
ATOM   1225 C  C     . THR A 1 155 ? -3.022  -5.896  -4.828  1.000 10.744 0 155 THR A C     1 ? 
ATOM   1226 O  O     . THR A 1 155 ? -2.122  -5.043  -4.713  1.000 10.643 0 155 THR A O     1 ? 
ATOM   1227 C  CB    . THR A 1 155 ? -3.016  -7.112  -7.079  1.000 14.050 0 155 THR A CB    1 ? 
ATOM   1228 O  OG1   . THR A 1 155 ? -3.281  -8.409  -6.529  1.000 16.490 0 155 THR A OG1   1 ? 
ATOM   1229 C  CG2   . THR A 1 155 ? -1.547  -6.882  -7.184  1.000 14.672 0 155 THR A CG2   1 ? 
ATOM   1230 N  N     . VAL A 1 156 ? -3.424  -6.652  -3.836  1.000 11.227 0 156 VAL A N     1 ? 
ATOM   1231 C  CA    . VAL A 1 156 ? -2.898  -6.527  -2.456  1.000 12.521 0 156 VAL A CA    1 ? 
ATOM   1232 C  C     . VAL A 1 156 ? -2.245  -7.837  -2.097  1.000 16.117 0 156 VAL A C     1 ? 
ATOM   1233 O  O     . VAL A 1 156 ? -2.951  -8.876  -2.089  1.000 20.425 0 156 VAL A O     1 ? 
ATOM   1234 C  CB    . VAL A 1 156 ? -4.012  -6.164  -1.467  1.000 14.069 0 156 VAL A CB    1 ? 
ATOM   1235 C  CG1   . VAL A 1 156 ? -3.438  -5.925  -0.076  1.000 16.307 0 156 VAL A CG1   1 ? 
ATOM   1236 C  CG2   . VAL A 1 156 ? -4.837  -4.991  -1.932  1.000 14.250 0 156 VAL A CG2   1 ? 
ATOM   1237 N  N     . ILE A 1 157 ? -0.949  -7.805  -1.864  1.000 12.756 0 157 ILE A N     1 ? 
ATOM   1238 C  CA    . ILE A 1 157 ? -0.136  -9.040  -1.715  1.000 13.931 0 157 ILE A CA    1 ? 
ATOM   1239 C  C     . ILE A 1 157 ? 0.511   -9.036  -0.353  1.000 12.568 0 157 ILE A C     1 ? 
ATOM   1240 O  O     . ILE A 1 157 ? 1.244   -8.081  -0.022  1.000 12.510 0 157 ILE A O     1 ? 
ATOM   1241 C  CB    . ILE A 1 157 ? 0.878   -9.175  -2.840  1.000 16.381 0 157 ILE A CB    1 ? 
ATOM   1242 C  CG1   . ILE A 1 157 ? 0.192   -9.147  -4.206  1.000 21.351 0 157 ILE A CG1   1 ? 
ATOM   1243 C  CG2   . ILE A 1 157 ? 1.696   -10.452 -2.663  1.000 17.863 0 157 ILE A CG2   1 ? 
ATOM   1244 C  CD1   . ILE A 1 157 ? 1.064   -8.674  -5.306  1.000 24.999 0 157 ILE A CD1   1 ? 
ATOM   1245 N  N     . ASN A 1 158 ? 0.324   -10.122 0.376   1.000 14.130 0 158 ASN A N     1 ? 
ATOM   1246 C  CA    . ASN A 1 158 ? 1.053   -10.366 1.636   1.000 15.585 0 158 ASN A CA    1 ? 
ATOM   1247 C  C     . ASN A 1 158 ? 2.466   -10.841 1.303   1.000 14.765 0 158 ASN A C     1 ? 
ATOM   1248 O  O     . ASN A 1 158 ? 2.592   -11.799 0.518   1.000 15.888 0 158 ASN A O     1 ? 
ATOM   1249 C  CB    . ASN A 1 158 ? 0.260   -11.345 2.492   1.000 16.648 0 158 ASN A CB    1 ? 
ATOM   1250 C  CG    . ASN A 1 158 ? -1.086  -10.805 2.937   1.000 23.940 0 158 ASN A CG    1 ? 
ATOM   1251 O  OD1   . ASN A 1 158 ? -2.118  -11.093 2.329   1.000 32.213 0 158 ASN A OD1   1 ? 
ATOM   1252 N  ND2   . ASN A 1 158 ? -1.110  -10.073 4.043   1.000 30.978 0 158 ASN A ND2   1 ? 
ATOM   1253 N  N     . GLU A 1 159 ? 3.474   -10.225 1.897   1.000 14.721 0 159 GLU A N     1 ? 
ATOM   1254 C  CA    . GLU A 1 159 ? 4.909   -10.557 1.740   1.000 16.046 0 159 GLU A CA    1 ? 
ATOM   1255 C  C     . GLU A 1 159 ? 5.146   -12.067 1.864   1.000 16.759 0 159 GLU A C     1 ? 
ATOM   1256 O  O     . GLU A 1 159 ? 5.954   -12.601 1.066   1.000 18.705 0 159 GLU A O     1 ? 
ATOM   1257 C  CB    . GLU A 1 159 ? 5.716   -9.797  2.794   1.000 18.447 0 159 GLU A CB    1 ? 
ATOM   1258 C  CG    . GLU A 1 159 ? 7.185   -9.857  2.539   1.000 20.766 0 159 GLU A CG    1 ? 
ATOM   1259 C  CD    . GLU A 1 159 ? 8.049   -9.138  3.545   1.000 23.994 0 159 GLU A CD    1 ? 
ATOM   1260 O  OE1   . GLU A 1 159 ? 7.507   -8.573  4.533   1.000 22.848 0 159 GLU A OE1   1 ? 
ATOM   1261 O  OE2   . GLU A 1 159 ? 9.268   -9.223  3.383   1.000 28.158 0 159 GLU A OE2   1 ? 
ATOM   1262 N  N     . LYS A 1 160 ? 4.480   -12.725 2.800   1.000 15.986 0 160 LYS A N     1 ? 
ATOM   1263 C  CA    . LYS A 1 160 ? 4.630   -14.189 3.061   1.000 20.143 0 160 LYS A CA    1 ? 
ATOM   1264 C  C     . LYS A 1 160 ? 4.291   -14.980 1.791   1.000 18.498 0 160 LYS A C     1 ? 
ATOM   1265 O  O     . LYS A 1 160 ? 4.893   -16.028 1.576   1.000 20.138 0 160 LYS A O     1 ? 
ATOM   1266 C  CB    . LYS A 1 160 ? 3.726   -14.613 4.213   1.000 23.947 0 160 LYS A CB    1 ? 
ATOM   1267 C  CG    . LYS A 1 160 ? 3.920   -16.049 4.689   1.000 32.382 0 160 LYS A CG    1 ? 
ATOM   1268 C  CD    . LYS A 1 160 ? 2.651   -16.704 5.225   1.000 37.280 0 160 LYS A CD    1 ? 
ATOM   1269 C  CE    . LYS A 1 160 ? 2.660   -18.216 5.084   1.000 40.198 0 160 LYS A CE    1 ? 
ATOM   1270 N  NZ    . LYS A 1 160 ? 1.456   -18.830 5.697   1.000 44.762 0 160 LYS A NZ    1 ? 
ATOM   1271 N  N     . ASP A 1 161 ? 3.428   -14.450 0.937   1.000 17.036 0 161 ASP A N     1 ? 
ATOM   1272 C  CA    . ASP A 1 161 ? 2.889   -15.186 -0.235  1.000 16.450 0 161 ASP A CA    1 ? 
ATOM   1273 C  C     . ASP A 1 161 ? 3.699   -14.928 -1.517  1.000 17.837 0 161 ASP A C     1 ? 
ATOM   1274 O  O     . ASP A 1 161 ? 3.312   -15.515 -2.582  1.000 21.384 0 161 ASP A O     1 ? 
ATOM   1275 C  CB    . ASP A 1 161 ? 1.426   -14.806 -0.451  1.000 16.017 0 161 ASP A CB    1 ? 
ATOM   1276 C  CG    . ASP A 1 161 ? 0.520   -15.264 0.663   1.000 17.801 0 161 ASP A CG    1 ? 
ATOM   1277 O  OD1   . ASP A 1 161 ? 0.875   -16.257 1.344   1.000 18.139 0 161 ASP A OD1   1 ? 
ATOM   1278 O  OD2   . ASP A 1 161 ? -0.539  -14.595 0.893   1.000 16.888 0 161 ASP A OD2   1 ? 
ATOM   1279 N  N     . ILE A 1 162 ? 4.759   -14.109 -1.457  1.000 19.084 0 162 ILE A N     1 ? 
ATOM   1280 C  CA    . ILE A 1 162 ? 5.654   -13.796 -2.612  1.000 20.548 0 162 ILE A CA    1 ? 
ATOM   1281 C  C     . ILE A 1 162 ? 6.783   -14.843 -2.660  1.000 25.294 0 162 ILE A C     1 ? 
ATOM   1282 O  O     . ILE A 1 162 ? 7.448   -15.102 -1.630  1.000 25.302 0 162 ILE A O     1 ? 
ATOM   1283 C  CB    . ILE A 1 162 ? 6.207   -12.358 -2.526  1.000 23.013 0 162 ILE A CB    1 ? 
ATOM   1284 C  CG1   . ILE A 1 162 ? 5.093   -11.345 -2.286  1.000 23.588 0 162 ILE A CG1   1 ? 
ATOM   1285 C  CG2   . ILE A 1 162 ? 7.015   -12.009 -3.780  1.000 24.331 0 162 ILE A CG2   1 ? 
ATOM   1286 C  CD1   . ILE A 1 162 ? 5.561   -9.920  -2.205  1.000 23.694 0 162 ILE A CD1   1 ? 
HETATM 1287 P  P1    . C2E B 2 .   ? -3.479  10.906  4.680   0.500 8.288  0 201 C2E A P1    1 ? 
HETATM 1288 O  O2P   . C2E B 2 .   ? -3.240  12.111  3.816   0.500 8.939  0 201 C2E A O2P   1 ? 
HETATM 1289 O  O1P   . C2E B 2 .   ? -4.851  10.356  4.937   0.500 8.397  0 201 C2E A O1P   1 ? 
HETATM 1290 O  "O5'" . C2E B 2 .   ? -2.545  9.752   4.082   0.500 8.132  0 201 C2E A "O5'" 1 ? 
HETATM 1291 C  "C5'" . C2E B 2 .   ? -2.936  8.398   4.385   0.500 8.574  0 201 C2E A "C5'" 1 ? 
HETATM 1292 C  "C4'" . C2E B 2 .   ? -1.874  7.437   3.917   0.500 8.662  0 201 C2E A "C4'" 1 ? 
HETATM 1293 O  "O4'" . C2E B 2 .   ? -1.780  7.458   2.464   0.500 8.907  0 201 C2E A "O4'" 1 ? 
HETATM 1294 C  "C3'" . C2E B 2 .   ? -0.465  7.735   4.388   0.500 8.912  0 201 C2E A "C3'" 1 ? 
HETATM 1295 O  "O3'" . C2E B 2 .   ? -0.288  7.294   5.717   0.500 8.893  0 201 C2E A "O3'" 1 ? 
HETATM 1296 C  "C2'" . C2E B 2 .   ? 0.346   6.940   3.361   0.500 9.692  0 201 C2E A "C2'" 1 ? 
HETATM 1297 O  "O2'" . C2E B 2 .   ? 0.347   5.554   3.605   0.500 10.218 0 201 C2E A "O2'" 1 ? 
HETATM 1298 C  "C1'" . C2E B 2 .   ? -0.448  7.223   2.084   0.500 9.733  0 201 C2E A "C1'" 1 ? 
HETATM 1299 N  N9    . C2E B 2 .   ? 0.025   8.376   1.343   0.500 10.844 0 201 C2E A N9    1 ? 
HETATM 1300 C  C8    . C2E B 2 .   ? -0.439  9.659   1.387   0.500 12.342 0 201 C2E A C8    1 ? 
HETATM 1301 N  N7    . C2E B 2 .   ? 0.213   10.468  0.581   0.500 13.949 0 201 C2E A N7    1 ? 
HETATM 1302 C  C5    . C2E B 2 .   ? 1.132   9.641   -0.055  0.500 14.951 0 201 C2E A C5    1 ? 
HETATM 1303 C  C6    . C2E B 2 .   ? 2.085   9.928   -1.067  0.500 17.520 0 201 C2E A C6    1 ? 
HETATM 1304 O  O6    . C2E B 2 .   ? 2.338   11.019  -1.578  0.500 20.453 0 201 C2E A O6    1 ? 
HETATM 1305 N  N1    . C2E B 2 .   ? 2.786   8.782   -1.451  0.500 16.938 0 201 C2E A N1    1 ? 
HETATM 1306 C  C2    . C2E B 2 .   ? 2.597   7.524   -0.938  0.500 17.078 0 201 C2E A C2    1 ? 
HETATM 1307 N  N2    . C2E B 2 .   ? 3.361   6.534   -1.425  0.500 18.535 0 201 C2E A N2    1 ? 
HETATM 1308 N  N3    . C2E B 2 .   ? 1.710   7.260   0.006   0.500 15.697 0 201 C2E A N3    1 ? 
HETATM 1309 C  C4    . C2E B 2 .   ? 1.023   8.357   0.395   0.500 13.766 0 201 C2E A C4    1 ? 
HETATM 1310 P  P11   . C2E B 2 .   ? 0.866   7.969   6.614   0.500 8.522  0 201 C2E A P11   1 ? 
HETATM 1311 O  O21   . C2E B 2 .   ? 2.139   8.092   5.821   0.500 8.897  0 201 C2E A O21   1 ? 
HETATM 1312 O  O11   . C2E B 2 .   ? 0.810   7.235   7.920   0.500 8.855  0 201 C2E A O11   1 ? 
HETATM 1313 O  O5A   . C2E B 2 .   ? 0.378   9.484   6.784   0.500 7.972  0 201 C2E A O5A   1 ? 
HETATM 1314 C  C5A   . C2E B 2 .   ? -0.590  9.771   7.807   0.500 8.003  0 201 C2E A C5A   1 ? 
HETATM 1315 C  C4A   . C2E B 2 .   ? -1.054  11.201  7.685   0.500 7.822  0 201 C2E A C4A   1 ? 
HETATM 1316 O  O4A   . C2E B 2 .   ? 0.053   12.117  7.921   0.500 7.669  0 201 C2E A O4A   1 ? 
HETATM 1317 C  C3A   . C2E B 2 .   ? -1.579  11.606  6.324   0.500 7.981  0 201 C2E A C3A   1 ? 
HETATM 1318 O  O3A   . C2E B 2 .   ? -2.899  11.156  6.159   0.500 8.349  0 201 C2E A O3A   1 ? 
HETATM 1319 C  C2A   . C2E B 2 .   ? -1.472  13.130  6.419   0.500 8.342  0 201 C2E A C2A   1 ? 
HETATM 1320 O  O2A   . C2E B 2 .   ? -2.487  13.718  7.193   0.500 8.930  0 201 C2E A O2A   1 ? 
HETATM 1321 C  C1A   . C2E B 2 .   ? -0.146  13.283  7.163   0.500 7.989  0 201 C2E A C1A   1 ? 
HETATM 1322 N  N91   . C2E B 2 .   ? 0.994   13.464  6.291   0.500 8.144  0 201 C2E A N91   1 ? 
HETATM 1323 C  C81   . C2E B 2 .   ? 1.844   12.522  5.802   0.500 8.853  0 201 C2E A C81   1 ? 
HETATM 1324 N  N71   . C2E B 2 .   ? 2.793   13.034  5.048   0.500 9.503  0 201 C2E A N71   1 ? 
HETATM 1325 C  C51   . C2E B 2 .   ? 2.555   14.404  5.089   0.500 10.035 0 201 C2E A C51   1 ? 
HETATM 1326 C  C61   . C2E B 2 .   ? 3.278   15.491  4.520   0.500 10.547 0 201 C2E A C61   1 ? 
HETATM 1327 O  O61   . C2E B 2 .   ? 4.265   15.448  3.794   0.500 12.262 0 201 C2E A O61   1 ? 
HETATM 1328 N  N11   . C2E B 2 .   ? 2.710   16.718  4.844   0.500 10.296 0 201 C2E A N11   1 ? 
HETATM 1329 C  C21   . C2E B 2 .   ? 1.602   16.899  5.624   0.500 10.145 0 201 C2E A C21   1 ? 
HETATM 1330 N  N21   . C2E B 2 .   ? 1.188   18.156  5.837   0.500 10.975 0 201 C2E A N21   1 ? 
HETATM 1331 N  N31   . C2E B 2 .   ? 0.941   15.891  6.163   0.500 10.017 0 201 C2E A N31   1 ? 
HETATM 1332 C  C41   . C2E B 2 .   ? 1.465   14.684  5.846   0.500 9.473  0 201 C2E A C41   1 ? 
HETATM 1333 CA CA    . CA  C 3 .   ? -7.969  -6.042  -7.338  1.000 12.053 0 202 CA  A CA    1 ? 
HETATM 1334 O  O     . HOH D 4 .   ? 5.811   -18.753 15.775  1.000 33.576 0 301 HOH A O     1 ? 
HETATM 1335 O  O     . HOH D 4 .   ? -3.551  -10.311 0.537   1.000 24.365 0 302 HOH A O     1 ? 
HETATM 1336 O  O     . HOH D 4 .   ? 19.475  0.447   3.314   1.000 27.897 0 303 HOH A O     1 ? 
HETATM 1337 O  O     . HOH D 4 .   ? 15.097  4.449   6.112   1.000 20.086 0 304 HOH A O     1 ? 
HETATM 1338 O  O     . HOH D 4 .   ? -8.184  -2.940  -3.804  1.000 25.149 0 305 HOH A O     1 ? 
HETATM 1339 O  O     . HOH D 4 .   ? 4.198   -17.522 -3.845  1.000 18.725 0 306 HOH A O     1 ? 
HETATM 1340 O  O     . HOH D 4 .   ? -11.132 13.384  -6.441  1.000 33.100 0 307 HOH A O     1 ? 
HETATM 1341 O  O     . HOH D 4 .   ? 4.782   -8.028  13.543  1.000 24.698 0 308 HOH A O     1 ? 
HETATM 1342 O  O     . HOH D 4 .   ? 3.060   9.762   4.067   1.000 33.975 0 309 HOH A O     1 ? 
HETATM 1343 O  O     . HOH D 4 .   ? 5.579   3.863   -2.826  1.000 17.331 0 310 HOH A O     1 ? 
HETATM 1344 O  O     . HOH D 4 .   ? 7.108   7.883   8.050   1.000 19.685 0 311 HOH A O     1 ? 
HETATM 1345 O  O     . HOH D 4 .   ? 11.079  4.029   -19.562 1.000 15.503 0 312 HOH A O     1 ? 
HETATM 1346 O  O     . HOH D 4 .   ? -18.052 -1.917  -9.427  1.000 26.647 0 313 HOH A O     1 ? 
HETATM 1347 O  O     . HOH D 4 .   ? -3.279  13.221  -11.831 1.000 29.432 0 314 HOH A O     1 ? 
HETATM 1348 O  O     . HOH D 4 .   ? -9.178  -13.144 9.973   1.000 26.992 0 315 HOH A O     1 ? 
HETATM 1349 O  O     . HOH D 4 .   ? 1.164   -7.336  -15.689 1.000 37.772 0 316 HOH A O     1 ? 
HETATM 1350 O  O     . HOH D 4 .   ? -12.933 -3.945  7.055   1.000 30.389 0 317 HOH A O     1 ? 
HETATM 1351 O  O     . HOH D 4 .   ? 12.278  -8.863  -20.849 1.000 15.626 0 318 HOH A O     1 ? 
HETATM 1352 O  O     . HOH D 4 .   ? 5.523   -6.828  -16.880 1.000 19.315 0 319 HOH A O     1 ? 
HETATM 1353 O  O     . HOH D 4 .   ? -5.957  21.019  -1.496  1.000 19.033 0 320 HOH A O     1 ? 
HETATM 1354 O  O     . HOH D 4 .   ? 12.604  -6.262  -8.930  1.000 32.522 0 321 HOH A O     1 ? 
HETATM 1355 O  O     . HOH D 4 .   ? -0.175  -5.378  -11.238 1.000 21.307 0 322 HOH A O     1 ? 
HETATM 1356 O  O     . HOH D 4 .   ? 16.285  1.535   -0.355  1.000 30.069 0 323 HOH A O     1 ? 
HETATM 1357 O  O     . HOH D 4 .   ? -14.971 3.674   -12.639 1.000 12.563 0 324 HOH A O     1 ? 
HETATM 1358 O  O     . HOH D 4 .   ? -1.531  16.349  7.115   1.000 14.563 0 325 HOH A O     1 ? 
HETATM 1359 O  O     . HOH D 4 .   ? -8.012  12.083  -3.109  1.000 30.110 0 326 HOH A O     1 ? 
HETATM 1360 O  O     . HOH D 4 .   ? -9.695  12.687  -0.073  1.000 26.776 0 327 HOH A O     1 ? 
HETATM 1361 O  O     . HOH D 4 .   ? 3.774   14.711  -1.198  1.000 19.148 0 328 HOH A O     1 ? 
HETATM 1362 O  O     . HOH D 4 .   ? 8.067   -8.748  7.169   1.000 33.492 0 329 HOH A O     1 ? 
HETATM 1363 O  O     . HOH D 4 .   ? 3.782   -4.956  -22.733 1.000 16.681 0 330 HOH A O     1 ? 
HETATM 1364 O  O     . HOH D 4 .   ? 10.990  11.704  -13.521 1.000 32.774 0 331 HOH A O     1 ? 
HETATM 1365 O  O     . HOH D 4 .   ? 10.642  2.842   -12.467 1.000 25.067 0 332 HOH A O     1 ? 
HETATM 1366 O  O     . HOH D 4 .   ? 9.010   7.034   -2.315  1.000 21.985 0 333 HOH A O     1 ? 
HETATM 1367 O  O     . HOH D 4 .   ? 14.266  10.043  -23.654 1.000 18.691 0 334 HOH A O     1 ? 
HETATM 1368 O  O     . HOH D 4 .   ? -8.137  15.142  -11.992 1.000 28.979 0 335 HOH A O     1 ? 
HETATM 1369 O  O     . HOH D 4 .   ? -1.049  -5.041  -16.253 1.000 37.225 0 336 HOH A O     1 ? 
HETATM 1370 O  O     . HOH D 4 .   ? -11.635 -4.562  -5.540  1.000 14.866 0 337 HOH A O     1 ? 
HETATM 1371 O  O     . HOH D 4 .   ? 2.254   0.612   -20.967 1.000 11.542 0 338 HOH A O     1 ? 
HETATM 1372 O  O     . HOH D 4 .   ? -8.380  17.059  -5.539  1.000 27.824 0 339 HOH A O     1 ? 
HETATM 1373 O  O     . HOH D 4 .   ? 10.815  -9.270  -17.578 1.000 30.345 0 340 HOH A O     1 ? 
HETATM 1374 O  O     . HOH D 4 .   ? -14.465 -2.348  10.507  1.000 29.662 0 341 HOH A O     1 ? 
HETATM 1375 O  O     . HOH D 4 .   ? 13.703  6.264   -17.745 1.000 25.191 0 342 HOH A O     1 ? 
HETATM 1376 O  O     . HOH D 4 .   ? 15.726  0.435   -5.339  1.000 24.105 0 343 HOH A O     1 ? 
HETATM 1377 O  O     . HOH D 4 .   ? 10.369  -11.049 21.544  1.000 33.334 0 344 HOH A O     1 ? 
HETATM 1378 O  O     . HOH D 4 .   ? 4.184   4.446   2.129   1.000 14.595 0 345 HOH A O     1 ? 
HETATM 1379 O  O     . HOH D 4 .   ? 1.051   13.937  0.754   1.000 19.355 0 346 HOH A O     1 ? 
HETATM 1380 O  O     . HOH D 4 .   ? 3.705   -9.197  -11.932 1.000 37.293 0 347 HOH A O     1 ? 
HETATM 1381 O  O     . HOH D 4 .   ? -10.935 13.392  -10.857 1.000 26.608 0 348 HOH A O     1 ? 
HETATM 1382 O  O     . HOH D 4 .   ? -7.149  -11.285 3.608   1.000 29.376 0 349 HOH A O     1 ? 
HETATM 1383 O  O     . HOH D 4 .   ? -10.831 -1.820  -12.656 1.000 23.901 0 350 HOH A O     1 ? 
HETATM 1384 O  O     . HOH D 4 .   ? 1.097   -2.719  -15.049 1.000 11.219 0 351 HOH A O     1 ? 
HETATM 1385 O  O     . HOH D 4 .   ? 2.697   -18.398 1.331   1.000 33.300 0 352 HOH A O     1 ? 
HETATM 1386 O  O     . HOH D 4 .   ? 5.966   -7.184  -9.865  1.000 28.194 0 353 HOH A O     1 ? 
HETATM 1387 O  O     . HOH D 4 .   ? -3.775  4.433   -18.544 1.000 14.158 0 354 HOH A O     1 ? 
HETATM 1388 O  O     . HOH D 4 .   ? -10.949 -8.513  -0.458  1.000 24.428 0 355 HOH A O     1 ? 
HETATM 1389 O  O     . HOH D 4 .   ? 2.494   -11.586 4.446   1.000 29.988 0 356 HOH A O     1 ? 
HETATM 1390 O  O     . HOH D 4 .   ? 13.133  0.755   -10.740 1.000 29.538 0 357 HOH A O     1 ? 
HETATM 1391 O  O     . HOH D 4 .   ? 11.734  -4.939  -19.242 1.000 20.462 0 358 HOH A O     1 ? 
HETATM 1392 O  O     . HOH D 4 .   ? 15.531  4.563   8.712   1.000 23.642 0 359 HOH A O     1 ? 
HETATM 1393 O  O     . HOH D 4 .   ? -3.791  -10.829 5.768   1.000 32.125 0 360 HOH A O     1 ? 
HETATM 1394 O  O     . HOH D 4 .   ? -9.172  -9.724  3.640   1.000 14.484 0 361 HOH A O     1 ? 
HETATM 1395 O  O     . HOH D 4 .   ? 9.942   -2.284  -20.994 1.000 23.581 0 362 HOH A O     1 ? 
HETATM 1396 O  O     . HOH D 4 .   ? 11.411  13.589  -17.554 1.000 21.102 0 363 HOH A O     1 ? 
HETATM 1397 O  O     . HOH D 4 .   ? -6.023  1.760   -21.228 1.000 31.825 0 364 HOH A O     1 ? 
HETATM 1398 O  O     . HOH D 4 .   ? 9.029   -0.553  -3.348  1.000 21.055 0 365 HOH A O     1 ? 
HETATM 1399 O  O     . HOH D 4 .   ? -2.413  -4.666  -9.800  1.000 14.525 0 366 HOH A O     1 ? 
HETATM 1400 O  O     . HOH D 4 .   ? 1.899   -14.012 -4.557  1.000 26.501 0 367 HOH A O     1 ? 
HETATM 1401 O  O     . HOH D 4 .   ? 6.688   1.547   -1.457  1.000 20.704 0 368 HOH A O     1 ? 
HETATM 1402 O  O     . HOH D 4 .   ? 8.038   11.668  -14.552 1.000 27.447 0 369 HOH A O     1 ? 
HETATM 1403 O  O     . HOH D 4 .   ? -1.651  22.913  -1.595  1.000 26.452 0 370 HOH A O     1 ? 
HETATM 1404 O  O     . HOH D 4 .   ? -0.880  17.074  -6.424  1.000 26.741 0 371 HOH A O     1 ? 
HETATM 1405 O  O     . HOH D 4 .   ? 9.785   4.859   10.716  1.000 26.207 0 372 HOH A O     1 ? 
HETATM 1406 O  O     . HOH D 4 .   ? -5.084  15.911  -12.143 1.000 25.766 0 373 HOH A O     1 ? 
HETATM 1407 O  O     . HOH D 4 .   ? -13.945 1.754   -13.984 1.000 26.074 0 374 HOH A O     1 ? 
HETATM 1408 O  O     . HOH D 4 .   ? 13.748  5.354   10.398  1.000 22.711 0 375 HOH A O     1 ? 
HETATM 1409 O  O     . HOH D 4 .   ? -8.541  -8.292  -6.834  1.000 23.627 0 376 HOH A O     1 ? 
HETATM 1410 O  O     . HOH D 4 .   ? 2.132   15.720  -12.706 1.000 25.010 0 377 HOH A O     1 ? 
HETATM 1411 O  O     . HOH D 4 .   ? 12.254  0.003   -13.095 1.000 23.061 0 378 HOH A O     1 ? 
HETATM 1412 O  O     . HOH D 4 .   ? -7.117  -7.251  -9.151  1.000 21.492 0 379 HOH A O     1 ? 
HETATM 1413 O  O     . HOH D 4 .   ? 14.379  6.520   -6.031  1.000 13.294 0 380 HOH A O     1 ? 
HETATM 1414 O  O     . HOH D 4 .   ? 5.387   7.156   -24.399 1.000 22.135 0 381 HOH A O     1 ? 
HETATM 1415 O  O     . HOH D 4 .   ? 8.618   9.628   9.050   1.000 24.253 0 382 HOH A O     1 ? 
HETATM 1416 O  O     . HOH D 4 .   ? 4.876   2.864   -23.544 1.000 31.869 0 383 HOH A O     1 ? 
HETATM 1417 O  O     . HOH D 4 .   ? 3.116   10.661  -14.406 1.000 7.562  0 384 HOH A O     1 ? 
HETATM 1418 O  O     . HOH D 4 .   ? -2.031  6.851   -23.065 1.000 35.199 0 385 HOH A O     1 ? 
HETATM 1419 O  O     . HOH D 4 .   ? 8.651   11.799  -11.665 1.000 20.471 0 386 HOH A O     1 ? 
HETATM 1420 O  O     . HOH D 4 .   ? 3.924   18.759  -2.807  1.000 15.140 0 387 HOH A O     1 ? 
HETATM 1421 O  O     . HOH D 4 .   ? 7.089   3.322   12.458  1.000 26.771 0 388 HOH A O     1 ? 
HETATM 1422 O  O     . HOH D 4 .   ? 0.908   20.193  3.232   1.000 12.999 0 389 HOH A O     1 ? 
HETATM 1423 O  O     . HOH D 4 .   ? -19.294 7.816   -2.460  1.000 40.556 0 390 HOH A O     1 ? 
HETATM 1424 O  O     . HOH D 4 .   ? 1.603   5.155   14.049  1.000 29.422 0 391 HOH A O     1 ? 
HETATM 1425 O  O     . HOH D 4 .   ? 5.350   10.333  -13.030 1.000 25.728 0 392 HOH A O     1 ? 
HETATM 1426 O  O     . HOH D 4 .   ? -13.743 -2.752  -10.288 1.000 21.286 0 393 HOH A O     1 ? 
HETATM 1427 O  O     . HOH D 4 .   ? -8.944  -4.315  -5.930  1.000 15.313 0 394 HOH A O     1 ? 
HETATM 1428 O  O     . HOH D 4 .   ? 5.502   15.344  -12.380 1.000 32.284 0 395 HOH A O     1 ? 
HETATM 1429 O  O     . HOH D 4 .   ? 1.932   -10.947 -8.437  1.000 48.009 0 396 HOH A O     1 ? 
HETATM 1430 O  O     . HOH D 4 .   ? -4.120  13.264  -13.954 1.000 29.696 0 397 HOH A O     1 ? 
HETATM 1431 O  O     . HOH D 4 .   ? -17.824 2.128   2.949   1.000 37.399 0 398 HOH A O     1 ? 
HETATM 1432 O  O     . HOH D 4 .   ? -4.849  -6.088  -10.529 1.000 28.780 0 399 HOH A O     1 ? 
HETATM 1433 O  O     . HOH D 4 .   ? 8.907   0.350   -0.534  1.000 23.989 0 400 HOH A O     1 ? 
HETATM 1434 O  O     . HOH D 4 .   ? 10.747  -8.916  -0.291  1.000 47.314 0 401 HOH A O     1 ? 
HETATM 1435 O  O     . HOH D 4 .   ? 17.974  -1.541  3.712   1.000 35.604 0 402 HOH A O     1 ? 
HETATM 1436 O  O     . HOH D 4 .   ? -15.299 -0.072  10.185  1.000 39.562 0 403 HOH A O     1 ? 
HETATM 1437 O  O     . HOH D 4 .   ? -5.575  4.385   -20.496 1.000 24.559 0 404 HOH A O     1 ? 
HETATM 1438 O  O     . HOH D 4 .   ? 13.323  -4.706  6.899   1.000 33.961 0 405 HOH A O     1 ? 
HETATM 1439 O  O     . HOH D 4 .   ? 4.144   -9.136  -20.320 1.000 31.968 0 406 HOH A O     1 ? 
HETATM 1440 O  O     . HOH D 4 .   ? 4.294   -9.899  -6.347  1.000 34.074 0 407 HOH A O     1 ? 
HETATM 1441 O  O     . HOH D 4 .   ? 10.038  9.278   -25.202 1.000 44.661 0 408 HOH A O     1 ? 
HETATM 1442 O  O     . HOH D 4 .   ? -12.185 -7.310  -5.028  1.000 34.040 0 409 HOH A O     1 ? 
HETATM 1443 O  O     . HOH D 4 .   ? -3.892  -0.123  -20.433 1.000 29.167 0 410 HOH A O     1 ? 
HETATM 1444 O  O     . HOH D 4 .   ? -4.250  -1.719  -17.812 1.000 33.471 0 411 HOH A O     1 ? 
HETATM 1445 O  O     . HOH D 4 .   ? 12.726  1.638   -19.086 1.000 36.344 0 412 HOH A O     1 ? 
HETATM 1446 O  O     . HOH D 4 .   ? -14.345 -6.641  -2.492  1.000 38.430 0 413 HOH A O     1 ? 
HETATM 1447 O  O     . HOH D 4 .   ? 3.273   -10.559 33.510  1.000 36.531 0 414 HOH A O     1 ? 
HETATM 1448 O  O     . HOH D 4 .   ? -3.539  -10.985 -9.614  1.000 36.166 0 415 HOH A O     1 ? 
HETATM 1449 O  O     . HOH D 4 .   ? -17.147 -2.416  12.281  1.000 37.002 0 416 HOH A O     1 ? 
HETATM 1450 O  O     . HOH D 4 .   ? 7.341   -2.841  -0.974  1.000 34.564 0 417 HOH A O     1 ? 
HETATM 1451 O  O     . HOH D 4 .   ? -9.734  -0.632  -14.905 1.000 28.777 0 418 HOH A O     1 ? 
HETATM 1452 O  O     . HOH D 4 .   ? 13.232  4.699   1.230   1.000 29.705 0 419 HOH A O     1 ? 
HETATM 1453 O  O     . HOH D 4 .   ? -16.426 -2.030  9.445   1.000 32.487 0 420 HOH A O     1 ? 
HETATM 1454 O  O     . HOH D 4 .   ? 19.096  -3.736  7.057   1.000 23.958 0 421 HOH A O     1 ? 
HETATM 1455 O  O     . HOH D 4 .   ? -5.750  0.540   -17.117 1.000 26.558 0 422 HOH A O     1 ? 
HETATM 1456 O  O     . HOH D 4 .   ? -7.639  -1.469  -16.330 1.000 30.952 0 423 HOH A O     1 ? 
HETATM 1457 O  O     . HOH D 4 .   ? 5.404   16.197  -14.606 0.500 26.600 0 424 HOH A O     1 ? 
# 
